data_3CYQ
#
_entry.id   3CYQ
#
_cell.length_a   101.781
_cell.length_b   110.058
_cell.length_c   113.664
_cell.angle_alpha   90.000
_cell.angle_beta   104.580
_cell.angle_gamma   90.000
#
_symmetry.space_group_name_H-M   'P 1 21 1'
#
loop_
_entity.id
_entity.type
_entity.pdbx_description
1 polymer 'Chemotaxis protein motB'
2 non-polymer 'N-acetyl-beta-muramic acid'
3 water water
#
_entity_poly.entity_id   1
_entity_poly.type   'polypeptide(L)'
_entity_poly.pdbx_seq_one_letter_code
;GIDPFTFENATSDAINQDMMLYIERIAKIIQKLPKRVHINVRGFTDDTPLVKTRFKSHYELAANRAYRVMKVLIQYGVNP
NQLSFSSYGSTNPIAPNDSLENRMKNNRVEIFFSTDANDLSKIHSILDNEFNPHKQQE
;
_entity_poly.pdbx_strand_id   B,C,D,E,F,G,H,I,A,J,K,L,M,N,O,P
#
# COMPACT_ATOMS: atom_id res chain seq x y z
N GLY A 1 43.54 -32.03 8.51
CA GLY A 1 42.84 -30.93 7.78
C GLY A 1 43.28 -29.64 8.41
N ILE A 2 42.79 -29.38 9.62
N ILE A 2 42.78 -29.40 9.62
CA ILE A 2 43.28 -28.26 10.44
CA ILE A 2 43.20 -28.29 10.47
C ILE A 2 43.43 -28.78 11.88
C ILE A 2 43.44 -28.85 11.88
N ASP A 3 44.58 -28.50 12.47
CA ASP A 3 44.92 -29.02 13.80
C ASP A 3 44.26 -28.26 14.92
N PRO A 4 43.83 -28.97 15.97
CA PRO A 4 43.43 -28.20 17.17
C PRO A 4 44.69 -27.65 17.85
N PHE A 5 44.50 -26.77 18.83
CA PHE A 5 45.62 -26.28 19.62
C PHE A 5 45.98 -27.31 20.70
N THR A 6 47.07 -28.01 20.49
CA THR A 6 47.55 -29.00 21.46
C THR A 6 48.51 -28.44 22.50
N PHE A 7 48.25 -28.78 23.75
CA PHE A 7 48.97 -28.26 24.90
C PHE A 7 50.17 -29.12 25.28
N GLU A 8 51.19 -28.43 25.78
CA GLU A 8 52.55 -29.00 25.90
C GLU A 8 52.48 -30.26 26.75
N ASN A 9 52.00 -30.08 27.97
CA ASN A 9 51.79 -31.19 28.87
C ASN A 9 50.38 -31.17 29.41
N ALA A 10 50.07 -32.23 30.15
CA ALA A 10 48.73 -32.58 30.55
C ALA A 10 48.08 -31.66 31.59
N THR A 11 48.90 -30.97 32.34
CA THR A 11 48.39 -30.20 33.42
C THR A 11 48.45 -28.72 33.07
N SER A 12 49.03 -28.38 31.92
CA SER A 12 49.36 -27.01 31.54
C SER A 12 48.26 -26.29 30.76
N ASP A 13 48.06 -25.01 31.02
CA ASP A 13 47.24 -24.16 30.15
C ASP A 13 48.08 -23.07 29.50
N ALA A 14 49.41 -23.26 29.45
CA ALA A 14 50.34 -22.28 28.93
C ALA A 14 50.29 -22.30 27.40
N ILE A 15 50.41 -21.10 26.83
CA ILE A 15 50.39 -20.88 25.39
C ILE A 15 51.81 -20.43 25.07
N ASN A 16 52.53 -21.30 24.38
CA ASN A 16 53.89 -21.07 23.94
C ASN A 16 53.93 -20.24 22.65
N GLN A 17 55.14 -19.88 22.21
CA GLN A 17 55.33 -19.07 20.99
C GLN A 17 54.77 -19.68 19.71
N ASP A 18 54.95 -20.98 19.54
CA ASP A 18 54.36 -21.74 18.42
C ASP A 18 52.88 -21.69 18.38
N MET A 19 52.25 -21.91 19.52
CA MET A 19 50.82 -21.84 19.58
C MET A 19 50.33 -20.40 19.36
N MET A 20 51.05 -19.42 19.91
CA MET A 20 50.71 -18.02 19.64
C MET A 20 50.62 -17.76 18.13
N LEU A 21 51.59 -18.30 17.39
CA LEU A 21 51.69 -18.14 15.94
C LEU A 21 50.50 -18.78 15.24
N TYR A 22 50.14 -19.98 15.71
CA TYR A 22 48.99 -20.67 15.16
C TYR A 22 47.67 -19.92 15.49
N ILE A 23 47.50 -19.46 16.71
CA ILE A 23 46.31 -18.66 17.07
C ILE A 23 46.16 -17.39 16.20
N GLU A 24 47.29 -16.83 15.77
CA GLU A 24 47.35 -15.63 14.93
C GLU A 24 46.79 -15.90 13.52
N ARG A 25 47.18 -17.02 12.94
CA ARG A 25 46.62 -17.48 11.68
C ARG A 25 45.11 -17.64 11.76
N ILE A 26 44.63 -18.25 12.83
CA ILE A 26 43.19 -18.47 13.08
C ILE A 26 42.46 -17.13 13.31
N ALA A 27 43.06 -16.23 14.10
CA ALA A 27 42.55 -14.85 14.24
C ALA A 27 42.42 -14.15 12.89
N LYS A 28 43.47 -14.30 12.06
CA LYS A 28 43.49 -13.76 10.68
C LYS A 28 42.34 -14.30 9.81
N ILE A 29 42.15 -15.61 9.83
CA ILE A 29 41.01 -16.26 9.18
C ILE A 29 39.67 -15.72 9.68
N ILE A 30 39.47 -15.71 10.99
CA ILE A 30 38.18 -15.36 11.56
C ILE A 30 37.80 -14.00 11.04
N GLN A 31 38.74 -13.07 10.94
CA GLN A 31 38.39 -11.71 10.50
C GLN A 31 37.99 -11.52 9.02
N LYS A 32 38.29 -12.49 8.17
CA LYS A 32 37.86 -12.49 6.77
C LYS A 32 36.50 -13.17 6.62
N LEU A 33 36.00 -13.82 7.68
CA LEU A 33 34.74 -14.53 7.58
C LEU A 33 33.58 -13.57 7.65
N PRO A 34 32.40 -13.98 7.11
CA PRO A 34 31.20 -13.16 7.26
C PRO A 34 30.86 -12.90 8.74
N LYS A 35 30.42 -11.68 9.05
CA LYS A 35 30.27 -11.25 10.43
C LYS A 35 29.21 -12.04 11.21
N ARG A 36 28.32 -12.73 10.51
CA ARG A 36 27.29 -13.56 11.12
C ARG A 36 27.79 -14.93 11.49
N VAL A 37 29.05 -15.22 11.14
CA VAL A 37 29.72 -16.40 11.61
C VAL A 37 30.25 -16.18 13.05
N HIS A 38 29.93 -17.08 13.96
CA HIS A 38 30.42 -16.98 15.33
C HIS A 38 31.36 -18.14 15.59
N ILE A 39 32.20 -17.93 16.60
CA ILE A 39 33.31 -18.82 16.95
C ILE A 39 33.22 -19.26 18.43
N ASN A 40 33.22 -20.58 18.66
CA ASN A 40 33.18 -21.16 19.98
C ASN A 40 34.51 -21.94 20.10
N VAL A 41 35.29 -21.53 21.09
CA VAL A 41 36.60 -22.09 21.41
C VAL A 41 36.36 -23.15 22.49
N ARG A 42 36.62 -24.41 22.19
CA ARG A 42 36.25 -25.51 23.13
C ARG A 42 37.46 -26.13 23.76
N GLY A 43 37.44 -26.29 25.07
CA GLY A 43 38.56 -26.87 25.79
C GLY A 43 38.35 -28.31 26.25
N PHE A 44 39.42 -29.09 26.21
CA PHE A 44 39.43 -30.47 26.57
C PHE A 44 40.69 -30.85 27.28
N THR A 45 40.63 -31.96 28.00
CA THR A 45 41.79 -32.53 28.67
C THR A 45 41.82 -34.04 28.44
N ASP A 46 42.98 -34.62 28.76
CA ASP A 46 43.12 -36.05 28.96
C ASP A 46 42.59 -36.41 30.36
N ASP A 47 42.95 -37.59 30.85
CA ASP A 47 42.50 -38.09 32.14
C ASP A 47 43.61 -38.18 33.21
N THR A 48 44.72 -37.47 33.00
CA THR A 48 45.81 -37.44 33.95
C THR A 48 45.34 -36.81 35.27
N PRO A 49 45.73 -37.39 36.43
CA PRO A 49 45.37 -36.82 37.74
C PRO A 49 45.78 -35.37 37.90
N LEU A 50 44.97 -34.61 38.63
CA LEU A 50 45.30 -33.20 38.85
C LEU A 50 45.88 -32.97 40.25
N VAL A 51 46.61 -33.98 40.75
CA VAL A 51 47.47 -33.79 41.91
C VAL A 51 48.71 -33.04 41.38
N LYS A 52 49.48 -32.42 42.29
CA LYS A 52 50.62 -31.56 41.91
C LYS A 52 50.20 -30.38 41.02
N THR A 53 48.94 -29.93 41.14
CA THR A 53 48.40 -28.85 40.32
C THR A 53 47.32 -28.04 41.08
N ARG A 54 47.16 -26.79 40.64
CA ARG A 54 46.23 -25.86 41.27
C ARG A 54 44.75 -26.13 40.96
N PHE A 55 44.50 -26.90 39.89
CA PHE A 55 43.15 -27.14 39.38
C PHE A 55 42.43 -28.25 40.12
N LYS A 56 41.21 -28.00 40.57
CA LYS A 56 40.39 -29.00 41.31
C LYS A 56 39.56 -29.92 40.40
N SER A 57 39.50 -29.64 39.09
CA SER A 57 38.87 -30.54 38.10
C SER A 57 39.41 -30.32 36.68
N HIS A 58 39.22 -31.32 35.82
CA HIS A 58 39.56 -31.13 34.41
C HIS A 58 38.70 -30.09 33.70
N TYR A 59 37.49 -29.84 34.21
CA TYR A 59 36.62 -28.80 33.67
C TYR A 59 37.26 -27.40 33.83
N GLU A 60 37.93 -27.17 34.97
CA GLU A 60 38.70 -25.94 35.21
C GLU A 60 39.86 -25.75 34.24
N LEU A 61 40.70 -26.79 34.12
CA LEU A 61 41.85 -26.77 33.21
C LEU A 61 41.39 -26.53 31.76
N ALA A 62 40.36 -27.27 31.35
CA ALA A 62 39.75 -27.09 30.04
C ALA A 62 39.17 -25.68 29.85
N ALA A 63 38.48 -25.13 30.85
CA ALA A 63 37.96 -23.75 30.77
C ALA A 63 39.07 -22.72 30.65
N ASN A 64 40.08 -22.85 31.51
CA ASN A 64 41.27 -21.99 31.46
C ASN A 64 41.99 -22.02 30.14
N ARG A 65 42.04 -23.22 29.53
CA ARG A 65 42.68 -23.39 28.24
C ARG A 65 41.91 -22.66 27.19
N ALA A 66 40.61 -22.91 27.14
CA ALA A 66 39.74 -22.27 26.14
C ALA A 66 39.66 -20.75 26.33
N TYR A 67 39.45 -20.31 27.54
CA TYR A 67 39.42 -18.90 27.83
C TYR A 67 40.71 -18.17 27.36
N ARG A 68 41.84 -18.78 27.64
N ARG A 68 41.85 -18.78 27.61
CA ARG A 68 43.12 -18.22 27.19
CA ARG A 68 43.12 -18.16 27.22
C ARG A 68 43.20 -18.05 25.68
C ARG A 68 43.37 -18.12 25.70
N VAL A 69 42.94 -19.13 24.95
CA VAL A 69 43.03 -19.08 23.49
C VAL A 69 42.11 -17.97 22.92
N MET A 70 40.91 -17.86 23.49
CA MET A 70 39.93 -16.85 23.08
C MET A 70 40.49 -15.44 23.35
N LYS A 71 41.21 -15.30 24.44
CA LYS A 71 41.84 -14.05 24.80
C LYS A 71 42.99 -13.72 23.87
N VAL A 72 43.72 -14.73 23.40
CA VAL A 72 44.73 -14.43 22.38
C VAL A 72 44.05 -14.00 21.06
N LEU A 73 42.97 -14.66 20.68
CA LEU A 73 42.21 -14.26 19.49
C LEU A 73 41.76 -12.79 19.57
N ILE A 74 41.24 -12.40 20.74
CA ILE A 74 40.80 -11.03 20.95
C ILE A 74 42.00 -10.09 20.81
N GLN A 75 43.17 -10.51 21.27
CA GLN A 75 44.37 -9.70 21.18
C GLN A 75 44.81 -9.46 19.72
N TYR A 76 44.55 -10.43 18.85
CA TYR A 76 44.84 -10.29 17.42
C TYR A 76 43.74 -9.58 16.61
N GLY A 77 42.76 -9.01 17.28
CA GLY A 77 41.69 -8.27 16.63
C GLY A 77 40.33 -8.94 16.48
N VAL A 78 40.15 -10.20 16.87
CA VAL A 78 38.83 -10.79 16.71
C VAL A 78 37.82 -10.07 17.65
N ASN A 79 36.60 -9.82 17.14
CA ASN A 79 35.63 -9.14 17.99
C ASN A 79 35.06 -10.04 19.07
N PRO A 80 35.03 -9.58 20.34
CA PRO A 80 34.36 -10.36 21.37
C PRO A 80 32.95 -10.81 21.00
N ASN A 81 32.23 -10.02 20.19
CA ASN A 81 30.86 -10.34 19.85
C ASN A 81 30.73 -11.68 19.10
N GLN A 82 31.76 -12.02 18.32
CA GLN A 82 31.79 -13.31 17.62
C GLN A 82 32.27 -14.53 18.41
N LEU A 83 32.57 -14.35 19.69
CA LEU A 83 33.34 -15.36 20.45
C LEU A 83 32.72 -15.80 21.74
N SER A 84 32.99 -17.05 22.08
CA SER A 84 32.63 -17.70 23.34
C SER A 84 33.64 -18.80 23.59
N PHE A 85 33.65 -19.34 24.80
CA PHE A 85 34.50 -20.47 25.13
C PHE A 85 33.67 -21.53 25.88
N SER A 86 34.08 -22.79 25.81
CA SER A 86 33.37 -23.87 26.45
C SER A 86 34.39 -24.85 26.98
N SER A 87 34.09 -25.40 28.13
CA SER A 87 34.90 -26.43 28.76
C SER A 87 34.14 -27.76 28.63
N TYR A 88 34.85 -28.78 28.14
CA TYR A 88 34.36 -30.14 28.00
C TYR A 88 35.03 -31.09 28.97
N GLY A 89 35.96 -30.56 29.74
CA GLY A 89 36.71 -31.36 30.70
C GLY A 89 37.45 -32.49 30.04
N SER A 90 37.50 -33.61 30.76
CA SER A 90 38.04 -34.86 30.26
C SER A 90 37.07 -35.63 29.38
N THR A 91 35.86 -35.13 29.18
CA THR A 91 34.88 -35.84 28.35
C THR A 91 35.22 -35.69 26.86
N ASN A 92 34.59 -36.51 26.02
CA ASN A 92 34.72 -36.41 24.56
C ASN A 92 36.12 -36.51 23.98
N PRO A 93 36.95 -37.44 24.48
CA PRO A 93 38.31 -37.53 24.00
C PRO A 93 38.42 -37.81 22.51
N ILE A 94 39.53 -37.38 21.93
CA ILE A 94 39.85 -37.52 20.51
C ILE A 94 40.59 -38.84 20.29
N ALA A 95 41.45 -39.20 21.24
CA ALA A 95 42.18 -40.46 21.15
C ALA A 95 42.05 -41.21 22.47
N PRO A 96 42.43 -42.50 22.47
CA PRO A 96 42.52 -43.23 23.74
C PRO A 96 43.51 -42.57 24.70
N ASN A 97 43.28 -42.71 26.01
CA ASN A 97 44.16 -42.13 27.01
C ASN A 97 45.13 -43.19 27.51
N ASP A 98 45.66 -43.98 26.59
CA ASP A 98 46.45 -45.18 26.92
C ASP A 98 47.93 -44.83 26.96
N SER A 99 48.35 -43.88 26.14
CA SER A 99 49.77 -43.53 26.08
C SER A 99 49.94 -42.02 26.24
N LEU A 100 51.09 -41.65 26.80
CA LEU A 100 51.54 -40.26 26.82
C LEU A 100 51.13 -39.54 25.52
N GLU A 101 51.56 -40.06 24.38
CA GLU A 101 51.30 -39.43 23.06
C GLU A 101 49.82 -39.25 22.71
N ASN A 102 49.02 -40.27 22.98
CA ASN A 102 47.58 -40.18 22.73
C ASN A 102 46.92 -39.25 23.74
N ARG A 103 47.37 -39.34 24.99
CA ARG A 103 46.92 -38.46 26.07
C ARG A 103 47.10 -37.01 25.64
N MET A 104 48.26 -36.69 25.07
CA MET A 104 48.50 -35.32 24.61
C MET A 104 47.53 -34.86 23.52
N LYS A 105 47.05 -35.78 22.69
CA LYS A 105 46.08 -35.41 21.64
C LYS A 105 44.76 -34.90 22.24
N ASN A 106 44.46 -35.34 23.46
CA ASN A 106 43.23 -34.99 24.12
C ASN A 106 43.34 -33.62 24.80
N ASN A 107 44.54 -33.22 25.17
CA ASN A 107 44.79 -31.94 25.83
C ASN A 107 44.81 -30.81 24.83
N ARG A 108 43.64 -30.34 24.46
CA ARG A 108 43.50 -29.42 23.34
C ARG A 108 42.34 -28.45 23.41
N VAL A 109 42.40 -27.49 22.50
CA VAL A 109 41.32 -26.56 22.25
C VAL A 109 40.95 -26.69 20.79
N GLU A 110 39.63 -26.72 20.53
CA GLU A 110 39.04 -26.87 19.21
C GLU A 110 38.23 -25.62 18.83
N ILE A 111 38.18 -25.28 17.55
CA ILE A 111 37.43 -24.14 17.08
C ILE A 111 36.17 -24.66 16.37
N PHE A 112 34.99 -24.26 16.86
CA PHE A 112 33.74 -24.56 16.20
C PHE A 112 33.16 -23.31 15.58
N PHE A 113 32.71 -23.44 14.34
CA PHE A 113 32.07 -22.37 13.58
C PHE A 113 30.57 -22.52 13.68
N SER A 114 29.89 -21.40 13.88
CA SER A 114 28.44 -21.34 13.85
C SER A 114 28.09 -20.55 12.61
N THR A 115 27.42 -21.18 11.64
CA THR A 115 27.26 -20.58 10.31
C THR A 115 25.99 -21.02 9.61
N ASP A 116 25.35 -20.13 8.85
CA ASP A 116 24.28 -20.61 7.98
C ASP A 116 24.89 -21.36 6.78
N ALA A 117 24.05 -21.94 5.92
CA ALA A 117 24.51 -22.77 4.79
C ALA A 117 25.29 -21.96 3.77
N ASN A 118 24.80 -20.76 3.46
CA ASN A 118 25.40 -19.91 2.44
C ASN A 118 26.75 -19.29 2.82
N ASP A 119 27.06 -19.24 4.11
CA ASP A 119 28.36 -18.74 4.58
C ASP A 119 29.38 -19.85 4.75
N LEU A 120 28.87 -21.08 4.82
CA LEU A 120 29.68 -22.22 5.12
C LEU A 120 30.81 -22.43 4.08
N SER A 121 30.46 -22.19 2.82
CA SER A 121 31.36 -22.31 1.67
C SER A 121 32.45 -21.25 1.64
N LYS A 122 32.13 -20.04 2.10
CA LYS A 122 33.12 -18.97 2.22
C LYS A 122 34.19 -19.32 3.23
N ILE A 123 33.73 -19.85 4.36
CA ILE A 123 34.63 -20.30 5.41
C ILE A 123 35.52 -21.39 4.82
N HIS A 124 34.88 -22.37 4.19
CA HIS A 124 35.60 -23.49 3.60
C HIS A 124 36.72 -23.04 2.66
N SER A 125 36.42 -22.10 1.77
CA SER A 125 37.44 -21.56 0.87
C SER A 125 38.52 -20.72 1.60
N ILE A 126 38.10 -19.87 2.53
CA ILE A 126 39.07 -19.09 3.30
C ILE A 126 40.01 -20.00 4.08
N LEU A 127 39.50 -21.10 4.59
CA LEU A 127 40.31 -22.04 5.39
C LEU A 127 41.26 -22.80 4.49
N ASP A 128 40.78 -23.22 3.32
CA ASP A 128 41.63 -23.87 2.33
C ASP A 128 42.80 -23.01 1.85
N ASN A 129 42.52 -21.77 1.49
CA ASN A 129 43.54 -20.83 1.03
C ASN A 129 44.61 -20.44 2.06
N GLU A 130 44.29 -20.56 3.34
CA GLU A 130 45.25 -20.25 4.38
C GLU A 130 46.13 -21.45 4.67
N PHE A 131 45.52 -22.62 4.81
CA PHE A 131 46.22 -23.83 5.27
C PHE A 131 46.62 -24.79 4.13
N ASN A 132 47.11 -24.21 3.04
CA ASN A 132 47.66 -24.96 1.91
C ASN A 132 48.65 -24.08 1.15
N PRO A 133 49.70 -24.70 0.54
CA PRO A 133 50.66 -23.99 -0.30
C PRO A 133 50.21 -23.96 -1.76
N GLY B 1 17.82 -4.25 44.11
CA GLY B 1 18.80 -4.86 45.05
C GLY B 1 20.22 -4.62 44.60
N ILE B 2 20.89 -5.68 44.14
N ILE B 2 20.92 -5.67 44.16
CA ILE B 2 22.26 -5.65 43.63
CA ILE B 2 22.32 -5.50 43.79
C ILE B 2 22.34 -4.85 42.34
C ILE B 2 22.39 -4.88 42.39
N ASP B 3 23.15 -3.79 42.32
CA ASP B 3 23.22 -2.92 41.15
C ASP B 3 24.01 -3.52 40.00
N PRO B 4 23.67 -3.12 38.76
CA PRO B 4 24.46 -3.53 37.60
C PRO B 4 25.75 -2.70 37.58
N PHE B 5 26.72 -3.10 36.75
CA PHE B 5 27.96 -2.36 36.62
C PHE B 5 27.65 -1.33 35.58
N THR B 6 27.86 -0.06 35.91
CA THR B 6 27.45 1.05 35.04
C THR B 6 28.69 1.62 34.39
N PHE B 7 28.57 1.98 33.13
CA PHE B 7 29.68 2.55 32.40
C PHE B 7 29.49 4.06 32.29
N GLU B 8 30.63 4.71 32.51
CA GLU B 8 30.79 6.15 32.69
C GLU B 8 30.10 6.84 31.53
N ASN B 9 30.62 6.68 30.32
CA ASN B 9 29.96 7.25 29.16
C ASN B 9 29.31 6.23 28.21
N ALA B 10 28.38 6.76 27.40
CA ALA B 10 27.62 6.01 26.41
C ALA B 10 28.42 5.09 25.46
N THR B 11 29.62 5.55 25.09
CA THR B 11 30.39 4.94 24.00
C THR B 11 31.60 4.14 24.49
N SER B 12 31.84 4.08 25.79
CA SER B 12 33.00 3.34 26.30
C SER B 12 32.71 2.04 27.06
N ASP B 13 33.73 1.19 27.08
CA ASP B 13 33.76 -0.03 27.85
C ASP B 13 34.76 0.10 29.02
N ALA B 14 35.20 1.34 29.25
CA ALA B 14 36.05 1.74 30.35
C ALA B 14 35.36 1.57 31.71
N ILE B 15 36.08 0.93 32.63
CA ILE B 15 35.59 0.54 33.95
C ILE B 15 36.27 1.43 35.00
N ASN B 16 35.54 2.31 35.70
CA ASN B 16 36.15 3.13 36.78
C ASN B 16 36.43 2.35 38.07
N GLN B 17 37.20 2.95 38.98
N GLN B 17 37.22 2.97 38.95
CA GLN B 17 37.78 2.21 40.10
CA GLN B 17 37.81 2.37 40.18
C GLN B 17 36.86 1.96 41.30
C GLN B 17 36.80 1.90 41.21
N ASP B 18 35.75 2.69 41.37
CA ASP B 18 34.68 2.41 42.33
C ASP B 18 33.84 1.20 41.91
N MET B 19 33.74 1.01 40.59
CA MET B 19 33.02 -0.13 40.00
C MET B 19 33.92 -1.37 39.83
N MET B 20 35.21 -1.14 39.72
CA MET B 20 36.22 -2.17 39.77
C MET B 20 36.32 -2.83 41.17
N LEU B 21 36.24 -2.00 42.19
CA LEU B 21 36.11 -2.43 43.58
C LEU B 21 34.79 -3.19 43.77
N TYR B 22 33.75 -2.74 43.09
CA TYR B 22 32.46 -3.41 43.11
C TYR B 22 32.47 -4.77 42.40
N ILE B 23 33.13 -4.87 41.25
CA ILE B 23 33.29 -6.15 40.56
C ILE B 23 34.04 -7.13 41.46
N GLU B 24 35.02 -6.63 42.20
CA GLU B 24 35.78 -7.49 43.12
C GLU B 24 34.95 -8.04 44.28
N ARG B 25 33.98 -7.26 44.73
CA ARG B 25 33.03 -7.67 45.77
C ARG B 25 32.08 -8.73 45.22
N ILE B 26 31.67 -8.58 43.97
CA ILE B 26 30.88 -9.59 43.26
C ILE B 26 31.68 -10.87 42.97
N ALA B 27 32.96 -10.76 42.59
CA ALA B 27 33.79 -11.97 42.41
C ALA B 27 33.93 -12.71 43.73
N LYS B 28 34.06 -11.96 44.82
CA LYS B 28 34.15 -12.54 46.16
C LYS B 28 32.90 -13.35 46.50
N ILE B 29 31.75 -12.77 46.18
CA ILE B 29 30.45 -13.41 46.33
C ILE B 29 30.34 -14.69 45.47
N ILE B 30 30.85 -14.63 44.24
CA ILE B 30 30.68 -15.73 43.32
C ILE B 30 31.43 -16.97 43.77
N GLN B 31 32.62 -16.75 44.33
CA GLN B 31 33.46 -17.81 44.86
C GLN B 31 32.84 -18.54 46.06
N LYS B 32 31.82 -17.97 46.70
CA LYS B 32 31.14 -18.58 47.85
C LYS B 32 29.83 -19.30 47.51
N LEU B 33 29.46 -19.30 46.22
CA LEU B 33 28.24 -19.92 45.75
C LEU B 33 28.47 -21.39 45.39
N PRO B 34 27.40 -22.21 45.38
CA PRO B 34 27.60 -23.59 44.98
C PRO B 34 28.28 -23.70 43.63
N LYS B 35 29.13 -24.71 43.52
CA LYS B 35 29.91 -25.01 42.33
C LYS B 35 29.07 -25.16 41.07
N ARG B 36 27.83 -25.62 41.19
CA ARG B 36 26.96 -25.81 40.04
C ARG B 36 26.24 -24.55 39.56
N VAL B 37 26.42 -23.43 40.24
CA VAL B 37 25.86 -22.17 39.81
C VAL B 37 26.84 -21.61 38.79
N HIS B 38 26.35 -21.36 37.59
CA HIS B 38 27.11 -20.65 36.60
C HIS B 38 26.63 -19.20 36.51
N ILE B 39 27.49 -18.38 35.93
CA ILE B 39 27.30 -16.95 35.89
C ILE B 39 27.48 -16.48 34.45
N ASN B 40 26.46 -15.82 33.93
CA ASN B 40 26.44 -15.20 32.65
C ASN B 40 26.55 -13.68 32.84
N VAL B 41 27.61 -13.10 32.25
CA VAL B 41 27.85 -11.67 32.31
C VAL B 41 27.27 -11.03 31.03
N ARG B 42 26.29 -10.13 31.18
CA ARG B 42 25.52 -9.61 30.04
C ARG B 42 25.75 -8.11 29.88
N GLY B 43 26.05 -7.70 28.64
CA GLY B 43 26.30 -6.31 28.25
C GLY B 43 25.14 -5.73 27.48
N PHE B 44 24.83 -4.48 27.79
CA PHE B 44 23.75 -3.73 27.17
C PHE B 44 24.25 -2.31 26.89
N THR B 45 23.56 -1.62 26.01
CA THR B 45 23.86 -0.21 25.76
C THR B 45 22.56 0.60 25.78
N ASP B 46 22.72 1.93 25.79
CA ASP B 46 21.64 2.85 25.42
C ASP B 46 21.53 2.90 23.89
N ASP B 47 20.80 3.85 23.34
CA ASP B 47 20.65 3.93 21.89
C ASP B 47 21.38 5.10 21.23
N THR B 48 22.44 5.62 21.85
CA THR B 48 23.07 6.82 21.31
C THR B 48 23.94 6.42 20.12
N PRO B 49 23.88 7.17 19.01
CA PRO B 49 24.60 6.77 17.79
C PRO B 49 26.09 6.54 18.02
N LEU B 50 26.66 5.60 17.28
CA LEU B 50 28.07 5.24 17.45
C LEU B 50 29.01 6.21 16.72
N VAL B 51 28.70 7.51 16.75
CA VAL B 51 29.53 8.53 16.10
C VAL B 51 30.90 8.63 16.77
N LYS B 52 31.95 8.78 15.97
CA LYS B 52 33.31 8.98 16.47
C LYS B 52 33.70 7.91 17.49
N THR B 53 33.46 6.64 17.16
CA THR B 53 33.84 5.51 18.00
C THR B 53 34.42 4.38 17.15
N ARG B 54 35.24 3.53 17.77
CA ARG B 54 35.77 2.32 17.14
C ARG B 54 34.69 1.24 16.91
N PHE B 55 33.66 1.23 17.75
CA PHE B 55 32.64 0.19 17.67
C PHE B 55 31.70 0.36 16.49
N LYS B 56 31.43 -0.73 15.78
CA LYS B 56 30.61 -0.69 14.57
C LYS B 56 29.14 -1.00 14.81
N SER B 57 28.82 -1.42 16.03
CA SER B 57 27.43 -1.71 16.44
C SER B 57 27.30 -1.59 17.96
N HIS B 58 26.07 -1.42 18.43
CA HIS B 58 25.80 -1.57 19.89
C HIS B 58 26.10 -2.98 20.43
N TYR B 59 25.89 -4.02 19.62
CA TYR B 59 26.24 -5.38 19.96
C TYR B 59 27.76 -5.51 20.26
N GLU B 60 28.61 -4.89 19.44
CA GLU B 60 30.05 -4.84 19.71
C GLU B 60 30.45 -4.08 20.97
N LEU B 61 29.83 -2.92 21.23
CA LEU B 61 30.10 -2.19 22.46
C LEU B 61 29.73 -3.03 23.70
N ALA B 62 28.53 -3.58 23.69
CA ALA B 62 28.01 -4.41 24.79
C ALA B 62 28.80 -5.68 25.06
N ALA B 63 29.26 -6.29 23.97
CA ALA B 63 30.13 -7.44 24.01
C ALA B 63 31.50 -7.11 24.61
N ASN B 64 32.06 -5.98 24.23
CA ASN B 64 33.31 -5.57 24.87
C ASN B 64 33.15 -5.22 26.34
N ARG B 65 32.02 -4.63 26.74
CA ARG B 65 31.70 -4.39 28.15
C ARG B 65 31.60 -5.68 29.00
N ALA B 66 30.79 -6.61 28.50
CA ALA B 66 30.55 -7.89 29.14
C ALA B 66 31.83 -8.70 29.27
N TYR B 67 32.57 -8.78 28.16
CA TYR B 67 33.81 -9.52 28.15
C TYR B 67 34.82 -8.95 29.19
N ARG B 68 34.90 -7.63 29.26
CA ARG B 68 35.81 -6.91 30.18
C ARG B 68 35.50 -7.13 31.65
N VAL B 69 34.21 -7.02 32.00
CA VAL B 69 33.74 -7.37 33.33
C VAL B 69 34.08 -8.83 33.68
N MET B 70 33.78 -9.74 32.76
CA MET B 70 34.10 -11.18 32.90
C MET B 70 35.60 -11.46 33.13
N LYS B 71 36.46 -10.77 32.38
CA LYS B 71 37.94 -10.81 32.52
C LYS B 71 38.39 -10.37 33.93
N VAL B 72 37.82 -9.27 34.44
CA VAL B 72 38.11 -8.77 35.79
C VAL B 72 37.65 -9.72 36.90
N LEU B 73 36.44 -10.25 36.78
CA LEU B 73 35.97 -11.33 37.69
C LEU B 73 36.94 -12.52 37.74
N ILE B 74 37.47 -12.94 36.59
CA ILE B 74 38.48 -14.01 36.52
C ILE B 74 39.77 -13.54 37.21
N GLN B 75 40.06 -12.25 37.06
CA GLN B 75 41.21 -11.59 37.67
C GLN B 75 41.13 -11.70 39.18
N TYR B 76 39.94 -11.53 39.75
CA TYR B 76 39.71 -11.59 41.20
C TYR B 76 39.26 -12.93 41.77
N GLY B 77 39.49 -14.00 41.01
CA GLY B 77 39.41 -15.39 41.50
C GLY B 77 38.28 -16.26 40.99
N VAL B 78 37.37 -15.72 40.18
CA VAL B 78 36.26 -16.54 39.68
C VAL B 78 36.72 -17.58 38.63
N ASN B 79 36.33 -18.84 38.88
CA ASN B 79 36.66 -19.96 37.98
C ASN B 79 36.09 -19.66 36.60
N PRO B 80 36.93 -19.61 35.58
CA PRO B 80 36.45 -19.50 34.22
C PRO B 80 35.39 -20.54 33.83
N ASN B 81 35.49 -21.76 34.36
CA ASN B 81 34.48 -22.78 34.10
C ASN B 81 33.07 -22.30 34.46
N GLN B 82 32.93 -21.43 35.46
CA GLN B 82 31.58 -20.93 35.80
C GLN B 82 31.09 -19.72 35.03
N LEU B 83 31.91 -19.15 34.14
CA LEU B 83 31.61 -17.88 33.49
C LEU B 83 31.34 -17.96 31.99
N SER B 84 30.46 -17.06 31.52
CA SER B 84 30.20 -16.78 30.09
C SER B 84 29.82 -15.31 29.95
N PHE B 85 29.84 -14.78 28.74
CA PHE B 85 29.47 -13.37 28.52
C PHE B 85 28.55 -13.37 27.33
N SER B 86 27.63 -12.40 27.32
CA SER B 86 26.63 -12.25 26.27
C SER B 86 26.34 -10.80 25.96
N SER B 87 26.19 -10.46 24.69
CA SER B 87 25.83 -9.12 24.25
C SER B 87 24.37 -9.06 23.81
N TYR B 88 23.69 -8.02 24.29
CA TYR B 88 22.29 -7.71 23.97
C TYR B 88 22.17 -6.36 23.23
N GLY B 89 23.28 -5.69 22.95
CA GLY B 89 23.24 -4.46 22.17
C GLY B 89 22.40 -3.45 22.89
N SER B 90 21.59 -2.72 22.13
CA SER B 90 20.73 -1.70 22.70
C SER B 90 19.31 -2.24 23.01
N THR B 91 19.09 -3.53 22.78
CA THR B 91 17.85 -4.18 23.12
C THR B 91 17.77 -4.26 24.64
N ASN B 92 16.55 -4.50 25.13
CA ASN B 92 16.26 -4.69 26.56
C ASN B 92 16.62 -3.54 27.51
N PRO B 93 16.34 -2.30 27.12
CA PRO B 93 16.62 -1.23 28.07
C PRO B 93 15.86 -1.43 29.41
N ILE B 94 16.45 -0.95 30.49
CA ILE B 94 15.79 -0.95 31.79
C ILE B 94 15.09 0.39 31.99
N ALA B 95 15.53 1.41 31.24
CA ALA B 95 15.01 2.75 31.33
C ALA B 95 14.73 3.24 29.92
N PRO B 96 13.81 4.22 29.77
CA PRO B 96 13.65 4.87 28.46
C PRO B 96 14.90 5.65 28.06
N ASN B 97 15.11 5.83 26.76
CA ASN B 97 16.30 6.51 26.26
C ASN B 97 16.02 8.00 26.01
N ASP B 98 15.27 8.62 26.92
CA ASP B 98 14.70 9.97 26.75
C ASP B 98 15.48 11.07 27.47
N SER B 99 16.40 10.69 28.34
CA SER B 99 17.24 11.63 29.08
C SER B 99 18.62 11.01 29.26
N LEU B 100 19.61 11.89 29.45
CA LEU B 100 20.99 11.50 29.65
C LEU B 100 21.11 10.53 30.84
N GLU B 101 20.44 10.83 31.95
CA GLU B 101 20.44 9.97 33.13
C GLU B 101 19.76 8.60 32.92
N ASN B 102 18.67 8.61 32.16
CA ASN B 102 17.97 7.36 31.89
C ASN B 102 18.79 6.53 30.94
N ARG B 103 19.44 7.20 30.00
CA ARG B 103 20.32 6.49 29.07
C ARG B 103 21.51 5.83 29.81
N MET B 104 22.04 6.48 30.85
CA MET B 104 23.17 5.92 31.60
C MET B 104 22.81 4.61 32.26
N LYS B 105 21.58 4.54 32.80
CA LYS B 105 21.04 3.30 33.35
C LYS B 105 21.12 2.14 32.34
N ASN B 106 21.01 2.45 31.05
CA ASN B 106 21.02 1.46 29.98
C ASN B 106 22.40 0.96 29.58
N ASN B 107 23.41 1.77 29.84
CA ASN B 107 24.80 1.45 29.59
C ASN B 107 25.36 0.68 30.77
N ARG B 108 25.18 -0.64 30.74
CA ARG B 108 25.52 -1.48 31.88
C ARG B 108 25.79 -2.96 31.59
N VAL B 109 26.35 -3.62 32.59
CA VAL B 109 26.49 -5.04 32.56
C VAL B 109 25.67 -5.60 33.74
N GLU B 110 24.96 -6.70 33.52
CA GLU B 110 24.17 -7.39 34.55
C GLU B 110 24.73 -8.81 34.72
N ILE B 111 24.58 -9.33 35.94
CA ILE B 111 24.95 -10.69 36.29
C ILE B 111 23.70 -11.54 36.30
N PHE B 112 23.69 -12.59 35.47
CA PHE B 112 22.65 -13.62 35.54
C PHE B 112 23.20 -14.94 36.10
N PHE B 113 22.50 -15.49 37.10
CA PHE B 113 22.78 -16.78 37.69
C PHE B 113 22.02 -17.90 36.96
N SER B 114 22.71 -19.01 36.78
CA SER B 114 22.12 -20.21 36.26
C SER B 114 22.16 -21.23 37.41
N THR B 115 21.00 -21.54 37.99
CA THR B 115 20.93 -22.27 39.24
C THR B 115 19.76 -23.24 39.21
N ASP B 116 19.87 -24.39 39.93
CA ASP B 116 18.70 -25.23 40.25
C ASP B 116 17.93 -24.60 41.44
N ALA B 117 16.77 -25.16 41.73
CA ALA B 117 15.89 -24.61 42.75
C ALA B 117 16.50 -24.59 44.15
N ASN B 118 17.33 -25.58 44.45
CA ASN B 118 17.88 -25.79 45.78
C ASN B 118 19.09 -24.92 46.01
N ASP B 119 19.84 -24.65 44.95
CA ASP B 119 20.94 -23.68 45.04
C ASP B 119 20.39 -22.26 45.04
N LEU B 120 19.21 -22.08 44.44
CA LEU B 120 18.59 -20.75 44.38
C LEU B 120 18.47 -20.16 45.78
N SER B 121 18.08 -21.01 46.73
CA SER B 121 17.92 -20.59 48.13
C SER B 121 19.24 -20.22 48.79
N LYS B 122 20.31 -20.91 48.42
CA LYS B 122 21.67 -20.66 48.92
C LYS B 122 22.23 -19.33 48.43
N ILE B 123 22.11 -19.09 47.13
CA ILE B 123 22.44 -17.77 46.57
C ILE B 123 21.66 -16.66 47.28
N HIS B 124 20.38 -16.88 47.55
CA HIS B 124 19.52 -15.87 48.18
C HIS B 124 20.18 -15.40 49.47
N SER B 125 20.42 -16.34 50.39
CA SER B 125 21.09 -16.07 51.67
C SER B 125 22.41 -15.35 51.49
N ILE B 126 23.31 -15.89 50.67
CA ILE B 126 24.63 -15.28 50.46
C ILE B 126 24.51 -13.82 50.05
N LEU B 127 23.65 -13.53 49.07
CA LEU B 127 23.42 -12.15 48.67
C LEU B 127 22.82 -11.30 49.80
N ASP B 128 21.87 -11.85 50.56
CA ASP B 128 21.26 -11.14 51.72
C ASP B 128 22.26 -10.89 52.83
N ASN B 129 23.04 -11.92 53.17
CA ASN B 129 24.05 -11.85 54.23
C ASN B 129 25.28 -11.00 53.86
N GLU B 130 25.40 -10.58 52.60
CA GLU B 130 26.46 -9.71 52.14
C GLU B 130 25.98 -8.27 51.92
N PHE B 131 24.83 -8.10 51.30
CA PHE B 131 24.37 -6.77 50.88
C PHE B 131 23.38 -6.10 51.84
N ASN B 132 22.92 -6.83 52.86
CA ASN B 132 22.02 -6.28 53.86
C ASN B 132 22.12 -6.99 55.23
N PRO B 133 23.34 -7.02 55.82
CA PRO B 133 23.52 -7.64 57.15
C PRO B 133 23.24 -6.68 58.31
N GLY C 1 13.77 -30.07 49.56
CA GLY C 1 14.20 -29.39 48.30
C GLY C 1 13.18 -29.67 47.21
N ILE C 2 13.33 -29.01 46.06
CA ILE C 2 12.50 -29.35 44.89
C ILE C 2 13.23 -30.49 44.17
N ASP C 3 12.50 -31.56 43.84
CA ASP C 3 13.13 -32.78 43.31
C ASP C 3 13.19 -32.76 41.77
N PRO C 4 14.20 -33.42 41.16
CA PRO C 4 14.20 -33.59 39.71
C PRO C 4 13.02 -34.41 39.21
N PHE C 5 12.88 -34.55 37.91
CA PHE C 5 11.90 -35.46 37.33
C PHE C 5 12.70 -36.75 37.19
N THR C 6 12.40 -37.75 38.02
CA THR C 6 13.14 -39.02 37.93
C THR C 6 12.47 -40.09 37.08
N PHE C 7 13.20 -40.58 36.08
CA PHE C 7 12.74 -41.56 35.10
C PHE C 7 12.69 -42.97 35.67
N GLU C 8 12.02 -43.86 34.93
CA GLU C 8 11.63 -45.15 35.47
C GLU C 8 12.77 -46.14 35.55
N ASN C 9 13.64 -46.14 34.56
CA ASN C 9 14.74 -47.08 34.54
C ASN C 9 15.84 -46.46 33.71
N ALA C 10 16.93 -47.19 33.54
CA ALA C 10 18.13 -46.73 32.90
C ALA C 10 17.90 -46.25 31.49
N THR C 11 16.96 -46.86 30.78
CA THR C 11 16.80 -46.57 29.34
C THR C 11 15.48 -45.88 28.93
N SER C 12 14.61 -45.59 29.88
CA SER C 12 13.28 -45.08 29.60
C SER C 12 13.30 -43.55 29.45
N ASP C 13 12.62 -43.03 28.42
CA ASP C 13 12.31 -41.61 28.34
C ASP C 13 10.79 -41.36 28.53
N ALA C 14 10.03 -42.34 29.02
CA ALA C 14 8.58 -42.24 29.25
C ALA C 14 8.26 -41.37 30.47
N ILE C 15 7.16 -40.62 30.32
CA ILE C 15 6.70 -39.64 31.29
C ILE C 15 5.42 -40.17 31.87
N ASN C 16 5.50 -40.83 33.01
CA ASN C 16 4.30 -41.47 33.57
C ASN C 16 3.43 -40.39 34.20
N GLN C 17 2.24 -40.79 34.64
CA GLN C 17 1.20 -39.86 35.04
C GLN C 17 1.60 -39.01 36.23
N ASP C 18 2.39 -39.63 37.12
CA ASP C 18 2.93 -38.94 38.26
C ASP C 18 3.86 -37.84 37.81
N MET C 19 4.63 -38.13 36.77
CA MET C 19 5.57 -37.15 36.19
C MET C 19 4.81 -36.00 35.51
N MET C 20 3.77 -36.36 34.76
CA MET C 20 2.90 -35.37 34.14
C MET C 20 2.40 -34.39 35.19
N LEU C 21 1.93 -34.90 36.34
CA LEU C 21 1.36 -34.03 37.38
C LEU C 21 2.40 -33.08 37.95
N TYR C 22 3.62 -33.56 38.04
CA TYR C 22 4.69 -32.76 38.62
C TYR C 22 5.21 -31.73 37.58
N ILE C 23 5.35 -32.14 36.33
CA ILE C 23 5.73 -31.20 35.29
C ILE C 23 4.67 -30.09 35.29
N GLU C 24 3.41 -30.46 35.48
CA GLU C 24 2.30 -29.52 35.50
C GLU C 24 2.39 -28.49 36.62
N ARG C 25 2.85 -28.87 37.80
CA ARG C 25 3.07 -27.92 38.90
C ARG C 25 4.23 -26.97 38.63
N ILE C 26 5.27 -27.50 37.99
CA ILE C 26 6.41 -26.71 37.52
C ILE C 26 5.98 -25.72 36.42
N ALA C 27 5.22 -26.17 35.40
CA ALA C 27 4.65 -25.25 34.39
C ALA C 27 3.86 -24.07 34.99
N LYS C 28 3.01 -24.39 35.97
CA LYS C 28 2.25 -23.43 36.78
C LYS C 28 3.12 -22.35 37.43
N ILE C 29 4.17 -22.80 38.09
CA ILE C 29 5.17 -21.92 38.71
C ILE C 29 5.93 -21.07 37.70
N ILE C 30 6.39 -21.67 36.60
CA ILE C 30 7.18 -20.92 35.61
C ILE C 30 6.35 -19.77 35.09
N GLN C 31 5.04 -20.00 34.92
CA GLN C 31 4.14 -18.94 34.42
C GLN C 31 3.94 -17.80 35.40
N LYS C 32 4.08 -18.04 36.69
CA LYS C 32 4.17 -16.96 37.69
C LYS C 32 5.50 -16.19 37.73
N LEU C 33 6.56 -16.71 37.12
CA LEU C 33 7.89 -16.05 37.19
C LEU C 33 7.97 -14.77 36.38
N PRO C 34 8.84 -13.83 36.80
CA PRO C 34 9.13 -12.69 35.91
C PRO C 34 9.60 -13.18 34.54
N LYS C 35 9.25 -12.45 33.48
CA LYS C 35 9.50 -12.90 32.11
C LYS C 35 10.98 -12.89 31.68
N ARG C 36 11.81 -12.11 32.39
CA ARG C 36 13.25 -12.14 32.16
C ARG C 36 13.91 -13.43 32.69
N VAL C 37 13.18 -14.19 33.53
CA VAL C 37 13.64 -15.48 34.01
C VAL C 37 13.42 -16.58 32.98
N HIS C 38 14.51 -17.25 32.60
CA HIS C 38 14.45 -18.35 31.65
C HIS C 38 14.72 -19.66 32.34
N ILE C 39 14.24 -20.72 31.70
CA ILE C 39 14.25 -22.09 32.21
C ILE C 39 14.96 -22.99 31.21
N ASN C 40 16.01 -23.67 31.68
CA ASN C 40 16.71 -24.66 30.88
C ASN C 40 16.40 -26.01 31.45
N VAL C 41 15.87 -26.88 30.62
CA VAL C 41 15.49 -28.23 31.02
C VAL C 41 16.64 -29.18 30.68
N ARG C 42 17.23 -29.84 31.68
CA ARG C 42 18.46 -30.62 31.53
C ARG C 42 18.31 -32.09 31.83
N GLY C 43 18.73 -32.91 30.88
CA GLY C 43 18.56 -34.35 30.96
C GLY C 43 19.91 -35.01 31.22
N PHE C 44 19.82 -36.08 32.02
CA PHE C 44 20.94 -36.85 32.48
C PHE C 44 20.59 -38.33 32.47
N THR C 45 21.61 -39.14 32.60
CA THR C 45 21.50 -40.57 32.72
C THR C 45 22.55 -41.08 33.73
N ASP C 46 22.34 -42.31 34.16
CA ASP C 46 23.37 -43.10 34.77
C ASP C 46 24.45 -43.47 33.71
N ASP C 47 25.40 -44.33 34.09
CA ASP C 47 26.48 -44.83 33.23
C ASP C 47 26.27 -46.28 32.77
N THR C 48 25.08 -46.83 33.04
CA THR C 48 24.68 -48.16 32.59
C THR C 48 24.97 -48.32 31.10
N PRO C 49 25.82 -49.29 30.73
CA PRO C 49 25.99 -49.62 29.31
C PRO C 49 24.65 -49.79 28.60
N LEU C 50 24.52 -49.20 27.41
CA LEU C 50 23.24 -49.14 26.73
C LEU C 50 22.95 -50.46 26.05
N VAL C 51 22.00 -51.20 26.62
CA VAL C 51 21.52 -52.44 25.98
C VAL C 51 20.01 -52.41 25.80
N LYS C 52 19.54 -53.17 24.81
CA LYS C 52 18.11 -53.33 24.50
C LYS C 52 17.42 -51.97 24.37
N THR C 53 18.05 -51.06 23.62
CA THR C 53 17.49 -49.74 23.37
C THR C 53 17.86 -49.17 22.00
N ARG C 54 16.99 -48.32 21.47
CA ARG C 54 17.18 -47.59 20.23
C ARG C 54 18.25 -46.51 20.37
N PHE C 55 18.60 -46.18 21.61
CA PHE C 55 19.55 -45.11 21.90
C PHE C 55 20.96 -45.63 21.79
N LYS C 56 21.77 -44.89 21.05
CA LYS C 56 23.17 -45.23 20.80
C LYS C 56 24.08 -44.55 21.82
N SER C 57 23.61 -43.48 22.44
CA SER C 57 24.43 -42.73 23.38
C SER C 57 23.57 -42.22 24.52
N HIS C 58 24.21 -42.03 25.67
CA HIS C 58 23.60 -41.48 26.86
C HIS C 58 23.17 -40.06 26.60
N TYR C 59 23.91 -39.37 25.73
CA TYR C 59 23.53 -38.01 25.29
C TYR C 59 22.20 -38.00 24.55
N GLU C 60 21.93 -39.01 23.71
CA GLU C 60 20.63 -39.08 23.03
C GLU C 60 19.56 -39.37 24.06
N LEU C 61 19.73 -40.42 24.86
CA LEU C 61 18.71 -40.65 25.86
C LEU C 61 18.42 -39.35 26.66
N ALA C 62 19.47 -38.73 27.18
CA ALA C 62 19.39 -37.50 27.99
C ALA C 62 18.70 -36.34 27.23
N ALA C 63 19.02 -36.18 25.95
CA ALA C 63 18.39 -35.17 25.13
C ALA C 63 16.91 -35.46 24.92
N ASN C 64 16.55 -36.71 24.69
CA ASN C 64 15.14 -37.07 24.50
C ASN C 64 14.33 -36.86 25.78
N ARG C 65 14.94 -37.19 26.90
CA ARG C 65 14.30 -36.97 28.19
C ARG C 65 13.99 -35.50 28.40
N ALA C 66 14.98 -34.63 28.17
CA ALA C 66 14.90 -33.19 28.43
C ALA C 66 13.91 -32.49 27.49
N TYR C 67 14.07 -32.77 26.20
CA TYR C 67 13.14 -32.35 25.17
C TYR C 67 11.69 -32.74 25.44
N ARG C 68 11.49 -33.98 25.89
CA ARG C 68 10.15 -34.46 26.17
C ARG C 68 9.55 -33.67 27.30
N VAL C 69 10.30 -33.45 28.38
CA VAL C 69 9.78 -32.63 29.50
C VAL C 69 9.42 -31.19 29.07
N MET C 70 10.32 -30.56 28.33
CA MET C 70 10.12 -29.22 27.75
C MET C 70 8.86 -29.11 26.88
N LYS C 71 8.57 -30.14 26.06
CA LYS C 71 7.34 -30.22 25.28
C LYS C 71 6.07 -30.21 26.12
N VAL C 72 6.00 -31.04 27.14
CA VAL C 72 4.89 -31.03 28.08
C VAL C 72 4.72 -29.66 28.80
N LEU C 73 5.82 -29.04 29.24
CA LEU C 73 5.75 -27.68 29.82
C LEU C 73 5.10 -26.63 28.87
N ILE C 74 5.33 -26.80 27.57
CA ILE C 74 4.71 -25.96 26.50
C ILE C 74 3.25 -26.34 26.20
N GLN C 75 2.90 -27.62 26.18
CA GLN C 75 1.48 -28.05 26.29
C GLN C 75 0.74 -27.45 27.50
N TYR C 76 1.42 -27.23 28.62
CA TYR C 76 0.80 -26.65 29.78
C TYR C 76 0.93 -25.13 29.75
N GLY C 77 1.30 -24.52 28.62
CA GLY C 77 1.26 -23.05 28.58
C GLY C 77 2.55 -22.25 28.76
N VAL C 78 3.67 -22.87 29.14
CA VAL C 78 4.94 -22.13 29.26
C VAL C 78 5.36 -21.54 27.90
N ASN C 79 5.76 -20.27 27.84
CA ASN C 79 6.14 -19.74 26.54
C ASN C 79 7.45 -20.36 26.07
N PRO C 80 7.49 -20.85 24.83
CA PRO C 80 8.69 -21.38 24.24
C PRO C 80 9.86 -20.42 24.31
N ASN C 81 9.58 -19.11 24.28
CA ASN C 81 10.61 -18.11 24.38
C ASN C 81 11.43 -18.15 25.67
N GLN C 82 10.84 -18.64 26.75
CA GLN C 82 11.55 -18.83 27.99
C GLN C 82 12.25 -20.19 28.17
N LEU C 83 12.12 -21.09 27.21
CA LEU C 83 12.63 -22.46 27.31
C LEU C 83 13.79 -22.86 26.41
N SER C 84 14.58 -23.79 26.96
CA SER C 84 15.67 -24.39 26.26
C SER C 84 15.78 -25.81 26.83
N PHE C 85 16.39 -26.72 26.08
CA PHE C 85 16.69 -28.04 26.60
C PHE C 85 18.18 -28.35 26.36
N SER C 86 18.76 -29.13 27.27
CA SER C 86 20.15 -29.54 27.22
C SER C 86 20.37 -31.00 27.65
N SER C 87 21.28 -31.69 26.96
CA SER C 87 21.70 -33.03 27.34
C SER C 87 23.05 -32.98 28.04
N TYR C 88 23.15 -33.61 29.21
CA TYR C 88 24.45 -33.72 29.89
C TYR C 88 24.96 -35.16 29.87
N GLY C 89 24.20 -36.04 29.23
CA GLY C 89 24.53 -37.45 29.18
C GLY C 89 24.64 -38.04 30.57
N SER C 90 25.69 -38.84 30.76
CA SER C 90 26.04 -39.40 32.05
C SER C 90 26.95 -38.50 32.86
N THR C 91 27.25 -37.30 32.36
CA THR C 91 28.07 -36.33 33.08
C THR C 91 27.24 -35.75 34.23
N ASN C 92 27.93 -35.21 35.22
CA ASN C 92 27.34 -34.53 36.36
C ASN C 92 26.35 -35.32 37.26
N PRO C 93 26.69 -36.58 37.57
CA PRO C 93 25.77 -37.36 38.40
C PRO C 93 25.36 -36.70 39.74
N ILE C 94 24.12 -36.92 40.17
CA ILE C 94 23.68 -36.49 41.51
C ILE C 94 24.55 -37.19 42.55
N ALA C 95 24.73 -38.50 42.36
CA ALA C 95 25.60 -39.29 43.20
C ALA C 95 26.35 -40.26 42.28
N PRO C 96 27.51 -40.78 42.71
CA PRO C 96 28.32 -41.70 41.90
C PRO C 96 27.62 -43.02 41.56
N ASN C 97 27.94 -43.58 40.40
CA ASN C 97 27.20 -44.72 39.84
C ASN C 97 27.64 -46.06 40.42
N ASP C 98 27.73 -46.14 41.74
CA ASP C 98 28.23 -47.34 42.44
C ASP C 98 27.18 -48.14 43.23
N SER C 99 25.90 -47.82 43.00
CA SER C 99 24.77 -48.52 43.59
C SER C 99 23.54 -48.45 42.66
N LEU C 100 22.63 -49.39 42.86
CA LEU C 100 21.39 -49.41 42.08
C LEU C 100 20.58 -48.15 42.34
N GLU C 101 20.46 -47.79 43.61
CA GLU C 101 19.75 -46.59 44.01
C GLU C 101 20.42 -45.35 43.46
N ASN C 102 21.75 -45.27 43.50
CA ASN C 102 22.44 -44.10 42.94
C ASN C 102 22.24 -43.99 41.42
N ARG C 103 22.35 -45.12 40.73
CA ARG C 103 22.21 -45.12 39.28
C ARG C 103 20.82 -44.65 38.90
N MET C 104 19.86 -45.13 39.67
CA MET C 104 18.46 -44.82 39.46
C MET C 104 18.20 -43.32 39.57
N LYS C 105 18.72 -42.67 40.60
CA LYS C 105 18.49 -41.24 40.78
C LYS C 105 19.23 -40.37 39.73
N ASN C 106 20.18 -40.96 39.00
CA ASN C 106 20.92 -40.27 37.95
C ASN C 106 20.15 -40.12 36.63
N ASN C 107 19.12 -40.96 36.49
CA ASN C 107 18.24 -40.88 35.34
C ASN C 107 17.16 -39.87 35.66
N ARG C 108 17.45 -38.60 35.41
CA ARG C 108 16.52 -37.54 35.69
C ARG C 108 16.63 -36.33 34.76
N VAL C 109 15.66 -35.43 34.88
CA VAL C 109 15.67 -34.12 34.25
C VAL C 109 15.65 -33.07 35.38
N GLU C 110 16.50 -32.04 35.26
CA GLU C 110 16.47 -30.94 36.21
C GLU C 110 16.09 -29.58 35.58
N ILE C 111 15.49 -28.73 36.38
CA ILE C 111 15.11 -27.38 35.96
C ILE C 111 16.16 -26.44 36.51
N PHE C 112 16.80 -25.71 35.59
CA PHE C 112 17.69 -24.59 35.90
C PHE C 112 17.01 -23.31 35.51
N PHE C 113 17.09 -22.36 36.44
CA PHE C 113 16.58 -21.01 36.28
C PHE C 113 17.77 -20.11 35.90
N SER C 114 17.54 -19.16 35.00
CA SER C 114 18.55 -18.14 34.68
C SER C 114 17.89 -16.86 35.13
N THR C 115 18.49 -16.20 36.10
CA THR C 115 17.84 -15.04 36.71
C THR C 115 18.84 -14.00 37.17
N ASP C 116 18.44 -12.73 37.22
CA ASP C 116 19.27 -11.70 37.84
C ASP C 116 19.08 -11.75 39.38
N ALA C 117 19.87 -10.99 40.14
CA ALA C 117 19.80 -11.06 41.59
C ALA C 117 18.42 -10.70 42.13
N ASN C 118 17.80 -9.69 41.52
CA ASN C 118 16.54 -9.16 42.00
C ASN C 118 15.35 -10.08 41.76
N ASP C 119 15.32 -10.80 40.64
CA ASP C 119 14.23 -11.76 40.39
C ASP C 119 14.44 -13.07 41.14
N LEU C 120 15.62 -13.27 41.71
CA LEU C 120 15.99 -14.52 42.41
C LEU C 120 15.17 -14.79 43.67
N SER C 121 14.79 -13.71 44.33
CA SER C 121 13.98 -13.75 45.52
C SER C 121 12.48 -13.93 45.21
N LYS C 122 11.99 -13.25 44.18
CA LYS C 122 10.67 -13.53 43.64
C LYS C 122 10.49 -15.01 43.25
N ILE C 123 11.52 -15.63 42.67
CA ILE C 123 11.47 -17.06 42.31
C ILE C 123 11.36 -17.88 43.58
N HIS C 124 12.19 -17.54 44.56
CA HIS C 124 12.28 -18.30 45.80
C HIS C 124 10.94 -18.32 46.55
N SER C 125 10.31 -17.16 46.68
CA SER C 125 9.03 -17.08 47.39
C SER C 125 7.92 -17.78 46.61
N ILE C 126 7.93 -17.67 45.28
CA ILE C 126 6.97 -18.39 44.45
C ILE C 126 7.12 -19.92 44.60
N LEU C 127 8.35 -20.39 44.56
CA LEU C 127 8.67 -21.81 44.75
C LEU C 127 8.20 -22.30 46.12
N ASP C 128 8.49 -21.51 47.15
CA ASP C 128 7.95 -21.79 48.48
C ASP C 128 6.42 -21.76 48.61
N ASN C 129 5.72 -20.81 48.00
CA ASN C 129 4.26 -20.82 48.06
C ASN C 129 3.68 -22.12 47.50
N GLU C 130 4.27 -22.61 46.41
CA GLU C 130 3.79 -23.83 45.75
C GLU C 130 4.22 -25.09 46.50
N PHE C 131 5.47 -25.14 46.96
CA PHE C 131 5.99 -26.38 47.55
C PHE C 131 6.07 -26.39 49.08
N ASN C 132 5.89 -25.21 49.69
CA ASN C 132 5.60 -24.99 51.12
C ASN C 132 4.42 -24.06 51.31
N GLY D 1 20.18 -19.82 -2.74
CA GLY D 1 21.18 -20.73 -2.10
C GLY D 1 20.42 -21.87 -1.47
N ILE D 2 20.57 -22.03 -0.15
CA ILE D 2 19.65 -22.83 0.65
C ILE D 2 18.78 -21.77 1.31
N ASP D 3 17.48 -21.78 1.01
CA ASP D 3 16.56 -20.73 1.45
C ASP D 3 16.10 -20.97 2.88
N PRO D 4 15.72 -19.90 3.61
CA PRO D 4 15.20 -20.07 4.95
C PRO D 4 13.77 -20.63 4.92
N PHE D 5 13.16 -20.92 6.06
CA PHE D 5 11.77 -21.26 6.08
C PHE D 5 11.10 -19.93 6.36
N THR D 6 10.36 -19.43 5.37
CA THR D 6 9.73 -18.09 5.37
C THR D 6 8.25 -18.28 5.69
N PHE D 7 7.65 -17.49 6.58
CA PHE D 7 6.24 -17.75 6.96
C PHE D 7 5.19 -16.97 6.12
N GLU D 8 3.95 -17.47 6.14
CA GLU D 8 2.83 -16.93 5.34
C GLU D 8 2.64 -15.44 5.46
N ASN D 9 2.53 -15.01 6.71
CA ASN D 9 2.22 -13.63 7.05
C ASN D 9 2.99 -13.26 8.29
N ALA D 10 3.01 -11.96 8.54
CA ALA D 10 3.74 -11.35 9.62
C ALA D 10 3.52 -11.96 11.00
N THR D 11 2.31 -12.47 11.23
CA THR D 11 1.90 -12.88 12.56
C THR D 11 1.69 -14.37 12.75
N SER D 12 1.90 -15.18 11.70
CA SER D 12 1.65 -16.62 11.84
C SER D 12 2.90 -17.44 12.10
N ASP D 13 2.69 -18.57 12.77
CA ASP D 13 3.70 -19.60 13.01
C ASP D 13 3.25 -20.91 12.40
N ALA D 14 2.29 -20.81 11.48
CA ALA D 14 1.75 -21.95 10.74
C ALA D 14 2.77 -22.40 9.69
N ILE D 15 2.83 -23.71 9.50
CA ILE D 15 3.76 -24.34 8.59
C ILE D 15 2.96 -25.00 7.47
N ASN D 16 3.03 -24.38 6.28
CA ASN D 16 2.48 -24.91 5.03
C ASN D 16 2.81 -26.37 4.73
N GLN D 17 2.14 -26.87 3.69
CA GLN D 17 2.47 -28.17 3.12
C GLN D 17 3.79 -28.11 2.35
N ASP D 18 4.09 -26.97 1.73
CA ASP D 18 5.39 -26.78 1.11
C ASP D 18 6.51 -26.65 2.13
N MET D 19 6.27 -25.88 3.20
CA MET D 19 7.28 -25.72 4.25
C MET D 19 7.63 -27.06 4.92
N MET D 20 6.61 -27.84 5.30
CA MET D 20 6.76 -29.20 5.87
C MET D 20 7.63 -30.10 5.03
N LEU D 21 7.42 -30.09 3.70
CA LEU D 21 8.21 -30.88 2.73
C LEU D 21 9.64 -30.33 2.64
N TYR D 22 9.77 -29.03 2.78
CA TYR D 22 11.10 -28.46 2.69
C TYR D 22 11.89 -28.78 3.96
N ILE D 23 11.27 -28.62 5.12
CA ILE D 23 11.86 -29.04 6.38
C ILE D 23 12.22 -30.54 6.30
N GLU D 24 11.34 -31.36 5.71
CA GLU D 24 11.59 -32.78 5.56
C GLU D 24 12.91 -33.10 4.84
N ARG D 25 13.18 -32.38 3.76
CA ARG D 25 14.45 -32.50 3.01
C ARG D 25 15.61 -32.11 3.87
N ILE D 26 15.51 -30.97 4.56
CA ILE D 26 16.60 -30.48 5.41
C ILE D 26 16.82 -31.47 6.55
N ALA D 27 15.72 -31.94 7.14
CA ALA D 27 15.72 -33.11 8.02
C ALA D 27 16.54 -34.30 7.50
N LYS D 28 16.31 -34.72 6.26
CA LYS D 28 17.05 -35.85 5.66
C LYS D 28 18.56 -35.57 5.50
N ILE D 29 18.89 -34.35 5.10
CA ILE D 29 20.26 -33.89 5.08
C ILE D 29 20.96 -33.91 6.42
N ILE D 30 20.32 -33.43 7.48
CA ILE D 30 20.96 -33.36 8.80
C ILE D 30 21.38 -34.73 9.32
N GLN D 31 20.49 -35.70 9.10
CA GLN D 31 20.73 -37.10 9.41
C GLN D 31 21.95 -37.69 8.69
N LYS D 32 22.38 -37.07 7.59
CA LYS D 32 23.61 -37.46 6.91
C LYS D 32 24.86 -36.76 7.46
N LEU D 33 24.68 -35.70 8.24
CA LEU D 33 25.85 -34.96 8.67
C LEU D 33 26.61 -35.73 9.75
N PRO D 34 27.90 -35.42 9.96
CA PRO D 34 28.59 -36.01 11.11
C PRO D 34 27.87 -35.66 12.42
N LYS D 35 27.93 -36.57 13.38
CA LYS D 35 27.19 -36.39 14.63
C LYS D 35 27.78 -35.27 15.47
N ARG D 36 29.04 -34.92 15.27
CA ARG D 36 29.57 -33.75 15.99
C ARG D 36 29.06 -32.39 15.47
N VAL D 37 28.35 -32.38 14.33
CA VAL D 37 27.67 -31.20 13.80
C VAL D 37 26.32 -31.04 14.48
N HIS D 38 26.13 -29.89 15.13
CA HIS D 38 24.87 -29.56 15.78
C HIS D 38 24.13 -28.48 14.98
N ILE D 39 22.81 -28.42 15.17
CA ILE D 39 21.92 -27.54 14.44
C ILE D 39 21.12 -26.64 15.36
N ASN D 40 21.32 -25.34 15.19
CA ASN D 40 20.57 -24.29 15.89
C ASN D 40 19.56 -23.71 14.92
N VAL D 41 18.29 -23.86 15.28
CA VAL D 41 17.15 -23.38 14.54
C VAL D 41 16.74 -22.00 15.09
N ARG D 42 16.90 -20.95 14.28
CA ARG D 42 16.74 -19.57 14.72
C ARG D 42 15.55 -18.92 14.07
N GLY D 43 14.74 -18.25 14.88
CA GLY D 43 13.47 -17.71 14.42
C GLY D 43 13.57 -16.22 14.49
N PHE D 44 12.93 -15.59 13.52
CA PHE D 44 12.95 -14.14 13.33
C PHE D 44 11.60 -13.59 12.94
N THR D 45 11.41 -12.28 13.15
CA THR D 45 10.22 -11.58 12.65
C THR D 45 10.57 -10.28 11.92
N ASP D 46 9.56 -9.63 11.36
CA ASP D 46 9.73 -8.25 10.89
C ASP D 46 9.38 -7.40 12.10
N ASP D 47 9.01 -6.14 11.86
CA ASP D 47 8.66 -5.23 12.94
C ASP D 47 7.19 -4.77 12.89
N THR D 48 6.33 -5.54 12.24
CA THR D 48 4.93 -5.16 12.16
C THR D 48 4.28 -5.28 13.55
N PRO D 49 3.36 -4.36 13.87
CA PRO D 49 2.72 -4.37 15.19
C PRO D 49 1.95 -5.65 15.46
N LEU D 50 2.18 -6.19 16.65
CA LEU D 50 1.48 -7.37 17.15
C LEU D 50 0.11 -7.00 17.78
N VAL D 51 -0.35 -5.75 17.65
CA VAL D 51 -1.64 -5.34 18.21
C VAL D 51 -2.74 -6.36 17.83
N LYS D 52 -3.60 -6.68 18.78
CA LYS D 52 -4.62 -7.71 18.61
C LYS D 52 -4.11 -8.97 17.86
N THR D 53 -3.16 -9.68 18.47
CA THR D 53 -2.75 -11.02 18.00
C THR D 53 -2.51 -11.83 19.25
N ARG D 54 -2.30 -13.14 19.10
CA ARG D 54 -2.07 -13.98 20.28
C ARG D 54 -0.69 -13.77 20.91
N PHE D 55 0.23 -13.17 20.16
CA PHE D 55 1.57 -12.91 20.67
C PHE D 55 1.71 -11.53 21.30
N LYS D 56 2.42 -11.51 22.44
CA LYS D 56 2.71 -10.30 23.21
C LYS D 56 4.01 -9.61 22.75
N SER D 57 4.93 -10.38 22.19
CA SER D 57 6.20 -9.89 21.68
C SER D 57 6.64 -10.68 20.44
N HIS D 58 7.52 -10.06 19.65
CA HIS D 58 8.10 -10.66 18.47
C HIS D 58 9.05 -11.76 18.87
N TYR D 59 9.63 -11.69 20.07
CA TYR D 59 10.49 -12.75 20.60
C TYR D 59 9.69 -14.02 20.80
N GLU D 60 8.43 -13.83 21.18
CA GLU D 60 7.52 -14.92 21.40
C GLU D 60 7.06 -15.53 20.08
N LEU D 61 6.74 -14.68 19.11
CA LEU D 61 6.42 -15.18 17.78
C LEU D 61 7.57 -15.98 17.21
N ALA D 62 8.75 -15.38 17.21
CA ALA D 62 9.98 -15.98 16.65
C ALA D 62 10.33 -17.29 17.34
N ALA D 63 10.19 -17.33 18.67
CA ALA D 63 10.41 -18.52 19.48
C ALA D 63 9.49 -19.65 19.05
N ASN D 64 8.21 -19.32 18.94
CA ASN D 64 7.24 -20.27 18.41
C ASN D 64 7.56 -20.82 17.01
N ARG D 65 8.06 -19.98 16.11
CA ARG D 65 8.40 -20.44 14.76
C ARG D 65 9.60 -21.40 14.74
N ALA D 66 10.59 -21.07 15.55
CA ALA D 66 11.82 -21.85 15.63
C ALA D 66 11.56 -23.20 16.29
N TYR D 67 10.82 -23.18 17.40
CA TYR D 67 10.43 -24.39 18.10
C TYR D 67 9.65 -25.39 17.23
N ARG D 68 8.67 -24.89 16.48
CA ARG D 68 7.82 -25.70 15.62
C ARG D 68 8.60 -26.35 14.48
N VAL D 69 9.55 -25.58 13.94
CA VAL D 69 10.44 -26.09 12.87
C VAL D 69 11.32 -27.16 13.50
N MET D 70 11.84 -26.90 14.69
CA MET D 70 12.67 -27.90 15.37
C MET D 70 11.88 -29.17 15.68
N LYS D 71 10.67 -29.01 16.21
CA LYS D 71 9.74 -30.13 16.45
C LYS D 71 9.45 -30.98 15.20
N VAL D 72 9.22 -30.33 14.07
CA VAL D 72 9.04 -31.01 12.79
C VAL D 72 10.33 -31.72 12.37
N LEU D 73 11.48 -31.14 12.71
CA LEU D 73 12.75 -31.80 12.35
C LEU D 73 12.95 -33.12 13.11
N ILE D 74 12.59 -33.11 14.38
CA ILE D 74 12.60 -34.26 15.27
C ILE D 74 11.56 -35.33 14.91
N GLN D 75 10.49 -34.93 14.23
CA GLN D 75 9.48 -35.87 13.77
C GLN D 75 9.84 -36.56 12.46
N TYR D 76 10.61 -35.85 11.64
CA TYR D 76 11.26 -36.41 10.45
C TYR D 76 12.62 -37.05 10.76
N GLY D 77 12.89 -37.31 12.05
CA GLY D 77 13.99 -38.15 12.49
C GLY D 77 15.31 -37.49 12.81
N VAL D 78 15.36 -36.18 13.00
CA VAL D 78 16.61 -35.55 13.46
C VAL D 78 16.71 -35.87 14.95
N ASN D 79 17.90 -36.27 15.38
CA ASN D 79 18.23 -36.57 16.76
C ASN D 79 18.19 -35.30 17.64
N PRO D 80 17.33 -35.27 18.65
CA PRO D 80 17.24 -34.08 19.50
C PRO D 80 18.53 -33.66 20.24
N ASN D 81 19.47 -34.59 20.41
CA ASN D 81 20.82 -34.27 20.90
C ASN D 81 21.53 -33.24 19.97
N GLN D 82 21.27 -33.27 18.67
CA GLN D 82 21.89 -32.30 17.73
C GLN D 82 21.11 -30.99 17.55
N LEU D 83 20.06 -30.78 18.33
CA LEU D 83 19.13 -29.69 18.05
C LEU D 83 18.97 -28.71 19.19
N SER D 84 18.72 -27.46 18.84
CA SER D 84 18.47 -26.37 19.77
C SER D 84 17.66 -25.39 18.99
N PHE D 85 16.91 -24.53 19.68
CA PHE D 85 16.24 -23.40 19.04
C PHE D 85 16.51 -22.06 19.77
N SER D 86 16.59 -21.00 18.96
CA SER D 86 16.78 -19.63 19.44
C SER D 86 15.79 -18.61 18.82
N SER D 87 15.30 -17.68 19.64
CA SER D 87 14.45 -16.61 19.16
C SER D 87 15.22 -15.32 19.01
N TYR D 88 15.25 -14.72 17.81
CA TYR D 88 15.96 -13.44 17.61
C TYR D 88 14.99 -12.25 17.58
N GLY D 89 13.69 -12.51 17.72
CA GLY D 89 12.67 -11.48 17.60
C GLY D 89 12.81 -10.77 16.27
N SER D 90 12.65 -9.45 16.30
CA SER D 90 12.80 -8.61 15.10
C SER D 90 14.25 -8.16 14.86
N THR D 91 15.15 -8.58 15.75
CA THR D 91 16.57 -8.30 15.59
C THR D 91 17.11 -9.09 14.41
N ASN D 92 18.27 -8.67 13.91
CA ASN D 92 18.94 -9.35 12.82
C ASN D 92 18.16 -9.51 11.52
N PRO D 93 17.48 -8.44 11.06
CA PRO D 93 16.75 -8.54 9.79
C PRO D 93 17.64 -8.89 8.58
N ILE D 94 17.06 -9.64 7.64
CA ILE D 94 17.65 -9.87 6.33
C ILE D 94 17.60 -8.56 5.52
N ALA D 95 16.47 -7.87 5.58
CA ALA D 95 16.22 -6.68 4.76
C ALA D 95 15.61 -5.57 5.59
N PRO D 96 15.65 -4.32 5.08
CA PRO D 96 14.97 -3.25 5.79
C PRO D 96 13.47 -3.52 5.89
N ASN D 97 12.85 -3.10 7.00
CA ASN D 97 11.42 -3.20 7.20
C ASN D 97 10.75 -1.95 6.65
N ASP D 98 10.88 -1.75 5.33
CA ASP D 98 10.48 -0.50 4.65
C ASP D 98 9.57 -0.73 3.43
N SER D 99 8.87 -1.86 3.42
CA SER D 99 8.17 -2.36 2.24
C SER D 99 7.58 -3.71 2.59
N LEU D 100 6.40 -4.01 2.06
CA LEU D 100 5.75 -5.28 2.38
C LEU D 100 6.58 -6.43 1.84
N GLU D 101 7.14 -6.24 0.64
CA GLU D 101 8.09 -7.18 0.04
C GLU D 101 9.27 -7.51 0.98
N ASN D 102 9.92 -6.48 1.52
CA ASN D 102 11.10 -6.65 2.37
C ASN D 102 10.72 -7.20 3.74
N ARG D 103 9.64 -6.69 4.33
CA ARG D 103 9.13 -7.19 5.62
C ARG D 103 8.75 -8.68 5.61
N MET D 104 8.19 -9.18 4.50
CA MET D 104 7.93 -10.62 4.39
C MET D 104 9.21 -11.47 4.47
N LYS D 105 10.31 -10.97 3.93
CA LYS D 105 11.61 -11.69 3.98
C LYS D 105 12.10 -11.95 5.42
N ASN D 106 11.73 -11.05 6.33
CA ASN D 106 12.19 -11.05 7.72
C ASN D 106 11.47 -12.01 8.65
N ASN D 107 10.28 -12.44 8.26
CA ASN D 107 9.54 -13.50 8.94
C ASN D 107 9.98 -14.86 8.44
N ARG D 108 11.01 -15.40 9.10
CA ARG D 108 11.60 -16.66 8.67
C ARG D 108 12.33 -17.38 9.82
N VAL D 109 12.61 -18.66 9.61
CA VAL D 109 13.50 -19.45 10.44
C VAL D 109 14.71 -19.82 9.59
N GLU D 110 15.89 -19.75 10.21
CA GLU D 110 17.18 -20.11 9.58
C GLU D 110 17.82 -21.21 10.38
N ILE D 111 18.60 -22.03 9.68
CA ILE D 111 19.37 -23.12 10.28
C ILE D 111 20.85 -22.70 10.34
N PHE D 112 21.40 -22.70 11.55
CA PHE D 112 22.83 -22.54 11.71
C PHE D 112 23.48 -23.86 12.06
N PHE D 113 24.57 -24.16 11.38
CA PHE D 113 25.38 -25.32 11.66
C PHE D 113 26.52 -24.94 12.62
N SER D 114 26.77 -25.83 13.57
CA SER D 114 27.85 -25.70 14.53
C SER D 114 28.83 -26.81 14.21
N THR D 115 29.99 -26.44 13.68
CA THR D 115 30.86 -27.41 13.07
C THR D 115 32.33 -27.06 13.24
N ASP D 116 33.19 -28.07 13.45
CA ASP D 116 34.62 -27.83 13.36
C ASP D 116 34.99 -27.68 11.88
N ALA D 117 36.25 -27.33 11.61
CA ALA D 117 36.73 -27.05 10.23
C ALA D 117 36.72 -28.24 9.29
N ASN D 118 36.99 -29.42 9.83
CA ASN D 118 37.07 -30.62 9.03
C ASN D 118 35.69 -31.17 8.64
N ASP D 119 34.71 -31.02 9.51
CA ASP D 119 33.33 -31.42 9.23
C ASP D 119 32.62 -30.42 8.31
N LEU D 120 33.01 -29.16 8.38
CA LEU D 120 32.47 -28.10 7.53
C LEU D 120 32.57 -28.44 6.05
N SER D 121 33.67 -29.10 5.69
CA SER D 121 33.89 -29.54 4.33
C SER D 121 32.94 -30.67 3.93
N LYS D 122 32.68 -31.58 4.86
CA LYS D 122 31.69 -32.65 4.66
C LYS D 122 30.24 -32.14 4.54
N ILE D 123 29.88 -31.07 5.25
CA ILE D 123 28.55 -30.48 5.10
C ILE D 123 28.43 -29.76 3.77
N HIS D 124 29.49 -29.06 3.37
CA HIS D 124 29.45 -28.29 2.13
C HIS D 124 29.12 -29.24 1.00
N SER D 125 29.84 -30.37 0.99
CA SER D 125 29.67 -31.42 -0.01
C SER D 125 28.32 -32.11 0.03
N ILE D 126 27.78 -32.38 1.22
CA ILE D 126 26.46 -33.03 1.34
C ILE D 126 25.37 -32.08 0.89
N LEU D 127 25.49 -30.81 1.24
CA LEU D 127 24.53 -29.81 0.81
C LEU D 127 24.56 -29.64 -0.73
N ASP D 128 25.73 -29.75 -1.36
CA ASP D 128 25.86 -29.68 -2.82
C ASP D 128 25.11 -30.78 -3.56
N ASN D 129 25.42 -32.04 -3.26
CA ASN D 129 24.73 -33.16 -3.91
C ASN D 129 23.23 -33.11 -3.67
N GLU D 130 22.80 -32.51 -2.56
CA GLU D 130 21.38 -32.34 -2.31
C GLU D 130 20.77 -31.16 -3.08
N PHE D 131 21.51 -30.07 -3.25
CA PHE D 131 20.96 -28.90 -3.92
C PHE D 131 21.64 -28.60 -5.25
N ASN D 132 21.98 -29.67 -5.98
CA ASN D 132 22.55 -29.59 -7.34
C ASN D 132 22.39 -30.92 -8.07
N GLY E 1 -36.90 -6.62 51.09
CA GLY E 1 -36.07 -7.34 50.08
C GLY E 1 -35.01 -6.45 49.44
N ILE E 2 -34.96 -6.41 48.11
CA ILE E 2 -34.01 -5.57 47.40
C ILE E 2 -34.62 -4.18 47.27
N ASP E 3 -33.90 -3.18 47.81
CA ASP E 3 -34.38 -1.81 47.88
C ASP E 3 -34.19 -1.11 46.56
N PRO E 4 -35.08 -0.16 46.22
CA PRO E 4 -34.82 0.69 45.07
C PRO E 4 -33.76 1.75 45.37
N PHE E 5 -33.40 2.50 44.35
CA PHE E 5 -32.50 3.62 44.53
C PHE E 5 -33.40 4.82 44.84
N THR E 6 -33.32 5.26 46.10
CA THR E 6 -34.11 6.37 46.64
C THR E 6 -33.30 7.68 46.56
N PHE E 7 -33.89 8.75 46.03
CA PHE E 7 -33.17 10.01 45.94
C PHE E 7 -33.34 10.90 47.20
N GLU E 8 -32.53 11.96 47.29
CA GLU E 8 -32.40 12.73 48.50
C GLU E 8 -33.61 13.57 48.81
N ASN E 9 -34.27 14.03 47.76
CA ASN E 9 -35.45 14.90 47.90
C ASN E 9 -36.28 14.94 46.65
N ALA E 10 -37.45 15.57 46.79
CA ALA E 10 -38.46 15.74 45.75
C ALA E 10 -37.90 15.98 44.36
N THR E 11 -36.95 16.90 44.29
CA THR E 11 -36.47 17.47 43.03
C THR E 11 -35.07 17.00 42.58
N SER E 12 -34.37 16.26 43.42
CA SER E 12 -32.98 15.88 43.12
C SER E 12 -32.87 14.66 42.23
N ASP E 13 -31.99 14.73 41.22
CA ASP E 13 -31.56 13.56 40.45
C ASP E 13 -30.11 13.16 40.69
N ALA E 14 -29.55 13.64 41.82
CA ALA E 14 -28.19 13.36 42.33
C ALA E 14 -27.96 11.93 42.82
N ILE E 15 -26.77 11.40 42.52
CA ILE E 15 -26.37 10.04 42.89
C ILE E 15 -25.13 10.20 43.77
N ASN E 16 -25.34 10.14 45.09
CA ASN E 16 -24.26 10.30 46.04
C ASN E 16 -23.47 9.02 46.08
N GLN E 17 -22.36 9.01 46.81
CA GLN E 17 -21.48 7.85 46.87
C GLN E 17 -22.13 6.55 47.33
N ASP E 18 -23.04 6.62 48.30
CA ASP E 18 -23.79 5.46 48.77
C ASP E 18 -24.67 4.87 47.70
N MET E 19 -25.26 5.73 46.88
CA MET E 19 -26.07 5.25 45.77
C MET E 19 -25.15 4.59 44.72
N MET E 20 -24.04 5.23 44.40
CA MET E 20 -23.05 4.69 43.46
C MET E 20 -22.65 3.28 43.83
N LEU E 21 -22.30 3.07 45.10
CA LEU E 21 -21.88 1.76 45.61
C LEU E 21 -23.02 0.74 45.54
N TYR E 22 -24.26 1.20 45.66
CA TYR E 22 -25.40 0.31 45.55
C TYR E 22 -25.68 0.00 44.08
N ILE E 23 -25.60 0.98 43.20
CA ILE E 23 -25.79 0.73 41.77
C ILE E 23 -24.71 -0.26 41.29
N GLU E 24 -23.52 -0.13 41.86
CA GLU E 24 -22.39 -0.97 41.52
C GLU E 24 -22.61 -2.46 41.81
N ARG E 25 -23.21 -2.77 42.95
CA ARG E 25 -23.56 -4.14 43.32
C ARG E 25 -24.58 -4.72 42.38
N ILE E 26 -25.53 -3.87 41.99
CA ILE E 26 -26.58 -4.21 41.03
C ILE E 26 -25.96 -4.50 39.65
N ALA E 27 -25.01 -3.67 39.22
CA ALA E 27 -24.29 -3.93 37.93
C ALA E 27 -23.58 -5.27 37.91
N LYS E 28 -23.02 -5.65 39.05
CA LYS E 28 -22.26 -6.89 39.14
C LYS E 28 -23.17 -8.12 39.05
N ILE E 29 -24.29 -8.03 39.76
CA ILE E 29 -25.36 -9.03 39.69
C ILE E 29 -25.92 -9.18 38.27
N ILE E 30 -26.20 -8.05 37.62
CA ILE E 30 -26.78 -8.07 36.28
C ILE E 30 -25.82 -8.80 35.35
N GLN E 31 -24.52 -8.52 35.49
CA GLN E 31 -23.54 -9.19 34.63
C GLN E 31 -23.42 -10.71 34.88
N LYS E 32 -23.96 -11.22 35.99
CA LYS E 32 -23.97 -12.66 36.21
C LYS E 32 -25.25 -13.29 35.64
N LEU E 33 -26.21 -12.47 35.19
CA LEU E 33 -27.52 -12.99 34.83
C LEU E 33 -27.50 -13.60 33.43
N PRO E 34 -28.41 -14.55 33.15
CA PRO E 34 -28.43 -15.06 31.77
C PRO E 34 -28.65 -13.91 30.79
N LYS E 35 -28.07 -14.03 29.60
CA LYS E 35 -28.08 -12.95 28.62
C LYS E 35 -29.46 -12.63 28.06
N ARG E 36 -30.38 -13.59 28.15
CA ARG E 36 -31.77 -13.33 27.74
C ARG E 36 -32.56 -12.55 28.81
N VAL E 37 -31.98 -12.35 30.01
CA VAL E 37 -32.57 -11.47 31.02
C VAL E 37 -32.19 -10.04 30.69
N HIS E 38 -33.23 -9.24 30.40
CA HIS E 38 -33.07 -7.80 30.22
C HIS E 38 -33.55 -7.00 31.43
N ILE E 39 -33.06 -5.76 31.52
CA ILE E 39 -33.20 -4.92 32.71
C ILE E 39 -33.79 -3.58 32.33
N ASN E 40 -34.95 -3.25 32.87
CA ASN E 40 -35.58 -1.95 32.66
C ASN E 40 -35.48 -1.14 33.93
N VAL E 41 -34.80 0.01 33.83
CA VAL E 41 -34.55 0.90 34.93
C VAL E 41 -35.63 1.97 34.96
N ARG E 42 -36.42 1.99 36.03
CA ARG E 42 -37.64 2.79 36.07
C ARG E 42 -37.59 3.90 37.09
N GLY E 43 -37.89 5.10 36.63
CA GLY E 43 -37.81 6.32 37.42
C GLY E 43 -39.21 6.77 37.78
N PHE E 44 -39.28 7.26 39.01
CA PHE E 44 -40.50 7.63 39.70
C PHE E 44 -40.31 8.92 40.51
N THR E 45 -41.40 9.69 40.65
CA THR E 45 -41.41 10.84 41.55
C THR E 45 -42.57 10.76 42.54
N ASP E 46 -42.51 11.60 43.56
CA ASP E 46 -43.67 11.86 44.42
C ASP E 46 -44.55 12.85 43.64
N ASP E 47 -45.53 13.48 44.28
CA ASP E 47 -46.36 14.51 43.61
C ASP E 47 -46.22 15.93 44.19
N THR E 48 -45.09 16.22 44.81
CA THR E 48 -44.77 17.58 45.21
C THR E 48 -44.79 18.50 43.99
N PRO E 49 -45.59 19.59 44.04
CA PRO E 49 -45.49 20.54 42.93
C PRO E 49 -44.02 20.93 42.63
N LEU E 50 -43.70 21.00 41.35
CA LEU E 50 -42.32 21.29 40.94
C LEU E 50 -41.95 22.74 41.23
N VAL E 51 -41.09 22.92 42.22
CA VAL E 51 -40.69 24.23 42.69
C VAL E 51 -39.18 24.30 42.66
N LYS E 52 -38.67 25.49 42.34
CA LYS E 52 -37.25 25.81 42.36
C LYS E 52 -36.39 24.75 41.67
N THR E 53 -36.81 24.38 40.46
CA THR E 53 -36.11 23.37 39.68
C THR E 53 -36.17 23.61 38.17
N ARG E 54 -35.13 23.11 37.52
CA ARG E 54 -35.03 23.00 36.06
C ARG E 54 -36.20 22.23 35.40
N PHE E 55 -36.68 21.17 36.05
CA PHE E 55 -37.72 20.33 35.45
C PHE E 55 -39.15 20.93 35.42
N LYS E 56 -39.81 20.71 34.29
CA LYS E 56 -41.15 21.20 34.00
C LYS E 56 -42.25 20.23 34.44
N SER E 57 -41.93 18.94 34.36
CA SER E 57 -42.83 17.86 34.69
C SER E 57 -42.09 16.82 35.52
N HIS E 58 -42.86 16.01 36.24
CA HIS E 58 -42.38 14.88 37.00
C HIS E 58 -41.92 13.77 36.09
N TYR E 59 -42.39 13.79 34.84
CA TYR E 59 -41.95 12.79 33.87
C TYR E 59 -40.50 13.04 33.52
N GLU E 60 -40.06 14.30 33.59
CA GLU E 60 -38.69 14.63 33.18
C GLU E 60 -37.71 14.35 34.31
N LEU E 61 -38.05 14.76 35.52
CA LEU E 61 -37.22 14.44 36.67
C LEU E 61 -37.06 12.92 36.77
N ALA E 62 -38.17 12.20 36.66
CA ALA E 62 -38.13 10.72 36.68
C ALA E 62 -37.36 10.10 35.49
N ALA E 63 -37.47 10.69 34.29
CA ALA E 63 -36.65 10.24 33.16
C ALA E 63 -35.16 10.52 33.40
N ASN E 64 -34.83 11.67 33.95
CA ASN E 64 -33.44 11.93 34.35
C ASN E 64 -32.89 11.02 35.49
N ARG E 65 -33.71 10.64 36.47
CA ARG E 65 -33.25 9.67 37.49
C ARG E 65 -32.92 8.27 36.90
N ALA E 66 -33.80 7.75 36.05
CA ALA E 66 -33.65 6.44 35.44
C ALA E 66 -32.49 6.45 34.49
N TYR E 67 -32.47 7.44 33.57
CA TYR E 67 -31.36 7.54 32.62
C TYR E 67 -30.00 7.57 33.32
N ARG E 68 -29.87 8.37 34.38
CA ARG E 68 -28.60 8.52 35.06
C ARG E 68 -28.12 7.22 35.76
N VAL E 69 -29.06 6.49 36.35
CA VAL E 69 -28.75 5.18 36.95
C VAL E 69 -28.33 4.20 35.86
N MET E 70 -29.07 4.13 34.77
CA MET E 70 -28.65 3.37 33.59
C MET E 70 -27.23 3.70 33.00
N LYS E 71 -26.85 4.98 32.87
CA LYS E 71 -25.46 5.35 32.51
C LYS E 71 -24.39 4.80 33.47
N VAL E 72 -24.63 4.89 34.78
CA VAL E 72 -23.73 4.33 35.78
C VAL E 72 -23.63 2.80 35.63
N LEU E 73 -24.74 2.11 35.38
CA LEU E 73 -24.73 0.66 35.13
C LEU E 73 -23.86 0.30 33.90
N ILE E 74 -23.94 1.14 32.84
CA ILE E 74 -23.08 1.01 31.65
C ILE E 74 -21.61 1.31 31.93
N GLN E 75 -21.34 2.32 32.77
CA GLN E 75 -19.96 2.58 33.27
C GLN E 75 -19.35 1.44 34.10
N TYR E 76 -20.19 0.63 34.73
CA TYR E 76 -19.74 -0.48 35.57
C TYR E 76 -19.81 -1.83 34.83
N GLY E 77 -19.89 -1.74 33.51
CA GLY E 77 -19.78 -2.88 32.59
C GLY E 77 -21.02 -3.58 32.05
N VAL E 78 -22.23 -3.17 32.42
CA VAL E 78 -23.43 -3.85 31.92
C VAL E 78 -23.59 -3.49 30.45
N ASN E 79 -23.82 -4.51 29.64
CA ASN E 79 -24.09 -4.42 28.22
C ASN E 79 -25.29 -3.53 27.95
N PRO E 80 -25.11 -2.43 27.17
CA PRO E 80 -26.20 -1.56 26.75
C PRO E 80 -27.40 -2.32 26.15
N ASN E 81 -27.10 -3.38 25.39
CA ASN E 81 -28.11 -4.30 24.84
C ASN E 81 -29.12 -4.90 25.83
N GLN E 82 -28.72 -5.17 27.08
CA GLN E 82 -29.65 -5.65 28.11
C GLN E 82 -30.37 -4.54 28.85
N LEU E 83 -30.18 -3.29 28.47
CA LEU E 83 -30.69 -2.21 29.31
C LEU E 83 -31.69 -1.29 28.58
N SER E 84 -32.67 -0.76 29.33
CA SER E 84 -33.55 0.29 28.85
C SER E 84 -33.88 1.15 30.05
N PHE E 85 -34.43 2.34 29.81
CA PHE E 85 -34.95 3.20 30.89
C PHE E 85 -36.33 3.73 30.57
N SER E 86 -37.15 3.86 31.63
CA SER E 86 -38.52 4.37 31.56
C SER E 86 -38.82 5.37 32.67
N SER E 87 -39.62 6.38 32.34
CA SER E 87 -40.11 7.36 33.27
C SER E 87 -41.57 7.08 33.60
N TYR E 88 -41.92 6.88 34.88
CA TYR E 88 -43.35 6.69 35.24
C TYR E 88 -43.94 7.94 35.87
N GLY E 89 -43.14 9.00 35.94
CA GLY E 89 -43.53 10.23 36.63
C GLY E 89 -43.98 9.97 38.07
N SER E 90 -45.12 10.58 38.39
CA SER E 90 -45.77 10.44 39.69
C SER E 90 -46.72 9.22 39.77
N THR E 91 -46.74 8.42 38.70
CA THR E 91 -47.60 7.24 38.61
C THR E 91 -46.95 6.13 39.40
N ASN E 92 -47.73 5.09 39.66
CA ASN E 92 -47.30 3.94 40.45
C ASN E 92 -46.56 4.24 41.75
N PRO E 93 -47.15 5.03 42.63
CA PRO E 93 -46.35 5.34 43.82
C PRO E 93 -46.20 4.10 44.66
N ILE E 94 -45.16 4.06 45.49
CA ILE E 94 -44.97 3.04 46.54
C ILE E 94 -45.93 3.30 47.68
N ALA E 95 -45.95 4.56 48.11
CA ALA E 95 -46.67 4.95 49.28
C ALA E 95 -47.64 6.06 48.92
N PRO E 96 -48.59 6.36 49.81
CA PRO E 96 -49.45 7.53 49.66
C PRO E 96 -48.66 8.82 49.76
N ASN E 97 -49.04 9.84 48.97
CA ASN E 97 -48.34 11.12 48.94
C ASN E 97 -48.93 12.06 50.00
N ASP E 98 -49.08 11.50 51.20
CA ASP E 98 -49.84 12.09 52.31
C ASP E 98 -48.97 12.50 53.51
N SER E 99 -47.68 12.19 53.46
CA SER E 99 -46.73 12.59 54.48
C SER E 99 -45.33 12.76 53.88
N LEU E 100 -44.47 13.49 54.58
CA LEU E 100 -43.16 13.83 54.05
C LEU E 100 -42.30 12.58 53.95
N GLU E 101 -42.48 11.62 54.86
CA GLU E 101 -41.74 10.35 54.85
C GLU E 101 -42.20 9.42 53.72
N ASN E 102 -43.52 9.37 53.51
CA ASN E 102 -44.09 8.61 52.42
C ASN E 102 -43.76 9.20 51.04
N ARG E 103 -43.93 10.52 50.90
CA ARG E 103 -43.57 11.20 49.63
C ARG E 103 -42.10 10.95 49.24
N MET E 104 -41.22 10.96 50.24
CA MET E 104 -39.80 10.71 50.02
C MET E 104 -39.52 9.32 49.47
N LYS E 105 -40.29 8.31 49.87
CA LYS E 105 -40.13 6.94 49.34
C LYS E 105 -40.51 6.81 47.86
N ASN E 106 -41.29 7.77 47.35
CA ASN E 106 -41.72 7.80 45.94
C ASN E 106 -40.70 8.31 44.95
N ASN E 107 -39.73 9.06 45.45
CA ASN E 107 -38.62 9.59 44.67
C ASN E 107 -37.56 8.50 44.61
N ARG E 108 -37.69 7.64 43.61
CA ARG E 108 -36.82 6.47 43.49
C ARG E 108 -36.74 5.96 42.06
N VAL E 109 -35.77 5.09 41.82
CA VAL E 109 -35.61 4.32 40.60
C VAL E 109 -35.72 2.84 40.96
N GLU E 110 -36.54 2.07 40.23
CA GLU E 110 -36.62 0.61 40.47
C GLU E 110 -36.05 -0.17 39.31
N ILE E 111 -35.48 -1.35 39.61
CA ILE E 111 -34.99 -2.27 38.59
C ILE E 111 -36.04 -3.34 38.34
N PHE E 112 -36.47 -3.45 37.08
CA PHE E 112 -37.34 -4.56 36.65
C PHE E 112 -36.59 -5.51 35.74
N PHE E 113 -36.77 -6.80 35.97
CA PHE E 113 -36.13 -7.83 35.19
C PHE E 113 -37.17 -8.31 34.20
N SER E 114 -36.77 -8.53 32.94
CA SER E 114 -37.58 -9.13 31.90
C SER E 114 -37.06 -10.54 31.65
N THR E 115 -37.83 -11.53 32.11
CA THR E 115 -37.34 -12.89 32.18
C THR E 115 -38.35 -13.99 31.88
N ASP E 116 -37.88 -15.08 31.27
CA ASP E 116 -38.72 -16.26 31.11
C ASP E 116 -38.76 -17.02 32.44
N ALA E 117 -39.61 -18.04 32.52
CA ALA E 117 -39.80 -18.84 33.74
C ALA E 117 -38.54 -19.57 34.22
N ASN E 118 -37.78 -20.14 33.29
CA ASN E 118 -36.60 -20.94 33.65
C ASN E 118 -35.41 -20.12 34.14
N ASP E 119 -35.30 -18.87 33.69
CA ASP E 119 -34.24 -17.97 34.15
C ASP E 119 -34.64 -17.27 35.45
N LEU E 120 -35.93 -17.20 35.74
CA LEU E 120 -36.45 -16.57 36.94
C LEU E 120 -35.77 -17.12 38.18
N SER E 121 -35.55 -18.43 38.19
CA SER E 121 -34.94 -19.13 39.31
C SER E 121 -33.45 -18.79 39.47
N LYS E 122 -32.73 -18.73 38.35
CA LYS E 122 -31.34 -18.31 38.34
C LYS E 122 -31.13 -16.91 38.91
N ILE E 123 -31.99 -15.96 38.50
CA ILE E 123 -31.99 -14.59 39.00
C ILE E 123 -32.17 -14.57 40.53
N HIS E 124 -33.09 -15.41 41.00
CA HIS E 124 -33.45 -15.47 42.42
C HIS E 124 -32.23 -15.90 43.23
N SER E 125 -31.56 -16.96 42.80
CA SER E 125 -30.38 -17.44 43.51
C SER E 125 -29.26 -16.39 43.49
N ILE E 126 -29.02 -15.79 42.33
CA ILE E 126 -27.98 -14.77 42.18
C ILE E 126 -28.25 -13.59 43.11
N LEU E 127 -29.49 -13.13 43.18
CA LEU E 127 -29.85 -12.03 44.07
C LEU E 127 -29.61 -12.39 45.54
N ASP E 128 -29.99 -13.60 45.95
CA ASP E 128 -29.71 -14.08 47.33
C ASP E 128 -28.22 -14.17 47.64
N ASN E 129 -27.44 -14.72 46.71
CA ASN E 129 -25.99 -14.80 46.87
C ASN E 129 -25.39 -13.42 47.16
N GLU E 130 -25.83 -12.40 46.43
CA GLU E 130 -25.34 -11.04 46.70
C GLU E 130 -25.90 -10.47 48.00
N PHE E 131 -27.20 -10.57 48.20
CA PHE E 131 -27.83 -9.79 49.25
C PHE E 131 -28.12 -10.52 50.54
N ASN E 132 -28.25 -11.84 50.48
CA ASN E 132 -28.49 -12.69 51.65
C ASN E 132 -27.33 -13.66 51.93
N PRO E 133 -26.59 -13.45 53.04
CA PRO E 133 -25.47 -14.33 53.42
C PRO E 133 -25.78 -15.82 53.33
N GLY F 1 -33.92 11.04 1.88
CA GLY F 1 -33.75 12.51 2.09
C GLY F 1 -32.92 12.88 3.32
N ILE F 2 -33.25 12.28 4.47
CA ILE F 2 -32.56 12.54 5.74
C ILE F 2 -31.77 11.27 6.08
N ASP F 3 -30.45 11.40 6.13
CA ASP F 3 -29.57 10.24 6.26
C ASP F 3 -29.42 9.75 7.69
N PRO F 4 -29.24 8.42 7.85
CA PRO F 4 -28.88 7.90 9.15
C PRO F 4 -27.51 8.37 9.56
N PHE F 5 -27.13 8.03 10.79
CA PHE F 5 -25.76 8.23 11.26
C PHE F 5 -25.04 6.96 10.87
N THR F 6 -24.18 7.10 9.86
CA THR F 6 -23.47 5.94 9.31
C THR F 6 -22.10 5.87 9.94
N PHE F 7 -21.74 4.66 10.35
CA PHE F 7 -20.49 4.39 11.06
C PHE F 7 -19.34 4.06 10.11
N GLU F 8 -18.17 4.26 10.68
CA GLU F 8 -16.95 4.40 9.93
C GLU F 8 -16.58 3.03 9.37
N ASN F 9 -16.59 2.01 10.22
CA ASN F 9 -16.33 0.64 9.78
C ASN F 9 -17.26 -0.32 10.49
N ALA F 10 -17.18 -1.58 10.09
CA ALA F 10 -18.10 -2.63 10.55
C ALA F 10 -18.16 -2.80 12.07
N THR F 11 -17.02 -2.61 12.74
CA THR F 11 -16.92 -2.91 14.17
C THR F 11 -16.80 -1.68 15.10
N SER F 12 -16.99 -0.50 14.54
CA SER F 12 -16.75 0.73 15.28
C SER F 12 -18.04 1.34 15.80
N ASP F 13 -18.05 1.79 17.05
CA ASP F 13 -19.13 2.62 17.59
C ASP F 13 -18.59 4.03 17.87
N ALA F 14 -17.48 4.39 17.24
CA ALA F 14 -16.92 5.72 17.38
C ALA F 14 -17.76 6.70 16.60
N ILE F 15 -17.91 7.90 17.16
CA ILE F 15 -18.74 8.96 16.59
C ILE F 15 -17.77 10.07 16.22
N ASN F 16 -17.39 10.14 14.94
CA ASN F 16 -16.45 11.19 14.50
C ASN F 16 -17.03 12.61 14.51
N GLN F 17 -16.17 13.55 14.15
CA GLN F 17 -16.49 14.96 14.24
C GLN F 17 -17.71 15.35 13.41
N ASP F 18 -17.75 14.82 12.19
CA ASP F 18 -18.84 15.09 11.25
C ASP F 18 -20.16 14.49 11.74
N MET F 19 -20.09 13.31 12.37
CA MET F 19 -21.28 12.73 12.98
C MET F 19 -21.81 13.58 14.13
N MET F 20 -20.89 13.99 15.01
CA MET F 20 -21.21 14.82 16.18
C MET F 20 -22.00 16.07 15.82
N LEU F 21 -21.57 16.73 14.74
CA LEU F 21 -22.27 17.93 14.27
C LEU F 21 -23.62 17.59 13.61
N TYR F 22 -23.70 16.46 12.92
CA TYR F 22 -24.95 16.03 12.35
C TYR F 22 -25.95 15.64 13.45
N ILE F 23 -25.45 15.02 14.52
CA ILE F 23 -26.30 14.65 15.65
C ILE F 23 -26.81 15.94 16.33
N GLU F 24 -25.93 16.92 16.45
CA GLU F 24 -26.27 18.23 17.03
C GLU F 24 -27.41 18.90 16.26
N ARG F 25 -27.33 18.76 14.95
CA ARG F 25 -28.34 19.29 14.06
C ARG F 25 -29.70 18.63 14.34
N ILE F 26 -29.68 17.30 14.48
CA ILE F 26 -30.89 16.54 14.81
C ILE F 26 -31.43 16.85 16.22
N ALA F 27 -30.55 16.89 17.23
CA ALA F 27 -30.88 17.39 18.58
C ALA F 27 -31.60 18.74 18.57
N LYS F 28 -31.15 19.66 17.69
CA LYS F 28 -31.78 20.98 17.51
C LYS F 28 -33.20 20.88 16.95
N ILE F 29 -33.35 20.00 15.97
CA ILE F 29 -34.65 19.65 15.40
C ILE F 29 -35.60 19.09 16.43
N ILE F 30 -35.14 18.11 17.19
CA ILE F 30 -35.99 17.43 18.19
C ILE F 30 -36.62 18.40 19.16
N GLN F 31 -35.81 19.37 19.60
CA GLN F 31 -36.19 20.34 20.62
C GLN F 31 -37.24 21.34 20.15
N LYS F 32 -37.40 21.50 18.84
CA LYS F 32 -38.50 22.28 18.30
C LYS F 32 -39.82 21.48 18.20
N LEU F 33 -39.75 20.15 18.23
CA LEU F 33 -40.93 19.31 18.02
C LEU F 33 -41.93 19.35 19.18
N PRO F 34 -43.19 18.96 18.90
CA PRO F 34 -44.12 18.85 20.02
C PRO F 34 -43.69 17.81 21.07
N LYS F 35 -43.89 18.21 22.29
CA LYS F 35 -43.72 17.50 23.55
C LYS F 35 -44.08 16.00 23.54
N ARG F 36 -45.22 15.69 22.92
CA ARG F 36 -45.74 14.35 22.84
C ARG F 36 -45.06 13.48 21.78
N VAL F 37 -44.15 14.06 21.00
CA VAL F 37 -43.31 13.30 20.08
C VAL F 37 -42.06 12.75 20.79
N HIS F 38 -41.88 11.43 20.72
CA HIS F 38 -40.73 10.75 21.30
C HIS F 38 -39.92 10.23 20.15
N ILE F 39 -38.64 10.04 20.45
CA ILE F 39 -37.62 9.63 19.51
C ILE F 39 -37.01 8.31 20.01
N ASN F 40 -36.98 7.30 19.12
CA ASN F 40 -36.32 6.02 19.36
C ASN F 40 -35.05 6.01 18.50
N VAL F 41 -33.94 5.86 19.23
CA VAL F 41 -32.63 5.76 18.60
C VAL F 41 -32.28 4.27 18.31
N ARG F 42 -32.26 3.87 17.04
CA ARG F 42 -32.16 2.48 16.62
C ARG F 42 -30.79 2.15 16.04
N GLY F 43 -30.16 1.12 16.60
CA GLY F 43 -28.84 0.70 16.18
C GLY F 43 -28.86 -0.57 15.36
N PHE F 44 -28.04 -0.56 14.30
CA PHE F 44 -27.95 -1.59 13.28
C PHE F 44 -26.49 -1.85 12.89
N THR F 45 -26.25 -3.06 12.37
CA THR F 45 -24.98 -3.48 11.83
C THR F 45 -25.17 -4.17 10.49
N ASP F 46 -24.05 -4.42 9.83
CA ASP F 46 -23.98 -5.30 8.71
C ASP F 46 -23.81 -6.70 9.27
N ASP F 47 -23.61 -7.68 8.40
CA ASP F 47 -23.42 -9.07 8.83
C ASP F 47 -21.95 -9.53 8.93
N THR F 48 -20.99 -8.60 8.95
CA THR F 48 -19.56 -8.94 8.92
C THR F 48 -19.11 -9.59 10.23
N PRO F 49 -18.14 -10.52 10.16
CA PRO F 49 -17.78 -11.29 11.35
C PRO F 49 -17.15 -10.41 12.44
N LEU F 50 -17.56 -10.67 13.68
CA LEU F 50 -16.98 -9.95 14.80
C LEU F 50 -15.62 -10.63 15.08
N VAL F 51 -14.57 -9.97 14.62
CA VAL F 51 -13.18 -10.42 14.81
C VAL F 51 -12.28 -9.23 15.17
N LYS F 52 -11.34 -9.46 16.09
CA LYS F 52 -10.48 -8.40 16.63
C LYS F 52 -11.34 -7.28 17.21
N THR F 53 -12.38 -7.69 17.95
CA THR F 53 -13.38 -6.78 18.47
C THR F 53 -13.78 -7.17 19.89
N ARG F 54 -14.05 -6.15 20.71
CA ARG F 54 -14.59 -6.34 22.06
C ARG F 54 -16.01 -6.91 22.02
N PHE F 55 -16.70 -6.73 20.89
CA PHE F 55 -18.11 -7.09 20.77
C PHE F 55 -18.35 -8.58 20.49
N LYS F 56 -19.19 -9.17 21.34
CA LYS F 56 -19.59 -10.57 21.23
C LYS F 56 -20.71 -10.83 20.21
N SER F 57 -21.59 -9.84 20.02
CA SER F 57 -22.71 -9.94 19.09
C SER F 57 -22.93 -8.62 18.36
N HIS F 58 -23.65 -8.70 17.25
CA HIS F 58 -24.04 -7.52 16.48
C HIS F 58 -25.09 -6.73 17.25
N TYR F 59 -25.83 -7.42 18.12
CA TYR F 59 -26.77 -6.74 19.01
C TYR F 59 -26.07 -5.78 19.96
N GLU F 60 -24.93 -6.26 20.44
CA GLU F 60 -24.14 -5.52 21.40
C GLU F 60 -23.56 -4.30 20.73
N LEU F 61 -23.02 -4.49 19.53
CA LEU F 61 -22.44 -3.38 18.79
C LEU F 61 -23.53 -2.35 18.47
N ALA F 62 -24.63 -2.83 17.90
CA ALA F 62 -25.76 -2.01 17.51
C ALA F 62 -26.30 -1.19 18.70
N ALA F 63 -26.35 -1.80 19.88
CA ALA F 63 -26.91 -1.17 21.05
C ALA F 63 -25.96 -0.08 21.56
N ASN F 64 -24.68 -0.42 21.69
CA ASN F 64 -23.66 0.59 21.96
C ASN F 64 -23.72 1.81 21.02
N ARG F 65 -23.95 1.55 19.73
CA ARG F 65 -23.96 2.60 18.72
C ARG F 65 -25.18 3.47 18.96
N ALA F 66 -26.34 2.83 19.19
CA ALA F 66 -27.58 3.55 19.49
C ALA F 66 -27.52 4.31 20.83
N TYR F 67 -26.96 3.68 21.86
CA TYR F 67 -26.82 4.30 23.18
C TYR F 67 -25.98 5.58 23.19
N ARG F 68 -24.87 5.54 22.45
CA ARG F 68 -23.97 6.68 22.37
C ARG F 68 -24.57 7.85 21.62
N VAL F 69 -25.31 7.57 20.56
CA VAL F 69 -25.98 8.62 19.75
C VAL F 69 -27.01 9.36 20.61
N MET F 70 -27.82 8.57 21.31
CA MET F 70 -28.79 9.04 22.29
C MET F 70 -28.12 9.88 23.41
N LYS F 71 -27.03 9.37 23.94
CA LYS F 71 -26.22 10.08 24.94
C LYS F 71 -25.78 11.44 24.43
N VAL F 72 -25.27 11.45 23.20
CA VAL F 72 -24.87 12.70 22.53
C VAL F 72 -26.06 13.63 22.38
N LEU F 73 -27.21 13.08 21.98
CA LEU F 73 -28.43 13.91 21.86
C LEU F 73 -28.87 14.55 23.16
N ILE F 74 -28.68 13.82 24.27
CA ILE F 74 -29.01 14.32 25.61
C ILE F 74 -28.00 15.38 26.06
N GLN F 75 -26.74 15.20 25.69
CA GLN F 75 -25.71 16.21 25.90
C GLN F 75 -25.93 17.49 25.09
N TYR F 76 -26.51 17.38 23.89
CA TYR F 76 -26.91 18.58 23.12
C TYR F 76 -28.29 19.11 23.54
N GLY F 77 -28.83 18.64 24.67
CA GLY F 77 -30.09 19.15 25.15
C GLY F 77 -31.43 18.48 24.83
N VAL F 78 -31.47 17.36 24.12
CA VAL F 78 -32.74 16.65 24.01
C VAL F 78 -33.16 16.09 25.37
N ASN F 79 -34.44 16.21 25.69
CA ASN F 79 -34.91 15.76 26.98
C ASN F 79 -34.88 14.21 27.00
N PRO F 80 -34.24 13.60 28.02
CA PRO F 80 -34.23 12.16 28.13
C PRO F 80 -35.63 11.49 28.25
N ASN F 81 -36.66 12.23 28.62
CA ASN F 81 -38.04 11.75 28.65
C ASN F 81 -38.61 11.47 27.26
N GLN F 82 -38.13 12.19 26.24
CA GLN F 82 -38.48 11.94 24.85
C GLN F 82 -37.65 10.85 24.17
N LEU F 83 -36.70 10.21 24.86
CA LEU F 83 -35.72 9.33 24.18
C LEU F 83 -35.70 7.89 24.61
N SER F 84 -35.31 7.06 23.67
CA SER F 84 -35.12 5.63 23.93
C SER F 84 -34.10 5.13 22.91
N PHE F 85 -33.49 3.99 23.25
CA PHE F 85 -32.64 3.34 22.29
C PHE F 85 -33.03 1.87 22.15
N SER F 86 -32.81 1.35 20.95
CA SER F 86 -33.08 -0.02 20.59
C SER F 86 -31.97 -0.56 19.70
N SER F 87 -31.62 -1.82 19.93
CA SER F 87 -30.75 -2.57 19.02
C SER F 87 -31.52 -3.53 18.14
N TYR F 88 -31.25 -3.46 16.83
CA TYR F 88 -31.77 -4.44 15.86
C TYR F 88 -30.67 -5.37 15.29
N GLY F 89 -29.42 -5.23 15.75
CA GLY F 89 -28.30 -6.05 15.25
C GLY F 89 -28.10 -5.92 13.74
N SER F 90 -27.83 -7.04 13.09
CA SER F 90 -27.83 -7.13 11.63
C SER F 90 -29.23 -7.30 11.03
N THR F 91 -30.28 -7.33 11.85
CA THR F 91 -31.63 -7.46 11.32
C THR F 91 -31.99 -6.19 10.56
N ASN F 92 -32.94 -6.33 9.63
CA ASN F 92 -33.53 -5.20 8.92
C ASN F 92 -32.54 -4.33 8.15
N PRO F 93 -31.63 -4.96 7.38
CA PRO F 93 -30.68 -4.15 6.62
C PRO F 93 -31.38 -3.24 5.63
N ILE F 94 -30.79 -2.08 5.34
CA ILE F 94 -31.31 -1.20 4.28
C ILE F 94 -30.91 -1.72 2.91
N ALA F 95 -29.87 -2.53 2.85
CA ALA F 95 -29.51 -3.22 1.62
C ALA F 95 -28.99 -4.62 1.95
N PRO F 96 -29.12 -5.56 1.01
CA PRO F 96 -28.55 -6.88 1.24
C PRO F 96 -27.03 -6.81 1.42
N ASN F 97 -26.50 -7.59 2.37
CA ASN F 97 -25.06 -7.57 2.68
C ASN F 97 -24.17 -8.32 1.66
N ASP F 98 -24.23 -7.88 0.41
CA ASP F 98 -23.61 -8.59 -0.72
C ASP F 98 -22.62 -7.72 -1.49
N SER F 99 -22.03 -6.76 -0.80
CA SER F 99 -21.07 -5.81 -1.37
C SER F 99 -20.56 -4.89 -0.28
N LEU F 100 -19.28 -4.53 -0.37
CA LEU F 100 -18.65 -3.67 0.63
C LEU F 100 -19.47 -2.40 0.92
N GLU F 101 -19.99 -1.78 -0.14
CA GLU F 101 -20.79 -0.56 -0.02
C GLU F 101 -22.14 -0.82 0.61
N ASN F 102 -22.82 -1.90 0.25
CA ASN F 102 -24.08 -2.22 0.92
C ASN F 102 -23.85 -2.48 2.39
N ARG F 103 -22.84 -3.31 2.67
CA ARG F 103 -22.49 -3.66 4.04
C ARG F 103 -22.11 -2.41 4.83
N MET F 104 -21.47 -1.44 4.18
CA MET F 104 -21.15 -0.15 4.80
C MET F 104 -22.42 0.62 5.15
N LYS F 105 -23.36 0.67 4.21
CA LYS F 105 -24.65 1.34 4.44
C LYS F 105 -25.36 0.82 5.71
N ASN F 106 -25.22 -0.47 5.97
CA ASN F 106 -25.93 -1.20 7.03
C ASN F 106 -25.45 -0.92 8.46
N ASN F 107 -24.27 -0.35 8.59
CA ASN F 107 -23.73 0.04 9.89
C ASN F 107 -24.15 1.46 10.19
N ARG F 108 -25.33 1.61 10.80
CA ARG F 108 -25.88 2.94 11.07
C ARG F 108 -26.83 2.94 12.25
N VAL F 109 -27.25 4.16 12.61
CA VAL F 109 -28.28 4.42 13.59
C VAL F 109 -29.34 5.25 12.90
N GLU F 110 -30.59 4.88 13.09
CA GLU F 110 -31.72 5.64 12.57
C GLU F 110 -32.60 6.24 13.67
N ILE F 111 -33.19 7.38 13.35
CA ILE F 111 -34.10 8.08 14.25
C ILE F 111 -35.50 7.73 13.81
N PHE F 112 -36.25 7.13 14.74
CA PHE F 112 -37.68 6.92 14.59
C PHE F 112 -38.45 7.85 15.50
N PHE F 113 -39.45 8.48 14.92
CA PHE F 113 -40.39 9.33 15.60
C PHE F 113 -41.62 8.54 16.03
N SER F 114 -42.16 8.92 17.18
CA SER F 114 -43.41 8.38 17.71
C SER F 114 -44.31 9.59 17.82
N THR F 115 -45.42 9.59 17.06
CA THR F 115 -46.21 10.79 16.89
C THR F 115 -47.67 10.47 16.53
N ASP F 116 -48.62 11.27 16.97
CA ASP F 116 -49.97 11.16 16.42
C ASP F 116 -50.00 11.89 15.05
N ALA F 117 -51.17 11.90 14.41
CA ALA F 117 -51.35 12.35 13.03
C ALA F 117 -51.25 13.85 12.91
N ASN F 118 -51.82 14.53 13.89
CA ASN F 118 -51.78 15.96 13.94
C ASN F 118 -50.37 16.55 14.16
N ASP F 119 -49.59 15.99 15.08
CA ASP F 119 -48.19 16.39 15.28
C ASP F 119 -47.26 15.93 14.15
N LEU F 120 -47.65 14.90 13.40
CA LEU F 120 -46.88 14.40 12.26
C LEU F 120 -46.71 15.45 11.18
N SER F 121 -47.72 16.28 11.01
CA SER F 121 -47.67 17.42 10.11
C SER F 121 -46.70 18.49 10.58
N LYS F 122 -46.61 18.67 11.90
CA LYS F 122 -45.64 19.59 12.50
C LYS F 122 -44.19 19.11 12.44
N ILE F 123 -43.95 17.82 12.59
CA ILE F 123 -42.62 17.27 12.44
C ILE F 123 -42.17 17.54 11.02
N HIS F 124 -43.06 17.25 10.06
CA HIS F 124 -42.79 17.38 8.62
C HIS F 124 -42.34 18.79 8.21
N SER F 125 -43.08 19.82 8.61
CA SER F 125 -42.68 21.22 8.41
C SER F 125 -41.30 21.51 8.98
N ILE F 126 -41.10 21.16 10.24
CA ILE F 126 -39.84 21.42 10.92
C ILE F 126 -38.69 20.70 10.20
N LEU F 127 -38.91 19.45 9.76
CA LEU F 127 -37.89 18.72 9.00
C LEU F 127 -37.62 19.39 7.65
N ASP F 128 -38.68 19.70 6.92
CA ASP F 128 -38.57 20.41 5.64
C ASP F 128 -37.82 21.72 5.77
N ASN F 129 -38.12 22.50 6.81
CA ASN F 129 -37.43 23.78 7.08
C ASN F 129 -35.93 23.67 7.27
N GLU F 130 -35.50 22.61 7.94
CA GLU F 130 -34.10 22.39 8.22
C GLU F 130 -33.35 21.69 7.09
N PHE F 131 -33.98 20.73 6.43
CA PHE F 131 -33.25 19.88 5.48
C PHE F 131 -33.61 20.06 4.02
N ASN F 132 -34.74 20.69 3.74
CA ASN F 132 -35.04 21.18 2.39
C ASN F 132 -35.97 22.39 2.41
N PRO F 133 -35.47 23.53 2.88
CA PRO F 133 -36.26 24.75 2.87
C PRO F 133 -36.53 25.37 1.51
N HIS F 134 -35.70 25.08 0.51
CA HIS F 134 -35.50 26.04 -0.59
C HIS F 134 -35.31 27.47 -0.05
N GLY G 1 -57.35 17.64 13.08
CA GLY G 1 -58.02 16.86 12.00
C GLY G 1 -58.33 15.45 12.46
N ILE G 2 -57.58 14.48 11.94
CA ILE G 2 -57.76 13.05 12.24
C ILE G 2 -58.11 12.84 13.71
N ASP G 3 -59.40 12.67 13.99
CA ASP G 3 -59.92 12.55 15.36
C ASP G 3 -59.53 11.24 16.02
N PRO G 4 -59.48 11.22 17.37
CA PRO G 4 -59.36 9.95 18.07
C PRO G 4 -60.70 9.16 18.03
N PHE G 5 -60.67 7.95 18.55
CA PHE G 5 -61.86 7.15 18.67
C PHE G 5 -62.33 7.45 20.08
N THR G 6 -63.47 8.11 20.20
CA THR G 6 -64.06 8.51 21.47
C THR G 6 -65.17 7.55 21.87
N PHE G 7 -65.19 7.10 23.12
CA PHE G 7 -66.21 6.13 23.59
C PHE G 7 -67.45 6.82 24.21
N GLU G 8 -68.55 6.06 24.29
CA GLU G 8 -69.90 6.55 24.65
C GLU G 8 -70.01 7.22 26.00
N ASN G 9 -69.53 6.50 27.00
CA ASN G 9 -69.60 6.94 28.39
C ASN G 9 -68.35 6.54 29.13
N ALA G 10 -68.23 7.07 30.33
CA ALA G 10 -67.07 6.92 31.19
C ALA G 10 -66.56 5.49 31.42
N THR G 11 -67.48 4.54 31.55
CA THR G 11 -67.18 3.18 31.96
C THR G 11 -67.15 2.15 30.80
N SER G 12 -67.50 2.59 29.59
CA SER G 12 -67.72 1.70 28.44
C SER G 12 -66.47 1.42 27.61
N ASP G 13 -66.38 0.21 27.08
CA ASP G 13 -65.35 -0.16 26.10
C ASP G 13 -66.01 -0.70 24.80
N ALA G 14 -67.33 -0.49 24.71
CA ALA G 14 -68.14 -0.81 23.54
C ALA G 14 -67.71 0.02 22.33
N ILE G 15 -67.45 -0.67 21.21
CA ILE G 15 -67.27 -0.08 19.88
C ILE G 15 -68.64 -0.17 19.18
N ASN G 16 -69.31 0.96 19.05
CA ASN G 16 -70.54 1.04 18.27
C ASN G 16 -70.26 1.02 16.77
N GLN G 17 -71.31 1.05 15.94
CA GLN G 17 -71.15 0.91 14.47
C GLN G 17 -70.47 2.08 13.73
N ASP G 18 -70.64 3.28 14.25
CA ASP G 18 -70.00 4.47 13.68
C ASP G 18 -68.50 4.45 13.95
N MET G 19 -68.11 3.82 15.07
CA MET G 19 -66.71 3.67 15.41
C MET G 19 -66.07 2.54 14.61
N MET G 20 -66.81 1.45 14.35
CA MET G 20 -66.38 0.41 13.41
C MET G 20 -66.07 0.99 12.02
N LEU G 21 -66.95 1.84 11.52
CA LEU G 21 -66.77 2.49 10.21
C LEU G 21 -65.53 3.36 10.21
N TYR G 22 -65.34 4.12 11.28
CA TYR G 22 -64.14 4.93 11.47
C TYR G 22 -62.87 4.08 11.63
N ILE G 23 -62.91 2.97 12.36
CA ILE G 23 -61.73 2.11 12.48
C ILE G 23 -61.40 1.44 11.14
N GLU G 24 -62.44 1.18 10.35
CA GLU G 24 -62.26 0.56 9.02
C GLU G 24 -61.43 1.43 8.09
N ARG G 25 -61.60 2.73 8.28
CA ARG G 25 -61.01 3.75 7.46
C ARG G 25 -59.56 4.01 7.87
N ILE G 26 -59.29 3.90 9.17
CA ILE G 26 -57.94 3.99 9.68
C ILE G 26 -57.13 2.75 9.27
N ALA G 27 -57.74 1.55 9.32
CA ALA G 27 -57.14 0.33 8.76
C ALA G 27 -56.79 0.44 7.25
N LYS G 28 -57.68 1.06 6.48
CA LYS G 28 -57.44 1.30 5.04
C LYS G 28 -56.16 2.11 4.82
N ILE G 29 -56.03 3.19 5.58
CA ILE G 29 -54.85 4.05 5.60
C ILE G 29 -53.56 3.32 5.99
N ILE G 30 -53.62 2.55 7.07
CA ILE G 30 -52.45 1.86 7.60
C ILE G 30 -51.85 0.86 6.63
N GLN G 31 -52.67 0.24 5.78
CA GLN G 31 -52.19 -0.74 4.82
C GLN G 31 -51.57 -0.11 3.56
N LYS G 32 -51.79 1.19 3.37
CA LYS G 32 -51.12 1.96 2.32
C LYS G 32 -49.77 2.49 2.79
N LEU G 33 -49.53 2.49 4.10
CA LEU G 33 -48.28 3.05 4.66
C LEU G 33 -47.08 2.12 4.43
N PRO G 34 -45.86 2.68 4.44
CA PRO G 34 -44.65 1.89 4.37
C PRO G 34 -44.60 0.88 5.50
N LYS G 35 -44.11 -0.32 5.19
CA LYS G 35 -44.11 -1.49 6.07
C LYS G 35 -43.23 -1.36 7.32
N ARG G 36 -42.26 -0.44 7.30
CA ARG G 36 -41.46 -0.16 8.50
C ARG G 36 -42.13 0.81 9.47
N VAL G 37 -43.30 1.34 9.10
CA VAL G 37 -44.03 2.22 9.97
C VAL G 37 -44.86 1.28 10.81
N HIS G 38 -44.74 1.41 12.13
CA HIS G 38 -45.53 0.63 13.04
C HIS G 38 -46.60 1.53 13.69
N ILE G 39 -47.67 0.91 14.20
CA ILE G 39 -48.81 1.60 14.84
C ILE G 39 -49.01 1.18 16.31
N ASN G 40 -49.10 2.16 17.19
CA ASN G 40 -49.34 1.95 18.61
C ASN G 40 -50.71 2.54 18.88
N VAL G 41 -51.61 1.69 19.37
CA VAL G 41 -52.96 2.06 19.72
C VAL G 41 -53.06 2.37 21.22
N ARG G 42 -53.41 3.61 21.55
CA ARG G 42 -53.27 4.07 22.92
C ARG G 42 -54.60 4.41 23.55
N GLY G 43 -54.84 3.85 24.73
CA GLY G 43 -56.12 4.00 25.44
C GLY G 43 -56.00 4.91 26.64
N PHE G 44 -57.09 5.64 26.90
CA PHE G 44 -57.16 6.69 27.90
C PHE G 44 -58.58 6.71 28.45
N THR G 45 -58.73 7.18 29.68
CA THR G 45 -60.04 7.47 30.26
C THR G 45 -60.10 8.90 30.77
N ASP G 46 -61.32 9.31 31.10
CA ASP G 46 -61.56 10.45 31.96
C ASP G 46 -61.22 10.04 33.41
N ASP G 47 -61.57 10.87 34.38
CA ASP G 47 -61.21 10.60 35.77
C ASP G 47 -62.38 10.15 36.66
N THR G 48 -63.51 9.82 36.02
CA THR G 48 -64.70 9.24 36.64
C THR G 48 -64.37 8.07 37.57
N PRO G 49 -64.51 8.26 38.91
CA PRO G 49 -64.37 7.08 39.78
C PRO G 49 -65.15 5.89 39.24
N LEU G 50 -64.59 4.68 39.37
CA LEU G 50 -65.11 3.49 38.70
C LEU G 50 -66.19 2.74 39.46
N VAL G 51 -67.33 3.43 39.62
CA VAL G 51 -68.54 2.86 40.24
C VAL G 51 -69.38 2.05 39.24
N LYS G 52 -70.20 1.14 39.78
CA LYS G 52 -71.12 0.29 39.01
C LYS G 52 -70.43 -0.36 37.80
N THR G 53 -69.24 -0.91 38.03
CA THR G 53 -68.40 -1.41 36.93
C THR G 53 -67.52 -2.63 37.28
N ARG G 54 -67.06 -3.34 36.25
CA ARG G 54 -66.22 -4.52 36.42
C ARG G 54 -64.72 -4.22 36.34
N PHE G 55 -64.36 -3.10 35.72
CA PHE G 55 -62.97 -2.64 35.67
C PHE G 55 -62.49 -2.19 37.05
N LYS G 56 -61.29 -2.60 37.43
CA LYS G 56 -60.72 -2.36 38.78
C LYS G 56 -59.77 -1.14 38.86
N SER G 57 -59.45 -0.59 37.69
CA SER G 57 -58.65 0.61 37.54
C SER G 57 -58.94 1.22 36.18
N HIS G 58 -58.63 2.50 36.06
CA HIS G 58 -58.61 3.17 34.76
C HIS G 58 -57.58 2.62 33.78
N TYR G 59 -56.42 2.14 34.25
CA TYR G 59 -55.46 1.49 33.37
C TYR G 59 -56.08 0.28 32.66
N GLU G 60 -56.84 -0.51 33.42
CA GLU G 60 -57.60 -1.64 32.88
C GLU G 60 -58.67 -1.28 31.84
N LEU G 61 -59.50 -0.28 32.12
CA LEU G 61 -60.48 0.18 31.15
C LEU G 61 -59.76 0.65 29.89
N ALA G 62 -58.68 1.40 30.08
CA ALA G 62 -57.95 1.98 28.97
C ALA G 62 -57.37 0.88 28.06
N ALA G 63 -56.80 -0.14 28.70
CA ALA G 63 -56.21 -1.28 28.02
C ALA G 63 -57.22 -2.06 27.20
N ASN G 64 -58.38 -2.31 27.80
CA ASN G 64 -59.46 -2.97 27.09
C ASN G 64 -59.93 -2.19 25.87
N ARG G 65 -60.01 -0.85 25.99
CA ARG G 65 -60.36 0.01 24.84
C ARG G 65 -59.35 -0.12 23.69
N ALA G 66 -58.08 0.04 24.03
CA ALA G 66 -57.01 0.05 23.04
C ALA G 66 -56.88 -1.34 22.40
N TYR G 67 -56.91 -2.35 23.24
CA TYR G 67 -56.86 -3.72 22.79
C TYR G 67 -58.03 -4.00 21.81
N ARG G 68 -59.23 -3.51 22.11
CA ARG G 68 -60.41 -3.78 21.27
C ARG G 68 -60.35 -3.08 19.91
N VAL G 69 -60.02 -1.79 19.90
CA VAL G 69 -59.69 -1.09 18.64
C VAL G 69 -58.60 -1.87 17.83
N MET G 70 -57.55 -2.33 18.51
CA MET G 70 -56.45 -3.02 17.85
C MET G 70 -56.98 -4.32 17.21
N LYS G 71 -57.84 -5.06 17.93
CA LYS G 71 -58.50 -6.23 17.37
C LYS G 71 -59.28 -5.92 16.10
N VAL G 72 -59.98 -4.79 16.11
CA VAL G 72 -60.80 -4.41 14.96
C VAL G 72 -59.91 -4.01 13.78
N LEU G 73 -58.78 -3.36 14.03
CA LEU G 73 -57.83 -3.05 12.95
C LEU G 73 -57.28 -4.33 12.29
N ILE G 74 -57.01 -5.32 13.11
CA ILE G 74 -56.55 -6.62 12.63
C ILE G 74 -57.63 -7.35 11.86
N GLN G 75 -58.90 -7.05 12.17
CA GLN G 75 -60.07 -7.68 11.56
C GLN G 75 -60.24 -7.11 10.16
N TYR G 76 -59.96 -5.82 10.00
CA TYR G 76 -59.95 -5.22 8.67
C TYR G 76 -58.63 -5.42 7.91
N GLY G 77 -57.74 -6.30 8.36
CA GLY G 77 -56.56 -6.72 7.59
C GLY G 77 -55.20 -6.14 7.99
N VAL G 78 -55.11 -5.24 8.96
CA VAL G 78 -53.82 -4.73 9.41
C VAL G 78 -52.96 -5.88 10.00
N ASN G 79 -51.69 -5.96 9.62
CA ASN G 79 -50.88 -7.08 10.07
C ASN G 79 -50.55 -6.91 11.55
N PRO G 80 -50.75 -7.97 12.36
CA PRO G 80 -50.35 -7.96 13.76
C PRO G 80 -48.87 -7.56 14.01
N ASN G 81 -48.00 -7.81 13.03
CA ASN G 81 -46.62 -7.40 13.11
C ASN G 81 -46.47 -5.87 13.18
N GLN G 82 -47.39 -5.14 12.59
CA GLN G 82 -47.26 -3.68 12.69
C GLN G 82 -47.77 -3.04 13.98
N LEU G 83 -48.45 -3.84 14.81
CA LEU G 83 -49.36 -3.31 15.82
C LEU G 83 -48.95 -3.59 17.26
N SER G 84 -49.35 -2.68 18.15
CA SER G 84 -49.22 -2.83 19.60
C SER G 84 -50.31 -1.98 20.26
N PHE G 85 -50.67 -2.27 21.52
CA PHE G 85 -51.67 -1.44 22.24
C PHE G 85 -51.04 -0.96 23.57
N SER G 86 -51.43 0.20 24.07
CA SER G 86 -50.92 0.74 25.33
C SER G 86 -52.04 1.41 26.14
N SER G 87 -52.02 1.21 27.45
CA SER G 87 -52.92 1.88 28.34
C SER G 87 -52.21 3.05 29.05
N TYR G 88 -52.87 4.20 29.09
CA TYR G 88 -52.37 5.39 29.75
C TYR G 88 -53.27 5.77 30.92
N GLY G 89 -54.28 4.97 31.17
CA GLY G 89 -55.25 5.25 32.23
C GLY G 89 -55.93 6.59 32.13
N SER G 90 -56.14 7.23 33.28
CA SER G 90 -56.71 8.57 33.35
C SER G 90 -55.64 9.67 33.22
N THR G 91 -54.41 9.27 32.90
CA THR G 91 -53.29 10.19 32.78
C THR G 91 -53.41 10.81 31.41
N ASN G 92 -52.67 11.89 31.21
CA ASN G 92 -52.63 12.56 29.90
C ASN G 92 -53.95 13.04 29.33
N PRO G 93 -54.86 13.61 30.16
CA PRO G 93 -56.11 14.12 29.57
C PRO G 93 -55.87 15.13 28.45
N ILE G 94 -56.69 15.10 27.41
CA ILE G 94 -56.74 16.18 26.41
C ILE G 94 -57.70 17.33 26.80
N ALA G 95 -58.74 17.07 27.60
CA ALA G 95 -59.70 18.08 28.04
C ALA G 95 -59.65 18.20 29.57
N PRO G 96 -60.13 19.33 30.12
CA PRO G 96 -60.38 19.26 31.57
C PRO G 96 -61.46 18.24 31.90
N ASN G 97 -61.41 17.61 33.07
CA ASN G 97 -62.44 16.65 33.49
C ASN G 97 -63.52 17.35 34.28
N ASP G 98 -63.92 18.56 33.83
CA ASP G 98 -64.76 19.44 34.62
C ASP G 98 -66.23 19.19 34.31
N SER G 99 -66.56 19.09 33.03
CA SER G 99 -67.90 18.75 32.61
C SER G 99 -67.94 17.34 31.99
N LEU G 100 -69.16 16.79 31.95
CA LEU G 100 -69.46 15.55 31.23
C LEU G 100 -69.04 15.66 29.76
N GLU G 101 -69.30 16.80 29.15
CA GLU G 101 -68.95 17.05 27.74
C GLU G 101 -67.42 16.94 27.55
N ASN G 102 -66.66 17.45 28.50
CA ASN G 102 -65.20 17.41 28.42
C ASN G 102 -64.65 16.04 28.88
N ARG G 103 -65.24 15.47 29.92
CA ARG G 103 -64.81 14.14 30.37
C ARG G 103 -64.89 13.12 29.23
N MET G 104 -66.00 13.16 28.49
CA MET G 104 -66.16 12.33 27.28
C MET G 104 -64.96 12.38 26.33
N LYS G 105 -64.40 13.58 26.13
CA LYS G 105 -63.24 13.76 25.26
C LYS G 105 -62.05 12.89 25.69
N ASN G 106 -61.90 12.66 27.00
CA ASN G 106 -60.77 11.93 27.57
C ASN G 106 -60.94 10.40 27.42
N ASN G 107 -62.15 9.97 27.10
CA ASN G 107 -62.49 8.56 26.98
C ASN G 107 -62.23 8.18 25.55
N ARG G 108 -60.97 7.97 25.22
CA ARG G 108 -60.53 7.92 23.84
C ARG G 108 -59.44 6.94 23.69
N VAL G 109 -59.30 6.52 22.43
CA VAL G 109 -58.17 5.82 21.88
C VAL G 109 -57.53 6.66 20.75
N GLU G 110 -56.20 6.75 20.76
CA GLU G 110 -55.40 7.52 19.80
C GLU G 110 -54.47 6.60 19.04
N ILE G 111 -54.21 6.92 17.76
CA ILE G 111 -53.31 6.15 16.90
C ILE G 111 -51.99 6.89 16.83
N PHE G 112 -50.94 6.24 17.34
CA PHE G 112 -49.56 6.72 17.19
C PHE G 112 -48.75 5.95 16.14
N PHE G 113 -48.07 6.71 15.28
CA PHE G 113 -47.17 6.21 14.24
C PHE G 113 -45.71 6.22 14.71
N SER G 114 -45.00 5.17 14.34
CA SER G 114 -43.61 5.04 14.60
C SER G 114 -42.98 4.97 13.22
N THR G 115 -42.26 6.03 12.86
CA THR G 115 -41.77 6.16 11.51
C THR G 115 -40.40 6.84 11.53
N ASP G 116 -39.52 6.46 10.59
CA ASP G 116 -38.35 7.24 10.19
C ASP G 116 -38.81 8.50 9.45
N ALA G 117 -37.91 9.46 9.30
CA ALA G 117 -38.19 10.78 8.64
C ALA G 117 -38.66 10.73 7.19
N ASN G 118 -38.15 9.76 6.43
CA ASN G 118 -38.46 9.63 5.01
C ASN G 118 -39.83 9.03 4.76
N ASP G 119 -40.17 7.97 5.49
CA ASP G 119 -41.54 7.47 5.53
C ASP G 119 -42.55 8.48 6.09
N LEU G 120 -42.09 9.38 6.95
CA LEU G 120 -43.00 10.35 7.58
C LEU G 120 -43.76 11.23 6.57
N SER G 121 -43.05 11.64 5.51
CA SER G 121 -43.62 12.41 4.41
C SER G 121 -44.66 11.58 3.65
N LYS G 122 -44.40 10.28 3.52
CA LYS G 122 -45.33 9.38 2.89
C LYS G 122 -46.62 9.24 3.70
N ILE G 123 -46.48 9.07 5.01
CA ILE G 123 -47.65 8.99 5.88
C ILE G 123 -48.46 10.28 5.73
N HIS G 124 -47.77 11.41 5.76
CA HIS G 124 -48.42 12.71 5.65
C HIS G 124 -49.28 12.85 4.41
N SER G 125 -48.73 12.50 3.25
CA SER G 125 -49.46 12.58 1.99
C SER G 125 -50.69 11.66 1.94
N ILE G 126 -50.52 10.42 2.39
CA ILE G 126 -51.64 9.49 2.52
C ILE G 126 -52.74 10.02 3.46
N LEU G 127 -52.37 10.64 4.57
CA LEU G 127 -53.36 11.27 5.46
C LEU G 127 -54.05 12.49 4.82
N ASP G 128 -53.31 13.37 4.16
CA ASP G 128 -53.93 14.47 3.41
C ASP G 128 -54.92 13.95 2.37
N ASN G 129 -54.52 12.91 1.64
CA ASN G 129 -55.36 12.34 0.58
C ASN G 129 -56.65 11.71 1.08
N GLU G 130 -56.66 11.22 2.32
CA GLU G 130 -57.84 10.57 2.86
C GLU G 130 -58.81 11.52 3.59
N PHE G 131 -58.29 12.57 4.22
CA PHE G 131 -59.11 13.53 5.00
C PHE G 131 -59.24 14.94 4.40
N ASN G 132 -58.25 15.37 3.62
CA ASN G 132 -58.36 16.60 2.81
C ASN G 132 -58.35 16.29 1.31
N GLY H 1 -38.40 -26.28 32.68
CA GLY H 1 -39.65 -26.19 33.50
C GLY H 1 -40.89 -25.95 32.66
N ILE H 2 -41.40 -24.72 32.70
CA ILE H 2 -42.61 -24.33 31.96
C ILE H 2 -42.24 -24.38 30.48
N ASP H 3 -42.99 -25.13 29.69
CA ASP H 3 -42.68 -25.32 28.28
C ASP H 3 -43.33 -24.22 27.44
N PRO H 4 -42.75 -23.94 26.26
CA PRO H 4 -43.42 -23.03 25.33
C PRO H 4 -44.71 -23.61 24.75
N PHE H 5 -45.48 -22.74 24.09
CA PHE H 5 -46.61 -23.17 23.28
C PHE H 5 -45.96 -23.44 21.96
N THR H 6 -46.20 -24.65 21.48
CA THR H 6 -45.46 -25.17 20.38
C THR H 6 -46.42 -25.31 19.23
N PHE H 7 -46.03 -24.86 18.05
CA PHE H 7 -46.93 -24.97 16.92
C PHE H 7 -46.53 -26.20 16.10
N GLU H 8 -47.53 -27.04 15.85
CA GLU H 8 -47.32 -28.34 15.25
C GLU H 8 -46.64 -28.23 13.89
N ASN H 9 -47.31 -27.58 12.94
CA ASN H 9 -46.68 -27.41 11.64
C ASN H 9 -45.99 -26.04 11.57
N ALA H 10 -44.91 -26.01 10.79
CA ALA H 10 -43.97 -24.91 10.78
C ALA H 10 -44.47 -23.58 10.24
N THR H 11 -45.54 -23.61 9.46
CA THR H 11 -46.05 -22.39 8.86
C THR H 11 -47.44 -22.02 9.38
N SER H 12 -47.94 -22.69 10.41
CA SER H 12 -49.26 -22.36 10.96
C SER H 12 -49.16 -21.57 12.26
N ASP H 13 -50.12 -20.66 12.45
CA ASP H 13 -50.35 -20.04 13.73
C ASP H 13 -51.61 -20.64 14.37
N ALA H 14 -51.93 -21.87 13.98
CA ALA H 14 -53.05 -22.62 14.49
C ALA H 14 -52.71 -23.15 15.89
N ILE H 15 -53.59 -22.78 16.82
CA ILE H 15 -53.51 -23.15 18.22
C ILE H 15 -54.30 -24.46 18.29
N ASN H 16 -53.62 -25.56 18.62
CA ASN H 16 -54.24 -26.85 18.97
C ASN H 16 -55.25 -26.76 20.09
N GLN H 17 -55.89 -27.91 20.34
CA GLN H 17 -56.83 -28.13 21.42
C GLN H 17 -56.07 -28.34 22.75
N ASP H 18 -54.98 -29.10 22.68
CA ASP H 18 -54.15 -29.41 23.84
C ASP H 18 -53.39 -28.18 24.32
N MET H 19 -52.93 -27.37 23.37
CA MET H 19 -52.23 -26.12 23.68
C MET H 19 -53.24 -25.13 24.28
N MET H 20 -54.48 -25.17 23.80
CA MET H 20 -55.57 -24.35 24.35
C MET H 20 -55.85 -24.60 25.84
N LEU H 21 -55.76 -25.86 26.25
CA LEU H 21 -55.82 -26.24 27.68
C LEU H 21 -54.59 -25.75 28.46
N TYR H 22 -53.43 -25.78 27.81
CA TYR H 22 -52.18 -25.35 28.43
C TYR H 22 -52.10 -23.83 28.58
N ILE H 23 -52.51 -23.10 27.55
CA ILE H 23 -52.62 -21.63 27.59
C ILE H 23 -53.63 -21.17 28.66
N GLU H 24 -54.76 -21.87 28.78
CA GLU H 24 -55.70 -21.60 29.89
C GLU H 24 -55.04 -21.81 31.26
N ARG H 25 -54.19 -22.84 31.37
CA ARG H 25 -53.47 -23.08 32.63
C ARG H 25 -52.59 -21.88 32.94
N ILE H 26 -51.72 -21.54 31.99
CA ILE H 26 -50.83 -20.37 32.08
C ILE H 26 -51.61 -19.09 32.42
N ALA H 27 -52.80 -18.95 31.82
CA ALA H 27 -53.70 -17.84 32.08
C ALA H 27 -54.22 -17.78 33.52
N LYS H 28 -54.44 -18.95 34.13
CA LYS H 28 -54.84 -19.05 35.54
C LYS H 28 -53.71 -18.62 36.48
N ILE H 29 -52.50 -19.11 36.21
CA ILE H 29 -51.31 -18.69 36.93
C ILE H 29 -51.10 -17.19 36.89
N ILE H 30 -51.15 -16.62 35.69
CA ILE H 30 -50.89 -15.19 35.54
C ILE H 30 -51.80 -14.35 36.44
N GLN H 31 -53.05 -14.76 36.56
CA GLN H 31 -54.02 -14.08 37.44
C GLN H 31 -53.71 -14.18 38.93
N LYS H 32 -52.93 -15.18 39.34
CA LYS H 32 -52.44 -15.29 40.71
C LYS H 32 -51.19 -14.45 40.99
N LEU H 33 -50.61 -13.83 39.97
CA LEU H 33 -49.36 -13.10 40.16
C LEU H 33 -49.56 -11.64 40.59
N PRO H 34 -48.55 -11.05 41.26
CA PRO H 34 -48.63 -9.64 41.59
C PRO H 34 -49.04 -8.77 40.40
N LYS H 35 -49.81 -7.74 40.70
CA LYS H 35 -50.48 -6.89 39.71
C LYS H 35 -49.49 -6.09 38.87
N ARG H 36 -48.30 -5.87 39.42
CA ARG H 36 -47.21 -5.13 38.79
C ARG H 36 -46.31 -6.02 37.92
N VAL H 37 -46.65 -7.31 37.82
CA VAL H 37 -46.01 -8.21 36.90
C VAL H 37 -46.72 -8.08 35.57
N HIS H 38 -45.95 -7.77 34.53
CA HIS H 38 -46.49 -7.73 33.17
C HIS H 38 -45.92 -8.94 32.43
N ILE H 39 -46.65 -9.32 31.37
CA ILE H 39 -46.41 -10.51 30.55
C ILE H 39 -46.24 -10.07 29.10
N ASN H 40 -45.11 -10.40 28.48
CA ASN H 40 -44.89 -10.17 27.06
C ASN H 40 -44.88 -11.54 26.35
N VAL H 41 -45.76 -11.71 25.36
CA VAL H 41 -45.89 -12.98 24.65
C VAL H 41 -45.01 -12.93 23.40
N ARG H 42 -44.04 -13.83 23.30
CA ARG H 42 -43.07 -13.73 22.23
C ARG H 42 -43.16 -14.87 21.23
N GLY H 43 -43.18 -14.48 19.96
CA GLY H 43 -43.33 -15.43 18.86
C GLY H 43 -42.09 -15.59 17.99
N PHE H 44 -41.84 -16.84 17.63
CA PHE H 44 -40.64 -17.28 16.93
C PHE H 44 -41.03 -18.30 15.87
N THR H 45 -40.18 -18.42 14.86
CA THR H 45 -40.35 -19.42 13.84
C THR H 45 -39.00 -20.14 13.62
N ASP H 46 -39.05 -21.20 12.84
CA ASP H 46 -37.83 -21.82 12.32
C ASP H 46 -37.48 -21.06 11.05
N ASP H 47 -36.74 -21.68 10.14
CA ASP H 47 -36.39 -21.11 8.85
C ASP H 47 -37.05 -21.81 7.67
N THR H 48 -38.13 -22.55 7.90
CA THR H 48 -38.80 -23.28 6.83
C THR H 48 -39.44 -22.29 5.84
N PRO H 49 -39.20 -22.49 4.53
CA PRO H 49 -39.74 -21.65 3.47
C PRO H 49 -41.18 -21.18 3.65
N LEU H 50 -41.39 -19.89 3.47
CA LEU H 50 -42.73 -19.39 3.33
C LEU H 50 -43.01 -19.48 1.82
N VAL H 51 -43.77 -20.51 1.45
CA VAL H 51 -44.39 -20.66 0.13
C VAL H 51 -45.71 -21.37 0.42
N LYS H 52 -46.70 -21.19 -0.46
CA LYS H 52 -48.03 -21.76 -0.24
C LYS H 52 -48.49 -21.40 1.17
N THR H 53 -48.31 -20.12 1.51
CA THR H 53 -48.63 -19.56 2.81
C THR H 53 -49.08 -18.11 2.67
N ARG H 54 -49.93 -17.66 3.59
CA ARG H 54 -50.39 -16.28 3.65
C ARG H 54 -49.26 -15.27 4.01
N PHE H 55 -48.22 -15.74 4.69
CA PHE H 55 -47.20 -14.87 5.32
C PHE H 55 -45.99 -14.47 4.45
N LYS H 56 -45.72 -13.17 4.35
CA LYS H 56 -44.59 -12.62 3.60
C LYS H 56 -43.27 -12.62 4.35
N SER H 57 -43.32 -12.94 5.64
CA SER H 57 -42.12 -13.07 6.46
C SER H 57 -42.41 -13.93 7.67
N HIS H 58 -41.33 -14.33 8.34
CA HIS H 58 -41.43 -15.09 9.59
C HIS H 58 -41.82 -14.19 10.75
N TYR H 59 -41.49 -12.90 10.60
CA TYR H 59 -41.95 -11.84 11.49
C TYR H 59 -43.48 -11.83 11.53
N GLU H 60 -44.09 -11.90 10.35
CA GLU H 60 -45.54 -11.98 10.16
C GLU H 60 -46.18 -13.22 10.77
N LEU H 61 -45.62 -14.40 10.49
CA LEU H 61 -46.07 -15.64 11.12
C LEU H 61 -45.95 -15.54 12.65
N ALA H 62 -44.80 -15.07 13.13
CA ALA H 62 -44.52 -15.06 14.58
C ALA H 62 -45.33 -14.01 15.35
N ALA H 63 -45.63 -12.90 14.69
CA ALA H 63 -46.56 -11.89 15.21
C ALA H 63 -47.94 -12.46 15.40
N ASN H 64 -48.40 -13.25 14.43
CA ASN H 64 -49.73 -13.88 14.50
C ASN H 64 -49.84 -14.94 15.62
N ARG H 65 -48.78 -15.75 15.78
CA ARG H 65 -48.66 -16.71 16.89
C ARG H 65 -48.73 -16.03 18.24
N ALA H 66 -47.90 -15.01 18.41
CA ALA H 66 -47.82 -14.26 19.67
C ALA H 66 -49.17 -13.62 19.95
N TYR H 67 -49.68 -12.92 18.96
CA TYR H 67 -50.93 -12.24 19.07
C TYR H 67 -52.07 -13.19 19.41
N ARG H 68 -52.12 -14.33 18.73
CA ARG H 68 -53.21 -15.29 19.02
C ARG H 68 -53.11 -15.91 20.40
N VAL H 69 -51.89 -16.18 20.87
CA VAL H 69 -51.71 -16.67 22.24
C VAL H 69 -52.16 -15.63 23.26
N MET H 70 -51.67 -14.40 23.13
CA MET H 70 -52.08 -13.34 24.04
C MET H 70 -53.63 -13.25 24.08
N LYS H 71 -54.23 -13.46 22.92
CA LYS H 71 -55.67 -13.39 22.72
C LYS H 71 -56.45 -14.46 23.47
N VAL H 72 -55.89 -15.67 23.57
CA VAL H 72 -56.51 -16.78 24.31
C VAL H 72 -56.41 -16.48 25.83
N LEU H 73 -55.24 -16.04 26.27
CA LEU H 73 -54.97 -15.58 27.64
C LEU H 73 -56.00 -14.55 28.09
N ILE H 74 -56.25 -13.55 27.23
CA ILE H 74 -57.26 -12.51 27.49
C ILE H 74 -58.66 -13.10 27.62
N GLN H 75 -59.04 -13.96 26.67
CA GLN H 75 -60.30 -14.68 26.71
C GLN H 75 -60.41 -15.59 27.93
N TYR H 76 -59.30 -16.19 28.35
CA TYR H 76 -59.29 -17.00 29.58
C TYR H 76 -59.07 -16.20 30.87
N GLY H 77 -59.17 -14.87 30.80
CA GLY H 77 -59.20 -14.02 32.01
C GLY H 77 -58.03 -13.08 32.28
N VAL H 78 -56.93 -13.17 31.54
CA VAL H 78 -55.80 -12.25 31.76
C VAL H 78 -56.20 -10.81 31.36
N ASN H 79 -55.99 -9.86 32.28
CA ASN H 79 -56.22 -8.43 32.08
C ASN H 79 -55.31 -7.98 30.95
N PRO H 80 -55.85 -7.36 29.89
CA PRO H 80 -55.02 -6.84 28.80
C PRO H 80 -53.97 -5.84 29.23
N ASN H 81 -54.25 -5.07 30.28
CA ASN H 81 -53.25 -4.13 30.79
C ASN H 81 -51.91 -4.78 31.12
N GLN H 82 -51.96 -6.03 31.56
CA GLN H 82 -50.74 -6.77 31.84
C GLN H 82 -50.04 -7.48 30.67
N LEU H 83 -50.63 -7.47 29.48
CA LEU H 83 -50.11 -8.20 28.32
C LEU H 83 -49.56 -7.32 27.18
N SER H 84 -48.65 -7.92 26.41
CA SER H 84 -48.14 -7.39 25.12
C SER H 84 -47.62 -8.58 24.33
N PHE H 85 -47.41 -8.35 23.04
CA PHE H 85 -46.95 -9.38 22.17
C PHE H 85 -45.82 -8.79 21.37
N SER H 86 -44.88 -9.64 20.97
CA SER H 86 -43.70 -9.24 20.24
C SER H 86 -43.42 -10.39 19.29
N SER H 87 -42.94 -10.03 18.10
CA SER H 87 -42.46 -10.98 17.09
C SER H 87 -40.96 -10.91 16.97
N TYR H 88 -40.32 -12.09 16.98
CA TYR H 88 -38.86 -12.29 16.86
C TYR H 88 -38.48 -12.99 15.54
N GLY H 89 -39.50 -13.28 14.72
CA GLY H 89 -39.29 -13.88 13.40
C GLY H 89 -38.54 -15.19 13.54
N SER H 90 -37.72 -15.50 12.54
CA SER H 90 -36.85 -16.67 12.60
C SER H 90 -35.59 -16.44 13.45
N THR H 91 -35.46 -15.29 14.11
CA THR H 91 -34.29 -15.02 14.94
C THR H 91 -34.41 -15.74 16.30
N ASN H 92 -33.32 -15.76 17.04
CA ASN H 92 -33.25 -16.37 18.39
C ASN H 92 -33.75 -17.81 18.60
N PRO H 93 -33.35 -18.74 17.72
CA PRO H 93 -33.82 -20.09 17.88
C PRO H 93 -33.33 -20.77 19.15
N ILE H 94 -34.14 -21.69 19.70
CA ILE H 94 -33.70 -22.57 20.77
C ILE H 94 -32.79 -23.69 20.30
N ALA H 95 -33.08 -24.24 19.12
CA ALA H 95 -32.32 -25.34 18.55
C ALA H 95 -31.83 -25.05 17.13
N PRO H 96 -30.85 -25.82 16.66
CA PRO H 96 -30.46 -25.69 15.26
C PRO H 96 -31.61 -26.11 14.35
N ASN H 97 -31.68 -25.55 13.15
CA ASN H 97 -32.75 -25.84 12.20
C ASN H 97 -32.27 -26.94 11.24
N ASP H 98 -31.69 -27.99 11.81
CA ASP H 98 -31.09 -29.04 11.00
C ASP H 98 -32.08 -30.20 10.89
N SER H 99 -32.87 -30.43 11.95
CA SER H 99 -33.81 -31.55 11.94
C SER H 99 -35.26 -31.06 12.12
N LEU H 100 -36.18 -31.78 11.49
CA LEU H 100 -37.61 -31.51 11.61
C LEU H 100 -38.05 -31.42 13.09
N GLU H 101 -37.50 -32.26 13.96
CA GLU H 101 -37.76 -32.23 15.40
C GLU H 101 -37.18 -30.97 16.08
N ASN H 102 -35.97 -30.59 15.65
CA ASN H 102 -35.32 -29.39 16.17
C ASN H 102 -35.99 -28.13 15.65
N ARG H 103 -36.31 -28.15 14.35
CA ARG H 103 -37.09 -27.10 13.70
C ARG H 103 -38.40 -26.78 14.44
N MET H 104 -39.12 -27.79 14.89
CA MET H 104 -40.37 -27.55 15.61
C MET H 104 -40.14 -26.97 17.01
N LYS H 105 -38.98 -27.22 17.61
CA LYS H 105 -38.66 -26.59 18.90
C LYS H 105 -38.60 -25.06 18.81
N ASN H 106 -38.35 -24.56 17.58
CA ASN H 106 -38.20 -23.12 17.30
C ASN H 106 -39.52 -22.44 16.96
N ASN H 107 -40.47 -23.21 16.48
CA ASN H 107 -41.81 -22.73 16.20
C ASN H 107 -42.61 -22.71 17.48
N ARG H 108 -42.51 -21.60 18.20
CA ARG H 108 -43.13 -21.54 19.50
C ARG H 108 -43.44 -20.13 19.90
N VAL H 109 -44.18 -19.99 20.98
CA VAL H 109 -44.42 -18.72 21.64
C VAL H 109 -43.91 -18.95 23.06
N GLU H 110 -43.20 -17.94 23.56
CA GLU H 110 -42.67 -17.90 24.92
C GLU H 110 -43.28 -16.76 25.77
N ILE H 111 -43.29 -16.95 27.09
CA ILE H 111 -43.79 -15.97 28.02
C ILE H 111 -42.65 -15.37 28.79
N PHE H 112 -42.54 -14.04 28.72
CA PHE H 112 -41.55 -13.30 29.50
C PHE H 112 -42.27 -12.47 30.55
N PHE H 113 -41.81 -12.63 31.78
CA PHE H 113 -42.26 -11.85 32.92
C PHE H 113 -41.41 -10.56 33.09
N SER H 114 -42.10 -9.43 33.29
CA SER H 114 -41.48 -8.18 33.71
C SER H 114 -41.84 -7.99 35.19
N THR H 115 -40.83 -8.00 36.05
CA THR H 115 -41.02 -8.07 37.48
C THR H 115 -39.89 -7.36 38.22
N ASP H 116 -40.18 -6.64 39.30
CA ASP H 116 -39.14 -6.25 40.22
C ASP H 116 -38.61 -7.50 40.94
N ALA H 117 -37.68 -7.31 41.87
CA ALA H 117 -36.94 -8.42 42.48
C ALA H 117 -37.78 -9.16 43.49
N ASN H 118 -38.64 -8.42 44.18
CA ASN H 118 -39.41 -8.90 45.30
C ASN H 118 -40.64 -9.68 44.86
N ASP H 119 -41.15 -9.35 43.68
CA ASP H 119 -42.19 -10.14 43.04
C ASP H 119 -41.62 -11.36 42.35
N LEU H 120 -40.37 -11.25 41.89
CA LEU H 120 -39.74 -12.32 41.12
C LEU H 120 -39.74 -13.65 41.90
N SER H 121 -39.52 -13.55 43.20
CA SER H 121 -39.60 -14.71 44.11
C SER H 121 -41.02 -15.27 44.22
N LYS H 122 -42.03 -14.43 44.08
CA LYS H 122 -43.46 -14.84 44.19
C LYS H 122 -43.93 -15.64 42.97
N ILE H 123 -43.56 -15.15 41.80
CA ILE H 123 -43.77 -15.84 40.55
C ILE H 123 -43.11 -17.22 40.63
N HIS H 124 -41.87 -17.24 41.08
CA HIS H 124 -41.12 -18.48 41.14
C HIS H 124 -41.94 -19.52 41.90
N SER H 125 -42.37 -19.15 43.11
CA SER H 125 -43.09 -20.09 43.98
C SER H 125 -44.43 -20.53 43.37
N ILE H 126 -45.16 -19.60 42.75
CA ILE H 126 -46.43 -19.90 42.07
C ILE H 126 -46.25 -20.77 40.82
N LEU H 127 -45.18 -20.56 40.07
CA LEU H 127 -44.86 -21.46 38.97
C LEU H 127 -44.46 -22.83 39.55
N ASP H 128 -43.65 -22.83 40.59
CA ASP H 128 -43.20 -24.06 41.25
C ASP H 128 -44.27 -24.86 41.99
N ASN H 129 -45.42 -24.27 42.29
CA ASN H 129 -46.52 -25.03 42.91
C ASN H 129 -47.49 -25.60 41.85
N GLU H 130 -47.86 -24.81 40.83
CA GLU H 130 -48.83 -25.24 39.81
C GLU H 130 -48.27 -26.31 38.84
N PHE H 131 -46.95 -26.49 38.81
CA PHE H 131 -46.31 -27.49 37.96
C PHE H 131 -45.58 -28.53 38.80
N ASN H 132 -46.26 -29.08 39.81
CA ASN H 132 -45.71 -30.10 40.70
C ASN H 132 -46.77 -30.82 41.55
N GLY I 1 60.67 -9.73 -40.52
CA GLY I 1 60.11 -8.63 -41.36
C GLY I 1 60.62 -7.31 -40.79
N ILE I 2 59.82 -6.71 -39.91
CA ILE I 2 60.28 -5.64 -39.03
C ILE I 2 60.47 -6.31 -37.65
N ASP I 3 61.65 -6.12 -37.07
CA ASP I 3 61.99 -6.71 -35.77
C ASP I 3 61.38 -5.92 -34.64
N PRO I 4 61.07 -6.59 -33.52
CA PRO I 4 60.71 -5.81 -32.32
C PRO I 4 61.97 -5.27 -31.66
N PHE I 5 61.76 -4.53 -30.59
CA PHE I 5 62.86 -4.00 -29.81
C PHE I 5 63.11 -5.04 -28.75
N THR I 6 64.19 -5.80 -28.84
CA THR I 6 64.45 -6.80 -27.78
C THR I 6 65.48 -6.29 -26.77
N PHE I 7 65.19 -6.57 -25.50
CA PHE I 7 65.95 -6.08 -24.37
C PHE I 7 67.08 -7.06 -24.01
N GLU I 8 68.26 -6.49 -23.80
CA GLU I 8 69.53 -7.22 -23.71
C GLU I 8 69.56 -8.27 -22.62
N ASN I 9 69.00 -7.95 -21.46
CA ASN I 9 68.84 -8.98 -20.46
C ASN I 9 67.45 -8.99 -19.90
N ALA I 10 67.13 -10.10 -19.27
CA ALA I 10 65.81 -10.42 -18.77
C ALA I 10 65.13 -9.39 -17.87
N THR I 11 65.93 -8.72 -17.05
CA THR I 11 65.43 -7.87 -15.97
C THR I 11 65.51 -6.38 -16.24
N SER I 12 66.05 -6.00 -17.40
CA SER I 12 66.35 -4.59 -17.68
C SER I 12 65.34 -3.91 -18.61
N ASP I 13 65.11 -2.63 -18.33
CA ASP I 13 64.36 -1.74 -19.21
C ASP I 13 65.25 -0.68 -19.90
N ALA I 14 66.57 -0.89 -19.87
CA ALA I 14 67.55 0.00 -20.54
C ALA I 14 67.42 -0.06 -22.07
N ILE I 15 67.29 1.10 -22.70
CA ILE I 15 67.35 1.30 -24.14
C ILE I 15 68.79 1.73 -24.44
N ASN I 16 69.58 0.85 -25.06
CA ASN I 16 70.95 1.16 -25.43
C ASN I 16 71.06 1.90 -26.78
N GLN I 17 72.28 2.30 -27.14
CA GLN I 17 72.53 3.11 -28.34
C GLN I 17 71.92 2.48 -29.61
N ASP I 18 72.04 1.17 -29.76
CA ASP I 18 71.45 0.47 -30.90
C ASP I 18 69.92 0.50 -30.94
N MET I 19 69.29 0.37 -29.78
CA MET I 19 67.84 0.39 -29.74
C MET I 19 67.31 1.81 -29.95
N MET I 20 68.07 2.83 -29.54
CA MET I 20 67.73 4.23 -29.78
C MET I 20 67.70 4.58 -31.26
N LEU I 21 68.68 4.08 -32.01
CA LEU I 21 68.78 4.24 -33.46
C LEU I 21 67.66 3.50 -34.18
N TYR I 22 67.29 2.32 -33.69
CA TYR I 22 66.14 1.62 -34.22
C TYR I 22 64.80 2.34 -33.88
N ILE I 23 64.63 2.85 -32.66
CA ILE I 23 63.42 3.59 -32.34
C ILE I 23 63.29 4.87 -33.20
N GLU I 24 64.42 5.47 -33.56
CA GLU I 24 64.48 6.69 -34.40
C GLU I 24 63.94 6.44 -35.82
N ARG I 25 64.23 5.24 -36.36
CA ARG I 25 63.70 4.85 -37.67
C ARG I 25 62.20 4.60 -37.65
N ILE I 26 61.71 3.97 -36.60
CA ILE I 26 60.29 3.74 -36.43
C ILE I 26 59.54 5.06 -36.29
N ALA I 27 60.10 6.01 -35.55
CA ALA I 27 59.48 7.33 -35.38
C ALA I 27 59.40 8.07 -36.71
N LYS I 28 60.47 7.99 -37.49
CA LYS I 28 60.54 8.59 -38.83
C LYS I 28 59.39 8.06 -39.63
N ILE I 29 59.15 6.76 -39.51
CA ILE I 29 58.07 6.06 -40.20
C ILE I 29 56.68 6.53 -39.77
N ILE I 30 56.49 6.63 -38.45
CA ILE I 30 55.18 6.96 -37.89
C ILE I 30 54.78 8.35 -38.34
N GLN I 31 55.72 9.28 -38.31
CA GLN I 31 55.45 10.66 -38.74
C GLN I 31 55.11 10.80 -40.24
N LYS I 32 55.44 9.78 -41.03
CA LYS I 32 54.96 9.67 -42.42
C LYS I 32 53.62 8.94 -42.62
N LEU I 33 53.04 8.38 -41.55
CA LEU I 33 51.77 7.65 -41.66
C LEU I 33 50.62 8.64 -41.73
N PRO I 34 49.49 8.27 -42.36
CA PRO I 34 48.27 9.07 -42.23
C PRO I 34 47.96 9.31 -40.75
N LYS I 35 47.53 10.52 -40.42
CA LYS I 35 47.38 10.94 -39.02
C LYS I 35 46.25 10.24 -38.23
N ARG I 36 45.34 9.59 -38.95
CA ARG I 36 44.31 8.76 -38.35
C ARG I 36 44.85 7.42 -37.85
N VAL I 37 46.12 7.12 -38.11
CA VAL I 37 46.78 5.87 -37.66
C VAL I 37 47.42 6.13 -36.30
N HIS I 38 47.11 5.23 -35.37
CA HIS I 38 47.62 5.28 -34.02
C HIS I 38 48.52 4.08 -33.80
N ILE I 39 49.34 4.20 -32.77
CA ILE I 39 50.44 3.33 -32.46
C ILE I 39 50.33 2.96 -30.99
N ASN I 40 50.22 1.68 -30.76
CA ASN I 40 50.21 1.11 -29.42
C ASN I 40 51.52 0.37 -29.23
N VAL I 41 52.23 0.77 -28.19
CA VAL I 41 53.51 0.23 -27.85
C VAL I 41 53.32 -0.84 -26.78
N ARG I 42 53.75 -2.07 -27.08
CA ARG I 42 53.44 -3.25 -26.27
C ARG I 42 54.68 -3.98 -25.72
N GLY I 43 54.64 -4.20 -24.41
CA GLY I 43 55.73 -4.68 -23.65
C GLY I 43 55.45 -6.06 -23.10
N PHE I 44 56.52 -6.84 -23.09
CA PHE I 44 56.48 -8.22 -22.70
C PHE I 44 57.78 -8.54 -22.01
N THR I 45 57.77 -9.65 -21.29
CA THR I 45 58.93 -10.24 -20.68
C THR I 45 58.99 -11.76 -20.91
N ASP I 46 60.12 -12.37 -20.53
CA ASP I 46 60.22 -13.81 -20.39
C ASP I 46 59.68 -14.17 -19.00
N ASP I 47 60.12 -15.31 -18.47
CA ASP I 47 59.69 -15.79 -17.15
C ASP I 47 60.75 -15.81 -16.06
N THR I 48 61.96 -15.36 -16.37
CA THR I 48 62.99 -15.07 -15.39
C THR I 48 62.35 -14.51 -14.13
N PRO I 49 62.32 -15.30 -13.03
CA PRO I 49 61.76 -14.72 -11.79
C PRO I 49 62.55 -13.48 -11.41
N LEU I 50 61.88 -12.51 -10.80
CA LEU I 50 62.51 -11.23 -10.50
C LEU I 50 62.92 -11.28 -9.04
N VAL I 51 64.23 -11.23 -8.79
CA VAL I 51 64.76 -11.39 -7.44
C VAL I 51 65.76 -10.27 -7.14
N LYS I 52 66.94 -10.32 -7.76
CA LYS I 52 67.96 -9.27 -7.65
C LYS I 52 67.54 -8.01 -8.42
N THR I 53 66.37 -7.44 -8.09
CA THR I 53 65.70 -6.47 -8.97
C THR I 53 64.56 -5.65 -8.31
N ARG I 54 64.36 -4.41 -8.78
CA ARG I 54 63.36 -3.46 -8.24
C ARG I 54 61.92 -3.70 -8.70
N PHE I 55 61.76 -4.33 -9.86
CA PHE I 55 60.46 -4.72 -10.38
C PHE I 55 59.84 -5.83 -9.51
N LYS I 56 58.59 -5.63 -9.11
CA LYS I 56 57.87 -6.53 -8.20
C LYS I 56 56.86 -7.38 -8.97
N SER I 57 56.99 -7.37 -10.29
CA SER I 57 56.04 -7.99 -11.19
C SER I 57 56.58 -7.89 -12.61
N HIS I 58 56.27 -8.89 -13.44
CA HIS I 58 56.56 -8.82 -14.87
C HIS I 58 55.71 -7.82 -15.68
N TYR I 59 54.48 -7.58 -15.23
CA TYR I 59 53.63 -6.55 -15.79
C TYR I 59 54.28 -5.20 -15.58
N GLU I 60 54.96 -5.00 -14.45
CA GLU I 60 55.64 -3.70 -14.17
C GLU I 60 56.87 -3.49 -14.99
N LEU I 61 57.65 -4.56 -15.19
CA LEU I 61 58.84 -4.51 -16.00
C LEU I 61 58.49 -4.23 -17.48
N ALA I 62 57.50 -4.95 -17.98
CA ALA I 62 57.00 -4.81 -19.34
C ALA I 62 56.37 -3.44 -19.61
N ALA I 63 55.64 -2.90 -18.62
CA ALA I 63 55.08 -1.52 -18.70
C ALA I 63 56.15 -0.45 -18.90
N ASN I 64 57.17 -0.58 -18.08
CA ASN I 64 58.35 0.25 -18.05
C ASN I 64 59.09 0.24 -19.37
N ARG I 65 59.30 -0.94 -19.97
CA ARG I 65 59.92 -1.03 -21.29
C ARG I 65 59.08 -0.28 -22.36
N ALA I 66 57.79 -0.60 -22.35
CA ALA I 66 56.79 -0.03 -23.24
C ALA I 66 56.72 1.49 -23.06
N TYR I 67 56.59 1.95 -21.82
CA TYR I 67 56.58 3.40 -21.50
C TYR I 67 57.90 4.06 -21.94
N ARG I 68 59.05 3.49 -21.57
CA ARG I 68 60.34 4.05 -21.99
C ARG I 68 60.45 4.19 -23.53
N VAL I 69 60.05 3.17 -24.27
CA VAL I 69 60.12 3.23 -25.73
C VAL I 69 59.18 4.31 -26.32
N MET I 70 57.98 4.41 -25.77
CA MET I 70 57.00 5.40 -26.17
C MET I 70 57.57 6.83 -25.95
N LYS I 71 58.38 7.04 -24.91
CA LYS I 71 59.06 8.33 -24.65
C LYS I 71 60.04 8.76 -25.71
N VAL I 72 60.82 7.79 -26.13
CA VAL I 72 61.79 8.02 -27.16
C VAL I 72 61.12 8.34 -28.46
N LEU I 73 60.01 7.66 -28.79
CA LEU I 73 59.27 8.01 -29.98
C LEU I 73 58.80 9.49 -29.90
N ILE I 74 58.33 9.90 -28.73
CA ILE I 74 57.88 11.29 -28.51
C ILE I 74 59.04 12.26 -28.62
N GLN I 75 60.20 11.84 -28.12
CA GLN I 75 61.44 12.61 -28.17
C GLN I 75 61.91 12.77 -29.62
N TYR I 76 61.58 11.79 -30.45
CA TYR I 76 61.85 11.91 -31.87
C TYR I 76 60.74 12.65 -32.63
N GLY I 77 59.77 13.22 -31.93
CA GLY I 77 58.71 14.02 -32.55
C GLY I 77 57.44 13.27 -32.99
N VAL I 78 57.17 12.06 -32.50
CA VAL I 78 55.83 11.48 -32.72
C VAL I 78 54.81 12.19 -31.80
N ASN I 79 53.65 12.52 -32.35
CA ASN I 79 52.58 13.20 -31.63
C ASN I 79 52.08 12.28 -30.49
N PRO I 80 52.11 12.78 -29.23
CA PRO I 80 51.52 12.01 -28.12
C PRO I 80 50.06 11.57 -28.33
N ASN I 81 49.35 12.23 -29.23
CA ASN I 81 47.97 11.91 -29.60
C ASN I 81 47.87 10.60 -30.42
N GLN I 82 48.90 10.22 -31.14
CA GLN I 82 48.92 8.92 -31.80
C GLN I 82 49.44 7.75 -30.98
N LEU I 83 49.73 7.96 -29.70
CA LEU I 83 50.54 6.97 -28.97
C LEU I 83 49.88 6.48 -27.69
N SER I 84 50.21 5.24 -27.33
CA SER I 84 49.72 4.63 -26.10
C SER I 84 50.62 3.45 -25.87
N PHE I 85 50.67 2.99 -24.62
CA PHE I 85 51.49 1.83 -24.29
C PHE I 85 50.68 0.83 -23.50
N SER I 86 51.05 -0.45 -23.60
CA SER I 86 50.37 -1.57 -22.95
C SER I 86 51.42 -2.57 -22.49
N SER I 87 51.11 -3.22 -21.37
CA SER I 87 51.95 -4.22 -20.74
C SER I 87 51.18 -5.53 -20.86
N TYR I 88 51.85 -6.58 -21.32
CA TYR I 88 51.32 -7.94 -21.42
C TYR I 88 52.02 -8.92 -20.44
N GLY I 89 52.99 -8.41 -19.70
CA GLY I 89 53.78 -9.18 -18.74
C GLY I 89 54.55 -10.28 -19.41
N SER I 90 54.61 -11.42 -18.71
CA SER I 90 55.21 -12.63 -19.27
C SER I 90 54.22 -13.46 -20.13
N THR I 91 53.00 -12.96 -20.31
CA THR I 91 52.02 -13.63 -21.13
C THR I 91 52.43 -13.44 -22.59
N ASN I 92 51.75 -14.20 -23.44
CA ASN I 92 51.91 -14.06 -24.89
C ASN I 92 53.33 -14.18 -25.46
N PRO I 93 54.15 -15.15 -24.99
CA PRO I 93 55.48 -15.36 -25.57
C PRO I 93 55.53 -15.59 -27.09
N ILE I 94 56.57 -15.06 -27.75
CA ILE I 94 56.93 -15.49 -29.10
C ILE I 94 57.51 -16.92 -29.06
N ALA I 95 58.51 -17.09 -28.20
CA ALA I 95 59.35 -18.26 -28.19
C ALA I 95 59.13 -19.04 -26.89
N PRO I 96 59.53 -20.33 -26.87
CA PRO I 96 59.56 -21.02 -25.60
C PRO I 96 60.57 -20.35 -24.67
N ASN I 97 60.35 -20.44 -23.37
CA ASN I 97 61.27 -19.90 -22.38
C ASN I 97 62.17 -21.02 -21.87
N ASP I 98 62.81 -21.71 -22.82
CA ASP I 98 63.58 -22.94 -22.55
C ASP I 98 65.08 -22.68 -22.62
N SER I 99 65.48 -21.59 -23.26
CA SER I 99 66.89 -21.26 -23.40
C SER I 99 67.06 -19.74 -23.29
N LEU I 100 68.24 -19.34 -22.84
CA LEU I 100 68.67 -17.94 -22.82
C LEU I 100 68.30 -17.24 -24.11
N GLU I 101 68.71 -17.80 -25.25
CA GLU I 101 68.47 -17.15 -26.54
C GLU I 101 66.99 -16.95 -26.84
N ASN I 102 66.18 -17.97 -26.54
CA ASN I 102 64.73 -17.90 -26.71
C ASN I 102 64.10 -16.99 -25.67
N ARG I 103 64.59 -17.04 -24.44
CA ARG I 103 64.10 -16.15 -23.40
C ARG I 103 64.28 -14.70 -23.83
N MET I 104 65.41 -14.38 -24.44
CA MET I 104 65.67 -13.02 -24.96
C MET I 104 64.66 -12.53 -25.99
N LYS I 105 64.15 -13.44 -26.82
CA LYS I 105 63.13 -13.10 -27.82
C LYS I 105 61.82 -12.63 -27.20
N ASN I 106 61.56 -13.03 -25.96
CA ASN I 106 60.34 -12.70 -25.23
C ASN I 106 60.43 -11.37 -24.52
N ASN I 107 61.64 -10.92 -24.24
CA ASN I 107 61.84 -9.64 -23.60
C ASN I 107 61.87 -8.53 -24.65
N ARG I 108 60.69 -8.07 -25.01
CA ARG I 108 60.50 -7.27 -26.22
C ARG I 108 59.43 -6.24 -26.05
N VAL I 109 59.53 -5.20 -26.88
CA VAL I 109 58.47 -4.25 -27.08
C VAL I 109 58.05 -4.40 -28.54
N GLU I 110 56.76 -4.50 -28.80
CA GLU I 110 56.24 -4.58 -30.19
C GLU I 110 55.44 -3.31 -30.57
N ILE I 111 55.41 -3.01 -31.87
CA ILE I 111 54.61 -1.88 -32.37
C ILE I 111 53.32 -2.41 -33.04
N PHE I 112 52.14 -1.96 -32.54
CA PHE I 112 50.86 -2.24 -33.22
C PHE I 112 50.30 -0.98 -33.84
N PHE I 113 49.85 -1.13 -35.09
CA PHE I 113 49.28 -0.05 -35.86
C PHE I 113 47.77 -0.18 -35.68
N SER I 114 47.08 0.95 -35.57
CA SER I 114 45.62 0.98 -35.63
C SER I 114 45.20 1.77 -36.87
N THR I 115 44.48 1.13 -37.77
CA THR I 115 44.32 1.68 -39.11
C THR I 115 43.12 1.10 -39.82
N ASP I 116 42.46 1.97 -40.59
CA ASP I 116 41.42 1.51 -41.48
C ASP I 116 42.00 0.76 -42.66
N ALA I 117 41.12 0.17 -43.46
CA ALA I 117 41.50 -0.59 -44.65
C ALA I 117 42.34 0.23 -45.62
N ASN I 118 41.94 1.47 -45.89
CA ASN I 118 42.58 2.30 -46.90
C ASN I 118 43.94 2.89 -46.46
N ASP I 119 44.16 3.10 -45.16
CA ASP I 119 45.45 3.58 -44.68
C ASP I 119 46.51 2.49 -44.54
N LEU I 120 46.06 1.24 -44.58
CA LEU I 120 46.85 0.04 -44.36
C LEU I 120 47.95 -0.17 -45.40
N SER I 121 47.58 -0.03 -46.67
CA SER I 121 48.50 -0.15 -47.81
C SER I 121 49.59 0.92 -47.80
N LYS I 122 49.21 2.13 -47.38
CA LYS I 122 50.18 3.22 -47.24
C LYS I 122 51.24 2.84 -46.22
N ILE I 123 50.80 2.35 -45.08
CA ILE I 123 51.72 1.96 -44.03
C ILE I 123 52.63 0.86 -44.59
N HIS I 124 52.02 -0.12 -45.23
CA HIS I 124 52.74 -1.24 -45.81
C HIS I 124 53.90 -0.78 -46.70
N SER I 125 53.61 0.18 -47.57
CA SER I 125 54.58 0.67 -48.52
C SER I 125 55.67 1.53 -47.88
N ILE I 126 55.29 2.36 -46.91
CA ILE I 126 56.24 3.14 -46.13
C ILE I 126 57.23 2.25 -45.37
N LEU I 127 56.74 1.17 -44.76
CA LEU I 127 57.55 0.22 -44.01
C LEU I 127 58.48 -0.58 -44.92
N ASP I 128 57.95 -1.07 -46.03
CA ASP I 128 58.79 -1.70 -47.06
C ASP I 128 59.93 -0.82 -47.56
N ASN I 129 59.61 0.40 -47.98
CA ASN I 129 60.64 1.32 -48.44
C ASN I 129 61.68 1.71 -47.37
N GLU I 130 61.34 1.58 -46.09
CA GLU I 130 62.32 1.92 -45.06
C GLU I 130 63.25 0.75 -44.77
N PHE I 131 62.69 -0.46 -44.63
CA PHE I 131 63.47 -1.62 -44.16
C PHE I 131 63.80 -2.59 -45.28
N ASN I 132 64.22 -2.06 -46.42
CA ASN I 132 64.63 -2.86 -47.56
C ASN I 132 65.64 -2.06 -48.39
N PRO I 133 66.55 -2.77 -49.08
CA PRO I 133 67.55 -2.11 -49.93
C PRO I 133 66.99 -1.82 -51.32
N GLY J 1 35.32 18.66 -3.75
CA GLY J 1 35.88 17.50 -4.52
C GLY J 1 37.37 17.61 -4.75
N ILE J 2 37.97 16.54 -5.27
CA ILE J 2 39.36 16.52 -5.73
C ILE J 2 39.43 17.32 -7.03
N ASP J 3 40.27 18.35 -7.05
CA ASP J 3 40.33 19.28 -8.17
C ASP J 3 41.12 18.70 -9.32
N PRO J 4 40.80 19.15 -10.56
CA PRO J 4 41.62 18.79 -11.71
C PRO J 4 42.85 19.68 -11.83
N PHE J 5 43.86 19.15 -12.50
CA PHE J 5 45.05 19.90 -12.79
C PHE J 5 44.72 20.92 -13.86
N THR J 6 44.89 22.21 -13.55
CA THR J 6 44.49 23.29 -14.45
C THR J 6 45.73 23.88 -15.06
N PHE J 7 45.64 24.36 -16.29
CA PHE J 7 46.80 24.95 -16.99
C PHE J 7 46.64 26.48 -17.07
N GLU J 8 47.75 27.18 -16.85
CA GLU J 8 47.87 28.65 -16.91
C GLU J 8 47.04 29.25 -18.04
N ASN J 9 47.51 29.04 -19.27
CA ASN J 9 46.88 29.63 -20.43
C ASN J 9 46.22 28.58 -21.32
N ALA J 10 45.33 29.08 -22.17
CA ALA J 10 44.59 28.31 -23.14
C ALA J 10 45.44 27.39 -24.00
N THR J 11 46.65 27.79 -24.34
CA THR J 11 47.39 27.12 -25.41
C THR J 11 48.64 26.37 -24.95
N SER J 12 48.93 26.34 -23.64
CA SER J 12 50.13 25.67 -23.16
C SER J 12 49.84 24.38 -22.40
N ASP J 13 50.82 23.49 -22.47
CA ASP J 13 50.90 22.29 -21.66
C ASP J 13 51.94 22.43 -20.54
N ALA J 14 52.32 23.67 -20.22
CA ALA J 14 53.21 23.99 -19.10
C ALA J 14 52.54 23.79 -17.73
N ILE J 15 53.23 23.06 -16.86
CA ILE J 15 52.74 22.69 -15.53
C ILE J 15 53.47 23.53 -14.46
N ASN J 16 52.83 24.59 -13.94
CA ASN J 16 53.53 25.47 -12.97
C ASN J 16 53.78 24.77 -11.65
N GLN J 17 54.66 25.35 -10.84
CA GLN J 17 55.18 24.76 -9.60
C GLN J 17 54.09 24.34 -8.61
N ASP J 18 53.01 25.10 -8.58
CA ASP J 18 51.82 24.80 -7.77
C ASP J 18 51.15 23.50 -8.21
N MET J 19 51.02 23.33 -9.53
CA MET J 19 50.50 22.11 -10.12
C MET J 19 51.37 20.93 -9.74
N MET J 20 52.69 21.07 -9.82
CA MET J 20 53.62 19.96 -9.58
C MET J 20 53.45 19.31 -8.21
N LEU J 21 53.43 20.15 -7.18
CA LEU J 21 53.19 19.76 -5.78
C LEU J 21 51.88 18.96 -5.59
N TYR J 22 50.85 19.39 -6.29
CA TYR J 22 49.54 18.79 -6.19
C TYR J 22 49.46 17.45 -6.95
N ILE J 23 50.04 17.39 -8.15
CA ILE J 23 50.23 16.14 -8.89
C ILE J 23 51.03 15.14 -8.02
N GLU J 24 52.03 15.62 -7.30
CA GLU J 24 52.85 14.77 -6.42
C GLU J 24 52.03 14.16 -5.28
N ARG J 25 51.13 14.97 -4.73
CA ARG J 25 50.22 14.52 -3.69
C ARG J 25 49.23 13.45 -4.19
N ILE J 26 48.77 13.61 -5.43
CA ILE J 26 47.97 12.60 -6.10
C ILE J 26 48.77 11.32 -6.42
N ALA J 27 50.04 11.44 -6.78
CA ALA J 27 50.92 10.26 -6.95
C ALA J 27 50.99 9.51 -5.62
N LYS J 28 51.19 10.28 -4.56
CA LYS J 28 51.26 9.72 -3.22
C LYS J 28 50.00 8.92 -2.91
N ILE J 29 48.83 9.52 -3.18
CA ILE J 29 47.56 8.82 -3.04
C ILE J 29 47.45 7.55 -3.88
N ILE J 30 47.83 7.65 -5.15
CA ILE J 30 47.65 6.53 -6.09
C ILE J 30 48.43 5.31 -5.63
N GLN J 31 49.59 5.53 -5.00
CA GLN J 31 50.48 4.43 -4.63
C GLN J 31 49.97 3.68 -3.42
N LYS J 32 48.90 4.19 -2.82
CA LYS J 32 48.21 3.55 -1.72
C LYS J 32 46.91 2.85 -2.15
N LEU J 33 46.48 3.05 -3.39
CA LEU J 33 45.27 2.39 -3.88
C LEU J 33 45.52 0.89 -4.14
N PRO J 34 44.46 0.05 -4.07
CA PRO J 34 44.65 -1.35 -4.45
C PRO J 34 45.32 -1.52 -5.80
N LYS J 35 46.15 -2.55 -5.89
CA LYS J 35 46.95 -2.92 -7.07
C LYS J 35 46.15 -3.03 -8.37
N ARG J 36 44.94 -3.53 -8.23
CA ARG J 36 44.02 -3.69 -9.36
C ARG J 36 43.34 -2.40 -9.86
N VAL J 37 43.53 -1.27 -9.16
CA VAL J 37 42.99 0.00 -9.61
C VAL J 37 43.98 0.64 -10.61
N HIS J 38 43.48 0.97 -11.81
CA HIS J 38 44.25 1.69 -12.84
C HIS J 38 43.72 3.10 -12.96
N ILE J 39 44.55 3.96 -13.56
CA ILE J 39 44.39 5.42 -13.65
C ILE J 39 44.54 5.83 -15.11
N ASN J 40 43.54 6.55 -15.61
CA ASN J 40 43.50 7.14 -16.94
C ASN J 40 43.63 8.66 -16.80
N VAL J 41 44.62 9.25 -17.45
CA VAL J 41 44.83 10.68 -17.38
C VAL J 41 44.20 11.28 -18.62
N ARG J 42 43.23 12.16 -18.42
CA ARG J 42 42.44 12.70 -19.50
C ARG J 42 42.77 14.16 -19.66
N GLY J 43 43.15 14.56 -20.87
CA GLY J 43 43.48 15.95 -21.14
C GLY J 43 42.36 16.63 -21.89
N PHE J 44 42.04 17.84 -21.46
CA PHE J 44 40.99 18.63 -22.10
C PHE J 44 41.48 20.02 -22.46
N THR J 45 40.73 20.69 -23.33
CA THR J 45 40.98 22.07 -23.70
C THR J 45 39.67 22.87 -23.72
N ASP J 46 39.78 24.18 -23.60
CA ASP J 46 38.70 25.08 -24.00
C ASP J 46 38.61 25.09 -25.54
N ASP J 47 37.93 26.10 -26.10
CA ASP J 47 37.79 26.20 -27.55
C ASP J 47 38.55 27.35 -28.19
N THR J 48 39.49 27.97 -27.46
CA THR J 48 40.18 29.13 -28.01
C THR J 48 40.96 28.67 -29.24
N PRO J 49 40.94 29.48 -30.31
CA PRO J 49 41.62 29.08 -31.54
C PRO J 49 43.12 28.84 -31.36
N LEU J 50 43.63 27.87 -32.10
CA LEU J 50 45.05 27.60 -32.12
C LEU J 50 45.66 28.71 -32.98
N VAL J 51 46.00 29.84 -32.36
CA VAL J 51 46.76 30.89 -33.06
C VAL J 51 48.15 30.89 -32.44
N LYS J 52 49.18 31.13 -33.25
CA LYS J 52 50.55 31.28 -32.77
C LYS J 52 50.93 30.14 -31.83
N THR J 53 50.79 28.92 -32.36
CA THR J 53 50.88 27.71 -31.57
C THR J 53 51.53 26.56 -32.34
N ARG J 54 52.38 25.80 -31.65
CA ARG J 54 52.96 24.56 -32.17
C ARG J 54 51.92 23.44 -32.37
N PHE J 55 50.82 23.48 -31.61
CA PHE J 55 49.76 22.44 -31.70
C PHE J 55 48.78 22.68 -32.86
N LYS J 56 48.50 21.61 -33.60
CA LYS J 56 47.67 21.66 -34.80
C LYS J 56 46.23 21.25 -34.55
N SER J 57 45.95 20.79 -33.34
CA SER J 57 44.56 20.53 -32.92
C SER J 57 44.47 20.57 -31.39
N HIS J 58 43.26 20.81 -30.90
CA HIS J 58 42.97 20.65 -29.48
C HIS J 58 43.24 19.23 -28.96
N TYR J 59 43.03 18.23 -29.81
CA TYR J 59 43.33 16.85 -29.47
C TYR J 59 44.81 16.71 -29.16
N GLU J 60 45.63 17.42 -29.92
CA GLU J 60 47.07 17.40 -29.77
C GLU J 60 47.49 18.10 -28.48
N LEU J 61 46.98 19.29 -28.20
CA LEU J 61 47.29 19.99 -26.95
C LEU J 61 46.88 19.17 -25.72
N ALA J 62 45.63 18.75 -25.67
CA ALA J 62 45.10 17.90 -24.59
C ALA J 62 45.87 16.59 -24.39
N ALA J 63 46.25 15.94 -25.48
CA ALA J 63 47.17 14.79 -25.41
C ALA J 63 48.50 15.12 -24.74
N ASN J 64 49.12 16.22 -25.15
CA ASN J 64 50.35 16.67 -24.53
C ASN J 64 50.19 16.99 -23.05
N ARG J 65 49.08 17.61 -22.64
CA ARG J 65 48.81 17.86 -21.21
C ARG J 65 48.65 16.59 -20.39
N ALA J 66 47.87 15.64 -20.94
CA ALA J 66 47.63 14.34 -20.32
C ALA J 66 48.91 13.55 -20.19
N TYR J 67 49.67 13.46 -21.29
CA TYR J 67 50.93 12.75 -21.31
C TYR J 67 51.91 13.32 -20.28
N ARG J 68 52.03 14.64 -20.28
CA ARG J 68 52.92 15.25 -19.33
C ARG J 68 52.44 15.09 -17.90
N VAL J 69 51.15 15.21 -17.62
CA VAL J 69 50.73 14.92 -16.26
C VAL J 69 51.08 13.48 -15.92
N MET J 70 50.86 12.58 -16.86
CA MET J 70 51.20 11.19 -16.62
C MET J 70 52.71 11.00 -16.33
N LYS J 71 53.57 11.73 -17.05
CA LYS J 71 55.06 11.77 -16.85
C LYS J 71 55.41 12.10 -15.40
N VAL J 72 54.74 13.09 -14.85
CA VAL J 72 54.99 13.55 -13.49
C VAL J 72 54.57 12.55 -12.41
N LEU J 73 53.47 11.87 -12.64
CA LEU J 73 53.01 10.81 -11.76
C LEU J 73 54.06 9.71 -11.68
N ILE J 74 54.53 9.25 -12.83
CA ILE J 74 55.52 8.20 -12.90
C ILE J 74 56.77 8.68 -12.20
N GLN J 75 57.27 9.83 -12.62
CA GLN J 75 58.44 10.48 -12.01
C GLN J 75 58.36 10.54 -10.48
N TYR J 76 57.16 10.68 -9.92
CA TYR J 76 56.97 10.66 -8.46
C TYR J 76 56.61 9.31 -7.85
N GLY J 77 56.71 8.23 -8.63
CA GLY J 77 56.60 6.87 -8.10
C GLY J 77 55.40 6.04 -8.54
N VAL J 78 54.48 6.57 -9.35
CA VAL J 78 53.39 5.72 -9.80
C VAL J 78 53.93 4.75 -10.88
N ASN J 79 53.65 3.48 -10.65
CA ASN J 79 54.06 2.43 -11.57
C ASN J 79 53.35 2.74 -12.87
N PRO J 80 54.10 2.84 -13.98
CA PRO J 80 53.47 2.97 -15.31
C PRO J 80 52.43 1.90 -15.67
N ASN J 81 52.55 0.70 -15.11
CA ASN J 81 51.54 -0.34 -15.37
C ASN J 81 50.11 0.05 -14.94
N GLN J 82 49.95 0.93 -13.95
CA GLN J 82 48.61 1.39 -13.58
C GLN J 82 48.14 2.60 -14.34
N LEU J 83 49.00 3.18 -15.19
CA LEU J 83 48.73 4.46 -15.83
C LEU J 83 48.43 4.39 -17.31
N SER J 84 47.60 5.33 -17.78
CA SER J 84 47.39 5.57 -19.21
C SER J 84 46.90 6.99 -19.35
N PHE J 85 46.82 7.46 -20.59
CA PHE J 85 46.54 8.85 -20.84
C PHE J 85 45.65 8.92 -22.08
N SER J 86 44.73 9.88 -22.05
CA SER J 86 43.72 10.04 -23.10
C SER J 86 43.51 11.53 -23.34
N SER J 87 43.22 11.85 -24.60
CA SER J 87 42.98 13.18 -25.11
C SER J 87 41.50 13.30 -25.48
N TYR J 88 40.82 14.32 -24.93
CA TYR J 88 39.42 14.64 -25.23
C TYR J 88 39.33 15.92 -26.08
N GLY J 89 40.45 16.61 -26.32
CA GLY J 89 40.45 17.82 -27.13
C GLY J 89 39.55 18.84 -26.46
N SER J 90 38.77 19.54 -27.27
CA SER J 90 37.81 20.52 -26.75
C SER J 90 36.43 19.94 -26.47
N THR J 91 36.26 18.61 -26.55
CA THR J 91 35.00 17.95 -26.25
C THR J 91 34.86 17.95 -24.73
N ASN J 92 33.63 17.70 -24.27
CA ASN J 92 33.34 17.49 -22.84
C ASN J 92 33.79 18.59 -21.87
N PRO J 93 33.51 19.86 -22.21
CA PRO J 93 33.82 20.92 -21.26
C PRO J 93 33.02 20.82 -19.95
N ILE J 94 33.61 21.32 -18.87
CA ILE J 94 32.97 21.38 -17.54
C ILE J 94 32.21 22.70 -17.35
N ALA J 95 32.63 23.73 -18.08
CA ALA J 95 32.10 25.07 -17.98
C ALA J 95 31.84 25.48 -19.42
N PRO J 96 30.94 26.47 -19.63
CA PRO J 96 30.76 27.07 -20.94
C PRO J 96 31.99 27.90 -21.38
N ASN J 97 32.20 28.05 -22.67
CA ASN J 97 33.40 28.72 -23.16
C ASN J 97 33.12 30.20 -23.41
N ASP J 98 32.33 30.81 -22.52
CA ASP J 98 31.82 32.17 -22.72
C ASP J 98 32.62 33.26 -22.02
N SER J 99 33.61 32.87 -21.22
CA SER J 99 34.43 33.80 -20.44
C SER J 99 35.85 33.24 -20.19
N LEU J 100 36.75 34.13 -19.77
CA LEU J 100 38.10 33.75 -19.40
C LEU J 100 38.13 32.82 -18.20
N GLU J 101 37.37 33.12 -17.14
CA GLU J 101 37.25 32.20 -15.97
C GLU J 101 36.76 30.81 -16.37
N ASN J 102 35.70 30.78 -17.17
CA ASN J 102 35.08 29.51 -17.57
C ASN J 102 35.92 28.71 -18.55
N ARG J 103 36.54 29.38 -19.52
CA ARG J 103 37.47 28.72 -20.40
C ARG J 103 38.67 28.19 -19.60
N MET J 104 39.11 28.96 -18.61
CA MET J 104 40.21 28.51 -17.75
C MET J 104 39.94 27.12 -17.18
N LYS J 105 38.70 26.89 -16.75
CA LYS J 105 38.30 25.60 -16.20
C LYS J 105 38.25 24.43 -17.18
N ASN J 106 38.21 24.71 -18.48
CA ASN J 106 38.17 23.65 -19.48
C ASN J 106 39.56 23.16 -19.87
N ASN J 107 40.56 23.96 -19.54
CA ASN J 107 41.95 23.69 -19.81
C ASN J 107 42.48 22.97 -18.61
N ARG J 108 42.29 21.64 -18.61
CA ARG J 108 42.61 20.82 -17.46
C ARG J 108 42.81 19.35 -17.77
N VAL J 109 43.36 18.65 -16.79
CA VAL J 109 43.56 17.20 -16.86
C VAL J 109 42.78 16.63 -15.69
N GLU J 110 42.08 15.52 -15.91
CA GLU J 110 41.29 14.86 -14.86
C GLU J 110 41.78 13.40 -14.69
N ILE J 111 41.64 12.91 -13.46
CA ILE J 111 42.11 11.58 -13.11
C ILE J 111 40.87 10.71 -13.08
N PHE J 112 40.89 9.61 -13.84
CA PHE J 112 39.80 8.62 -13.80
C PHE J 112 40.31 7.31 -13.24
N PHE J 113 39.54 6.73 -12.33
CA PHE J 113 39.87 5.47 -11.68
C PHE J 113 39.14 4.32 -12.35
N SER J 114 39.84 3.22 -12.52
CA SER J 114 39.25 2.01 -13.05
C SER J 114 39.32 1.01 -11.91
N THR J 115 38.16 0.68 -11.35
CA THR J 115 38.03 -0.07 -10.11
C THR J 115 36.79 -0.97 -10.09
N ASP J 116 36.90 -2.13 -9.45
CA ASP J 116 35.73 -2.95 -9.20
C ASP J 116 34.96 -2.37 -8.00
N ALA J 117 33.79 -2.92 -7.72
CA ALA J 117 32.91 -2.45 -6.63
C ALA J 117 33.60 -2.40 -5.27
N ASN J 118 34.40 -3.41 -4.95
CA ASN J 118 35.01 -3.57 -3.62
C ASN J 118 36.21 -2.67 -3.37
N ASP J 119 36.97 -2.45 -4.42
CA ASP J 119 38.05 -1.47 -4.37
C ASP J 119 37.52 -0.03 -4.36
N LEU J 120 36.35 0.19 -4.97
CA LEU J 120 35.73 1.51 -5.01
C LEU J 120 35.60 2.09 -3.60
N SER J 121 35.27 1.22 -2.67
CA SER J 121 35.07 1.60 -1.28
C SER J 121 36.37 1.96 -0.59
N LYS J 122 37.47 1.30 -0.97
CA LYS J 122 38.79 1.57 -0.41
C LYS J 122 39.37 2.88 -0.91
N ILE J 123 39.26 3.12 -2.21
CA ILE J 123 39.62 4.43 -2.78
C ILE J 123 38.84 5.54 -2.07
N HIS J 124 37.51 5.38 -1.96
CA HIS J 124 36.67 6.38 -1.28
C HIS J 124 37.37 6.86 0.01
N SER J 125 37.65 5.92 0.90
CA SER J 125 38.30 6.17 2.21
C SER J 125 39.66 6.83 2.15
N ILE J 126 40.54 6.34 1.29
CA ILE J 126 41.87 6.94 1.11
C ILE J 126 41.67 8.42 0.78
N LEU J 127 40.76 8.70 -0.14
CA LEU J 127 40.51 10.08 -0.57
C LEU J 127 39.90 10.97 0.52
N ASP J 128 39.01 10.44 1.35
CA ASP J 128 38.54 11.19 2.54
C ASP J 128 39.73 11.53 3.44
N ASN J 129 40.51 10.51 3.81
CA ASN J 129 41.61 10.64 4.76
C ASN J 129 42.67 11.65 4.30
N GLU J 130 42.82 11.80 2.98
CA GLU J 130 43.79 12.72 2.44
C GLU J 130 43.27 14.15 2.29
N PHE J 131 42.02 14.30 1.85
CA PHE J 131 41.47 15.59 1.46
C PHE J 131 40.47 16.22 2.42
N ASN J 132 39.86 15.42 3.30
CA ASN J 132 38.86 15.94 4.23
C ASN J 132 38.85 15.24 5.60
N PRO J 133 39.99 15.28 6.33
CA PRO J 133 40.07 14.74 7.67
C PRO J 133 39.90 15.82 8.76
N HIS J 134 40.36 15.53 9.99
CA HIS J 134 40.45 16.46 11.12
C HIS J 134 40.35 17.95 10.77
N GLY K 1 30.56 -7.74 0.36
CA GLY K 1 31.24 -7.49 -0.94
C GLY K 1 30.28 -7.72 -2.10
N ILE K 2 30.45 -6.97 -3.18
CA ILE K 2 29.68 -7.18 -4.40
C ILE K 2 30.34 -8.30 -5.20
N ASP K 3 29.62 -9.39 -5.40
CA ASP K 3 30.18 -10.58 -6.05
C ASP K 3 30.18 -10.47 -7.55
N PRO K 4 31.14 -11.15 -8.20
CA PRO K 4 31.15 -11.29 -9.67
C PRO K 4 30.04 -12.18 -10.16
N PHE K 5 29.91 -12.21 -11.48
CA PHE K 5 29.02 -13.18 -12.14
C PHE K 5 29.84 -14.49 -12.32
N THR K 6 29.58 -15.49 -11.47
CA THR K 6 30.34 -16.76 -11.56
C THR K 6 29.63 -17.80 -12.44
N PHE K 7 30.37 -18.35 -13.39
CA PHE K 7 29.80 -19.30 -14.35
C PHE K 7 29.77 -20.74 -13.83
N GLU K 8 29.00 -21.59 -14.50
CA GLU K 8 28.65 -22.89 -13.95
C GLU K 8 29.82 -23.85 -13.86
N ASN K 9 30.61 -23.90 -14.91
CA ASN K 9 31.74 -24.81 -14.95
C ASN K 9 32.82 -24.16 -15.75
N ALA K 10 33.94 -24.88 -15.92
CA ALA K 10 35.16 -24.42 -16.55
C ALA K 10 35.00 -23.95 -17.98
N THR K 11 34.08 -24.58 -18.70
CA THR K 11 33.95 -24.37 -20.14
C THR K 11 32.65 -23.67 -20.56
N SER K 12 31.76 -23.41 -19.61
CA SER K 12 30.42 -22.93 -19.89
C SER K 12 30.38 -21.41 -20.08
N ASP K 13 29.71 -20.90 -21.11
CA ASP K 13 29.43 -19.45 -21.13
C ASP K 13 27.94 -19.13 -20.89
N ALA K 14 27.24 -20.10 -20.26
CA ALA K 14 25.81 -20.08 -20.02
C ALA K 14 25.39 -19.11 -18.91
N ILE K 15 24.31 -18.37 -19.16
CA ILE K 15 23.75 -17.38 -18.23
C ILE K 15 22.43 -18.00 -17.79
N ASN K 16 22.44 -18.61 -16.61
CA ASN K 16 21.22 -19.22 -16.07
C ASN K 16 20.35 -18.14 -15.46
N GLN K 17 19.26 -18.54 -14.81
CA GLN K 17 18.23 -17.57 -14.44
C GLN K 17 18.62 -16.76 -13.21
N ASP K 18 19.35 -17.37 -12.29
CA ASP K 18 19.92 -16.64 -11.16
C ASP K 18 20.90 -15.56 -11.60
N MET K 19 21.71 -15.86 -12.61
CA MET K 19 22.67 -14.89 -13.15
C MET K 19 21.94 -13.75 -13.85
N MET K 20 20.93 -14.08 -14.66
CA MET K 20 20.08 -13.10 -15.32
C MET K 20 19.48 -12.10 -14.34
N LEU K 21 18.96 -12.60 -13.20
CA LEU K 21 18.39 -11.72 -12.14
C LEU K 21 19.47 -10.84 -11.49
N TYR K 22 20.66 -11.39 -11.38
CA TYR K 22 21.73 -10.68 -10.74
C TYR K 22 22.25 -9.61 -11.71
N ILE K 23 22.44 -9.98 -12.98
CA ILE K 23 22.86 -9.02 -14.01
C ILE K 23 21.85 -7.87 -14.07
N GLU K 24 20.56 -8.22 -14.00
CA GLU K 24 19.44 -7.27 -14.00
C GLU K 24 19.47 -6.22 -12.90
N ARG K 25 19.89 -6.61 -11.71
CA ARG K 25 20.09 -5.68 -10.57
C ARG K 25 21.26 -4.73 -10.81
N ILE K 26 22.31 -5.25 -11.45
CA ILE K 26 23.46 -4.44 -11.87
C ILE K 26 23.09 -3.46 -12.95
N ALA K 27 22.25 -3.87 -13.91
CA ALA K 27 21.78 -2.96 -14.99
C ALA K 27 20.97 -1.80 -14.42
N LYS K 28 20.11 -2.11 -13.45
CA LYS K 28 19.33 -1.16 -12.67
C LYS K 28 20.20 -0.06 -12.00
N ILE K 29 21.18 -0.49 -11.22
CA ILE K 29 22.26 0.32 -10.63
C ILE K 29 22.98 1.20 -11.62
N ILE K 30 23.44 0.59 -12.73
CA ILE K 30 24.20 1.32 -13.75
C ILE K 30 23.36 2.48 -14.28
N GLN K 31 22.07 2.25 -14.47
CA GLN K 31 21.24 3.32 -15.04
C GLN K 31 21.08 4.49 -14.09
N LYS K 32 21.33 4.30 -12.79
CA LYS K 32 21.30 5.34 -11.78
C LYS K 32 22.60 6.14 -11.70
N LEU K 33 23.67 5.65 -12.32
CA LEU K 33 24.99 6.31 -12.22
C LEU K 33 25.11 7.58 -13.03
N PRO K 34 26.00 8.49 -12.60
CA PRO K 34 26.28 9.61 -13.49
C PRO K 34 26.76 9.10 -14.84
N LYS K 35 26.35 9.77 -15.91
CA LYS K 35 26.65 9.41 -17.30
C LYS K 35 28.14 9.39 -17.70
N ARG K 36 28.97 10.16 -17.01
CA ARG K 36 30.40 10.09 -17.23
C ARG K 36 31.00 8.79 -16.68
N VAL K 37 30.24 8.02 -15.92
CA VAL K 37 30.73 6.74 -15.43
C VAL K 37 30.51 5.70 -16.52
N HIS K 38 31.60 5.06 -16.95
CA HIS K 38 31.54 3.95 -17.89
C HIS K 38 31.83 2.63 -17.20
N ILE K 39 31.32 1.55 -17.81
CA ILE K 39 31.34 0.21 -17.25
C ILE K 39 32.06 -0.71 -18.24
N ASN K 40 32.98 -1.49 -17.71
CA ASN K 40 33.75 -2.37 -18.55
C ASN K 40 33.51 -3.73 -18.00
N VAL K 41 32.95 -4.60 -18.84
CA VAL K 41 32.61 -5.95 -18.48
C VAL K 41 33.78 -6.88 -18.73
N ARG K 42 34.40 -7.40 -17.67
CA ARG K 42 35.64 -8.20 -17.79
C ARG K 42 35.45 -9.69 -17.58
N GLY K 43 35.92 -10.45 -18.56
CA GLY K 43 35.81 -11.92 -18.57
C GLY K 43 37.14 -12.58 -18.22
N PHE K 44 37.05 -13.66 -17.44
CA PHE K 44 38.16 -14.44 -16.95
C PHE K 44 37.83 -15.91 -17.02
N THR K 45 38.88 -16.74 -17.02
CA THR K 45 38.72 -18.18 -16.81
C THR K 45 39.67 -18.67 -15.71
N ASP K 46 39.47 -19.93 -15.34
CA ASP K 46 40.48 -20.76 -14.67
C ASP K 46 41.54 -21.21 -15.71
N ASP K 47 42.40 -22.15 -15.34
CA ASP K 47 43.43 -22.70 -16.24
C ASP K 47 43.23 -24.17 -16.63
N THR K 48 42.07 -24.75 -16.29
CA THR K 48 41.62 -26.03 -16.83
C THR K 48 41.97 -26.16 -18.31
N PRO K 49 42.83 -27.14 -18.67
CA PRO K 49 43.01 -27.45 -20.11
C PRO K 49 41.67 -27.54 -20.81
N LEU K 50 41.58 -26.99 -22.03
CA LEU K 50 40.29 -26.88 -22.71
C LEU K 50 39.90 -28.15 -23.44
N VAL K 51 38.93 -28.87 -22.87
CA VAL K 51 38.49 -30.17 -23.38
C VAL K 51 37.01 -30.10 -23.74
N LYS K 52 36.60 -30.97 -24.67
CA LYS K 52 35.21 -31.13 -25.12
C LYS K 52 34.51 -29.78 -25.17
N THR K 53 35.06 -28.89 -25.98
CA THR K 53 34.56 -27.53 -26.10
C THR K 53 34.88 -26.94 -27.47
N ARG K 54 33.98 -26.08 -27.95
CA ARG K 54 34.22 -25.35 -29.19
C ARG K 54 35.33 -24.29 -29.02
N PHE K 55 35.66 -23.94 -27.77
CA PHE K 55 36.71 -22.96 -27.48
C PHE K 55 38.14 -23.55 -27.61
N LYS K 56 38.97 -22.81 -28.31
CA LYS K 56 40.35 -23.14 -28.61
C LYS K 56 41.29 -22.38 -27.67
N SER K 57 40.79 -21.32 -27.03
CA SER K 57 41.59 -20.41 -26.20
C SER K 57 40.72 -20.01 -25.03
N HIS K 58 41.31 -19.90 -23.85
CA HIS K 58 40.66 -19.31 -22.68
C HIS K 58 40.22 -17.86 -22.93
N TYR K 59 41.02 -17.09 -23.65
CA TYR K 59 40.63 -15.75 -24.07
C TYR K 59 39.28 -15.71 -24.80
N GLU K 60 39.00 -16.67 -25.70
CA GLU K 60 37.68 -16.76 -26.41
C GLU K 60 36.50 -17.11 -25.49
N LEU K 61 36.69 -18.06 -24.59
CA LEU K 61 35.69 -18.35 -23.60
C LEU K 61 35.41 -17.08 -22.78
N ALA K 62 36.47 -16.49 -22.25
CA ALA K 62 36.42 -15.20 -21.50
C ALA K 62 35.76 -14.05 -22.26
N ALA K 63 36.10 -13.87 -23.52
CA ALA K 63 35.48 -12.87 -24.37
C ALA K 63 33.99 -13.14 -24.53
N ASN K 64 33.62 -14.41 -24.67
CA ASN K 64 32.19 -14.79 -24.81
C ASN K 64 31.38 -14.61 -23.58
N ARG K 65 31.94 -14.94 -22.42
CA ARG K 65 31.31 -14.61 -21.15
C ARG K 65 31.02 -13.11 -20.98
N ALA K 66 32.01 -12.27 -21.26
CA ALA K 66 31.90 -10.86 -20.98
C ALA K 66 30.96 -10.24 -22.01
N TYR K 67 31.18 -10.58 -23.28
CA TYR K 67 30.27 -10.17 -24.33
C TYR K 67 28.81 -10.52 -24.03
N ARG K 68 28.57 -11.77 -23.59
CA ARG K 68 27.21 -12.24 -23.24
C ARG K 68 26.55 -11.46 -22.09
N VAL K 69 27.33 -11.18 -21.06
CA VAL K 69 26.86 -10.34 -19.95
C VAL K 69 26.59 -8.88 -20.38
N MET K 70 27.48 -8.33 -21.19
CA MET K 70 27.25 -7.00 -21.74
C MET K 70 25.95 -6.95 -22.55
N LYS K 71 25.69 -7.96 -23.38
CA LYS K 71 24.46 -7.95 -24.17
C LYS K 71 23.21 -7.87 -23.31
N VAL K 72 23.20 -8.63 -22.20
CA VAL K 72 22.08 -8.67 -21.24
C VAL K 72 21.90 -7.31 -20.55
N LEU K 73 23.00 -6.70 -20.11
CA LEU K 73 22.97 -5.31 -19.63
C LEU K 73 22.30 -4.39 -20.65
N ILE K 74 22.67 -4.54 -21.93
CA ILE K 74 22.04 -3.78 -22.99
C ILE K 74 20.55 -4.07 -23.09
N GLN K 75 20.17 -5.34 -22.97
CA GLN K 75 18.75 -5.76 -22.99
C GLN K 75 17.95 -5.22 -21.80
N TYR K 76 18.59 -5.03 -20.68
CA TYR K 76 17.94 -4.37 -19.55
C TYR K 76 18.02 -2.85 -19.56
N GLY K 77 18.54 -2.24 -20.63
CA GLY K 77 18.45 -0.79 -20.81
C GLY K 77 19.71 0.00 -20.56
N VAL K 78 20.84 -0.63 -20.23
CA VAL K 78 22.07 0.15 -20.06
C VAL K 78 22.47 0.67 -21.44
N ASN K 79 22.90 1.92 -21.48
CA ASN K 79 23.34 2.60 -22.69
C ASN K 79 24.63 1.96 -23.25
N PRO K 80 24.60 1.40 -24.48
CA PRO K 80 25.82 0.88 -25.15
C PRO K 80 27.01 1.85 -25.03
N ASN K 81 26.75 3.14 -25.17
CA ASN K 81 27.78 4.17 -25.05
C ASN K 81 28.56 4.11 -23.74
N GLN K 82 27.93 3.66 -22.66
CA GLN K 82 28.58 3.50 -21.36
C GLN K 82 29.31 2.17 -21.17
N LEU K 83 29.30 1.30 -22.17
CA LEU K 83 29.68 -0.08 -22.02
C LEU K 83 30.75 -0.49 -22.99
N SER K 84 31.60 -1.41 -22.49
CA SER K 84 32.63 -2.15 -23.23
C SER K 84 32.80 -3.48 -22.55
N PHE K 85 33.50 -4.39 -23.20
CA PHE K 85 33.81 -5.70 -22.66
C PHE K 85 35.26 -6.05 -22.98
N SER K 86 35.88 -6.83 -22.10
CA SER K 86 37.30 -7.22 -22.24
C SER K 86 37.50 -8.65 -21.79
N SER K 87 38.44 -9.35 -22.43
CA SER K 87 38.81 -10.72 -22.14
C SER K 87 40.16 -10.73 -21.46
N TYR K 88 40.25 -11.35 -20.29
CA TYR K 88 41.54 -11.50 -19.61
C TYR K 88 42.06 -12.93 -19.68
N GLY K 89 41.33 -13.82 -20.33
CA GLY K 89 41.70 -15.23 -20.31
C GLY K 89 41.84 -15.77 -18.89
N SER K 90 42.92 -16.48 -18.62
CA SER K 90 43.21 -17.05 -17.30
C SER K 90 44.15 -16.18 -16.48
N THR K 91 44.42 -14.96 -16.96
CA THR K 91 45.20 -14.00 -16.18
C THR K 91 44.37 -13.45 -15.03
N ASN K 92 45.07 -12.81 -14.08
CA ASN K 92 44.48 -12.17 -12.93
C ASN K 92 43.45 -12.99 -12.17
N PRO K 93 43.80 -14.23 -11.79
CA PRO K 93 42.83 -15.02 -11.04
C PRO K 93 42.47 -14.40 -9.67
N ILE K 94 41.28 -14.72 -9.15
CA ILE K 94 40.89 -14.29 -7.80
C ILE K 94 41.74 -14.98 -6.72
N ALA K 95 41.85 -16.29 -6.85
CA ALA K 95 42.71 -17.09 -6.01
C ALA K 95 43.45 -18.02 -6.97
N PRO K 96 44.60 -18.58 -6.55
CA PRO K 96 45.38 -19.48 -7.43
C PRO K 96 44.65 -20.79 -7.78
N ASN K 97 44.93 -21.32 -8.98
CA ASN K 97 44.22 -22.50 -9.51
C ASN K 97 44.74 -23.82 -8.96
N ASP K 98 44.90 -23.88 -7.63
CA ASP K 98 45.45 -25.04 -6.94
C ASP K 98 44.40 -25.85 -6.16
N SER K 99 43.13 -25.54 -6.43
CA SER K 99 41.97 -26.28 -5.91
C SER K 99 40.73 -26.15 -6.81
N LEU K 100 39.81 -27.09 -6.59
CA LEU K 100 38.58 -27.17 -7.38
C LEU K 100 37.70 -25.94 -7.13
N GLU K 101 37.60 -25.53 -5.87
CA GLU K 101 36.81 -24.37 -5.50
C GLU K 101 37.45 -23.08 -5.97
N ASN K 102 38.79 -22.98 -5.92
CA ASN K 102 39.48 -21.82 -6.50
C ASN K 102 39.32 -21.78 -8.02
N ARG K 103 39.49 -22.92 -8.69
CA ARG K 103 39.34 -22.93 -10.13
C ARG K 103 37.94 -22.45 -10.50
N MET K 104 36.95 -22.98 -9.79
CA MET K 104 35.57 -22.65 -10.02
C MET K 104 35.29 -21.14 -9.92
N LYS K 105 35.80 -20.48 -8.88
CA LYS K 105 35.55 -19.04 -8.74
C LYS K 105 36.29 -18.11 -9.74
N ASN K 106 37.29 -18.67 -10.45
CA ASN K 106 38.01 -17.94 -11.50
C ASN K 106 37.28 -17.87 -12.82
N ASN K 107 36.23 -18.69 -12.95
CA ASN K 107 35.38 -18.62 -14.13
C ASN K 107 34.29 -17.64 -13.81
N ARG K 108 34.54 -16.36 -14.11
CA ARG K 108 33.58 -15.30 -13.78
C ARG K 108 33.65 -14.08 -14.70
N VAL K 109 32.66 -13.21 -14.57
CA VAL K 109 32.72 -11.90 -15.21
C VAL K 109 32.65 -10.82 -14.13
N GLU K 110 33.49 -9.80 -14.27
CA GLU K 110 33.55 -8.70 -13.29
C GLU K 110 33.16 -7.36 -13.86
N ILE K 111 32.52 -6.52 -13.06
CA ILE K 111 32.22 -5.15 -13.46
C ILE K 111 33.29 -4.19 -12.94
N PHE K 112 33.86 -3.40 -13.86
CA PHE K 112 34.78 -2.31 -13.52
C PHE K 112 34.15 -0.97 -13.86
N PHE K 113 34.22 -0.08 -12.89
CA PHE K 113 33.74 1.25 -13.09
C PHE K 113 34.94 2.10 -13.50
N SER K 114 34.76 2.95 -14.49
CA SER K 114 35.68 4.02 -14.87
C SER K 114 35.06 5.35 -14.39
N THR K 115 35.75 6.05 -13.49
CA THR K 115 35.11 7.15 -12.78
C THR K 115 36.06 8.22 -12.22
N ASP K 116 35.59 9.45 -12.14
CA ASP K 116 36.42 10.48 -11.56
C ASP K 116 36.21 10.43 -10.02
N ALA K 117 37.02 11.17 -9.27
CA ALA K 117 36.95 11.17 -7.80
C ALA K 117 35.58 11.54 -7.23
N ASN K 118 34.91 12.48 -7.90
CA ASN K 118 33.68 13.07 -7.42
C ASN K 118 32.46 12.18 -7.66
N ASP K 119 32.43 11.47 -8.78
CA ASP K 119 31.32 10.55 -9.05
C ASP K 119 31.50 9.24 -8.26
N LEU K 120 32.68 9.01 -7.70
CA LEU K 120 33.00 7.74 -7.06
C LEU K 120 32.23 7.51 -5.75
N SER K 121 32.02 8.55 -4.96
CA SER K 121 31.18 8.45 -3.76
C SER K 121 29.69 8.27 -4.08
N LYS K 122 29.20 8.90 -5.15
CA LYS K 122 27.87 8.62 -5.68
C LYS K 122 27.69 7.14 -6.03
N ILE K 123 28.65 6.55 -6.73
CA ILE K 123 28.61 5.12 -7.06
C ILE K 123 28.49 4.32 -5.77
N HIS K 124 29.33 4.66 -4.82
CA HIS K 124 29.43 3.92 -3.58
C HIS K 124 28.08 3.91 -2.88
N SER K 125 27.53 5.10 -2.71
CA SER K 125 26.20 5.34 -2.14
C SER K 125 25.09 4.51 -2.82
N ILE K 126 25.04 4.60 -4.15
CA ILE K 126 24.08 3.84 -4.97
C ILE K 126 24.24 2.32 -4.90
N LEU K 127 25.49 1.86 -4.86
CA LEU K 127 25.81 0.44 -4.67
C LEU K 127 25.33 -0.02 -3.30
N ASP K 128 25.63 0.77 -2.28
CA ASP K 128 25.14 0.53 -0.92
C ASP K 128 23.62 0.46 -0.83
N ASN K 129 22.90 1.41 -1.44
CA ASN K 129 21.43 1.40 -1.36
C ASN K 129 20.83 0.11 -1.92
N GLU K 130 21.41 -0.42 -3.00
CA GLU K 130 20.88 -1.62 -3.64
C GLU K 130 21.32 -2.88 -2.91
N PHE K 131 22.58 -2.92 -2.48
CA PHE K 131 23.13 -4.14 -1.89
C PHE K 131 23.20 -4.13 -0.38
N ASN K 132 22.79 -3.01 0.21
CA ASN K 132 22.18 -2.98 1.57
C ASN K 132 20.66 -2.80 1.48
N GLY L 1 37.68 2.34 -51.75
CA GLY L 1 38.49 1.12 -51.49
C GLY L 1 37.65 0.06 -50.80
N ILE L 2 37.66 0.09 -49.46
CA ILE L 2 36.71 -0.65 -48.65
C ILE L 2 35.89 0.44 -47.99
N ASP L 3 34.57 0.38 -48.16
CA ASP L 3 33.72 1.49 -47.77
C ASP L 3 33.19 1.29 -46.38
N PRO L 4 32.80 2.39 -45.73
CA PRO L 4 32.16 2.24 -44.44
C PRO L 4 30.79 1.60 -44.56
N PHE L 5 30.15 1.35 -43.41
CA PHE L 5 28.75 0.99 -43.34
C PHE L 5 28.07 2.33 -43.12
N THR L 6 27.48 2.86 -44.18
CA THR L 6 26.87 4.20 -44.17
C THR L 6 25.41 4.04 -43.86
N PHE L 7 24.90 4.80 -42.91
CA PHE L 7 23.50 4.62 -42.50
C PHE L 7 22.45 5.42 -43.31
N GLU L 8 21.27 4.83 -43.36
CA GLU L 8 20.13 5.37 -44.10
C GLU L 8 19.92 6.85 -43.87
N ASN L 9 19.63 7.21 -42.64
CA ASN L 9 19.37 8.59 -42.31
C ASN L 9 20.08 8.95 -41.03
N ALA L 10 20.23 10.26 -40.84
CA ALA L 10 20.88 10.91 -39.71
C ALA L 10 20.63 10.27 -38.34
N THR L 11 19.43 9.75 -38.14
CA THR L 11 19.04 9.30 -36.82
C THR L 11 18.78 7.81 -36.69
N SER L 12 19.02 7.01 -37.73
CA SER L 12 18.74 5.57 -37.60
C SER L 12 19.99 4.75 -37.36
N ASP L 13 19.81 3.66 -36.59
CA ASP L 13 20.86 2.67 -36.36
C ASP L 13 20.41 1.38 -36.99
N ALA L 14 19.39 1.48 -37.83
CA ALA L 14 18.93 0.35 -38.62
C ALA L 14 19.97 0.01 -39.65
N ILE L 15 20.10 -1.29 -39.88
CA ILE L 15 21.05 -1.89 -40.81
C ILE L 15 20.21 -2.64 -41.82
N ASN L 16 20.08 -2.05 -43.01
CA ASN L 16 19.33 -2.62 -44.14
C ASN L 16 19.85 -3.97 -44.62
N GLN L 17 19.13 -4.54 -45.60
CA GLN L 17 19.54 -5.79 -46.24
C GLN L 17 20.88 -5.69 -46.97
N ASP L 18 21.02 -4.67 -47.81
CA ASP L 18 22.30 -4.46 -48.50
C ASP L 18 23.47 -4.26 -47.51
N MET L 19 23.24 -3.58 -46.38
CA MET L 19 24.30 -3.41 -45.41
C MET L 19 24.63 -4.75 -44.76
N MET L 20 23.57 -5.48 -44.40
CA MET L 20 23.72 -6.83 -43.84
C MET L 20 24.66 -7.72 -44.62
N LEU L 21 24.40 -7.85 -45.92
CA LEU L 21 25.26 -8.66 -46.80
C LEU L 21 26.69 -8.13 -46.90
N TYR L 22 26.83 -6.82 -46.78
CA TYR L 22 28.15 -6.21 -46.82
C TYR L 22 28.90 -6.53 -45.50
N ILE L 23 28.20 -6.46 -44.36
CA ILE L 23 28.77 -6.78 -43.05
C ILE L 23 29.26 -8.24 -43.01
N GLU L 24 28.44 -9.15 -43.54
CA GLU L 24 28.79 -10.60 -43.66
C GLU L 24 30.08 -10.87 -44.47
N ARG L 25 30.18 -10.17 -45.60
CA ARG L 25 31.34 -10.22 -46.47
C ARG L 25 32.60 -9.78 -45.72
N ILE L 26 32.48 -8.68 -44.98
CA ILE L 26 33.55 -8.22 -44.07
C ILE L 26 33.77 -9.18 -42.92
N ALA L 27 32.70 -9.78 -42.41
CA ALA L 27 32.80 -10.89 -41.45
C ALA L 27 33.65 -12.03 -41.97
N LYS L 28 33.44 -12.44 -43.23
CA LYS L 28 34.21 -13.55 -43.83
C LYS L 28 35.71 -13.24 -43.96
N ILE L 29 36.02 -12.02 -44.37
CA ILE L 29 37.40 -11.52 -44.42
C ILE L 29 38.10 -11.59 -43.07
N ILE L 30 37.44 -11.16 -42.00
CA ILE L 30 38.05 -11.11 -40.67
C ILE L 30 38.50 -12.50 -40.20
N GLN L 31 37.70 -13.52 -40.52
CA GLN L 31 38.01 -14.90 -40.10
C GLN L 31 39.16 -15.55 -40.88
N LYS L 32 39.67 -14.86 -41.89
CA LYS L 32 40.86 -15.29 -42.61
C LYS L 32 42.12 -14.62 -42.05
N LEU L 33 41.96 -13.50 -41.33
CA LEU L 33 43.07 -12.72 -40.78
C LEU L 33 43.78 -13.48 -39.66
N PRO L 34 45.07 -13.17 -39.38
CA PRO L 34 45.73 -13.81 -38.21
C PRO L 34 45.02 -13.44 -36.91
N LYS L 35 45.15 -14.32 -35.93
CA LYS L 35 44.43 -14.24 -34.66
C LYS L 35 44.83 -13.03 -33.81
N ARG L 36 46.08 -12.59 -33.96
CA ARG L 36 46.63 -11.43 -33.30
C ARG L 36 46.12 -10.10 -33.84
N VAL L 37 45.42 -10.12 -34.97
CA VAL L 37 44.76 -8.93 -35.49
C VAL L 37 43.39 -8.72 -34.80
N HIS L 38 43.28 -7.65 -34.01
CA HIS L 38 41.97 -7.27 -33.47
C HIS L 38 41.28 -6.21 -34.34
N ILE L 39 39.96 -6.12 -34.20
CA ILE L 39 39.09 -5.23 -35.00
C ILE L 39 38.31 -4.30 -34.05
N ASN L 40 38.33 -3.00 -34.36
CA ASN L 40 37.62 -2.00 -33.58
C ASN L 40 36.54 -1.46 -34.52
N VAL L 41 35.28 -1.61 -34.10
CA VAL L 41 34.12 -1.14 -34.81
C VAL L 41 33.81 0.29 -34.29
N ARG L 42 33.98 1.28 -35.15
CA ARG L 42 33.84 2.69 -34.77
C ARG L 42 32.61 3.30 -35.36
N GLY L 43 31.87 3.99 -34.50
CA GLY L 43 30.63 4.64 -34.92
C GLY L 43 30.68 6.15 -34.86
N PHE L 44 30.03 6.76 -35.83
CA PHE L 44 30.07 8.19 -36.04
C PHE L 44 28.71 8.70 -36.41
N THR L 45 28.52 10.01 -36.25
CA THR L 45 27.36 10.71 -36.76
C THR L 45 27.73 12.04 -37.46
N ASP L 46 26.76 12.60 -38.18
CA ASP L 46 26.80 14.01 -38.57
C ASP L 46 26.44 14.82 -37.34
N ASP L 47 26.18 16.11 -37.53
CA ASP L 47 25.85 17.03 -36.46
C ASP L 47 24.41 17.53 -36.51
N THR L 48 23.53 16.79 -37.19
CA THR L 48 22.12 17.18 -37.28
C THR L 48 21.43 16.98 -35.93
N PRO L 49 20.49 17.89 -35.60
CA PRO L 49 19.84 17.89 -34.29
C PRO L 49 19.08 16.59 -33.98
N LEU L 50 19.28 16.09 -32.77
CA LEU L 50 18.59 14.90 -32.29
C LEU L 50 17.32 15.34 -31.55
N VAL L 51 16.64 16.37 -32.07
CA VAL L 51 15.41 16.89 -31.51
C VAL L 51 14.31 15.82 -31.68
N LYS L 52 13.58 15.53 -30.60
CA LYS L 52 12.53 14.49 -30.59
C LYS L 52 12.94 13.20 -31.34
N THR L 53 13.88 12.45 -30.76
CA THR L 53 14.32 11.15 -31.27
C THR L 53 14.57 10.31 -30.02
N ARG L 54 14.75 8.99 -30.16
CA ARG L 54 14.99 8.18 -28.97
C ARG L 54 16.36 8.51 -28.35
N PHE L 55 17.29 8.99 -29.18
CA PHE L 55 18.65 9.27 -28.72
C PHE L 55 18.79 10.65 -28.07
N LYS L 56 19.45 10.68 -26.91
CA LYS L 56 19.73 11.92 -26.19
C LYS L 56 21.03 12.60 -26.66
N SER L 57 21.88 11.88 -27.39
CA SER L 57 23.15 12.45 -27.86
C SER L 57 23.68 11.62 -29.03
N HIS L 58 24.55 12.24 -29.82
CA HIS L 58 25.20 11.60 -30.96
C HIS L 58 26.12 10.47 -30.54
N TYR L 59 26.75 10.60 -29.39
CA TYR L 59 27.55 9.49 -28.85
C TYR L 59 26.72 8.24 -28.67
N GLU L 60 25.50 8.44 -28.17
CA GLU L 60 24.55 7.36 -27.98
C GLU L 60 24.15 6.68 -29.29
N LEU L 61 23.85 7.50 -30.30
CA LEU L 61 23.52 6.95 -31.61
C LEU L 61 24.73 6.22 -32.20
N ALA L 62 25.92 6.80 -32.06
CA ALA L 62 27.11 6.21 -32.67
C ALA L 62 27.42 4.87 -32.04
N ALA L 63 27.23 4.76 -30.73
CA ALA L 63 27.47 3.52 -30.02
C ALA L 63 26.54 2.43 -30.49
N ASN L 64 25.29 2.78 -30.73
CA ASN L 64 24.31 1.79 -31.16
C ASN L 64 24.59 1.32 -32.56
N ARG L 65 25.16 2.22 -33.35
CA ARG L 65 25.50 1.91 -34.70
C ARG L 65 26.67 0.96 -34.64
N ALA L 66 27.72 1.37 -33.91
CA ALA L 66 28.93 0.55 -33.72
C ALA L 66 28.62 -0.83 -33.16
N TYR L 67 27.94 -0.86 -32.02
CA TYR L 67 27.52 -2.11 -31.34
C TYR L 67 26.64 -3.03 -32.22
N ARG L 68 25.62 -2.49 -32.86
CA ARG L 68 24.80 -3.32 -33.76
C ARG L 68 25.64 -3.96 -34.86
N VAL L 69 26.59 -3.23 -35.41
CA VAL L 69 27.49 -3.76 -36.43
C VAL L 69 28.39 -4.88 -35.86
N MET L 70 29.04 -4.62 -34.73
CA MET L 70 29.79 -5.65 -34.00
C MET L 70 28.93 -6.90 -33.72
N LYS L 71 27.71 -6.67 -33.28
CA LYS L 71 26.77 -7.75 -33.00
C LYS L 71 26.52 -8.58 -34.27
N VAL L 72 26.32 -7.95 -35.41
CA VAL L 72 26.20 -8.69 -36.68
C VAL L 72 27.50 -9.41 -37.10
N LEU L 73 28.66 -8.80 -36.90
CA LEU L 73 29.92 -9.49 -37.19
C LEU L 73 30.06 -10.80 -36.42
N ILE L 74 29.72 -10.74 -35.13
CA ILE L 74 29.76 -11.90 -34.24
C ILE L 74 28.79 -13.00 -34.72
N GLN L 75 27.59 -12.60 -35.13
CA GLN L 75 26.62 -13.56 -35.65
C GLN L 75 27.08 -14.21 -36.98
N TYR L 76 27.81 -13.48 -37.83
CA TYR L 76 28.38 -14.08 -39.05
C TYR L 76 29.76 -14.76 -38.84
N GLY L 77 30.18 -14.95 -37.59
CA GLY L 77 31.31 -15.82 -37.28
C GLY L 77 32.58 -15.15 -36.73
N VAL L 78 32.59 -13.83 -36.59
CA VAL L 78 33.75 -13.22 -35.96
C VAL L 78 33.77 -13.54 -34.46
N ASN L 79 34.97 -13.92 -34.04
CA ASN L 79 35.29 -14.06 -32.65
C ASN L 79 35.11 -12.75 -31.82
N PRO L 80 34.19 -12.76 -30.81
CA PRO L 80 34.13 -11.62 -29.87
C PRO L 80 35.49 -11.23 -29.23
N ASN L 81 36.44 -12.16 -29.11
CA ASN L 81 37.81 -11.86 -28.63
C ASN L 81 38.65 -10.99 -29.57
N GLN L 82 38.27 -10.92 -30.84
CA GLN L 82 38.97 -10.06 -31.79
C GLN L 82 38.30 -8.71 -31.92
N LEU L 83 37.13 -8.55 -31.30
CA LEU L 83 36.26 -7.39 -31.51
C LEU L 83 36.06 -6.46 -30.32
N SER L 84 35.84 -5.19 -30.62
CA SER L 84 35.56 -4.11 -29.68
C SER L 84 34.71 -3.08 -30.41
N PHE L 85 34.09 -2.15 -29.68
CA PHE L 85 33.34 -1.10 -30.33
C PHE L 85 33.57 0.23 -29.63
N SER L 86 33.56 1.29 -30.42
CA SER L 86 33.80 2.65 -29.95
C SER L 86 32.82 3.65 -30.54
N SER L 87 32.36 4.59 -29.72
CA SER L 87 31.55 5.72 -30.17
C SER L 87 32.43 6.96 -30.35
N TYR L 88 32.34 7.57 -31.53
CA TYR L 88 32.97 8.85 -31.82
C TYR L 88 31.97 10.02 -31.85
N GLY L 89 30.67 9.74 -31.77
CA GLY L 89 29.66 10.77 -31.87
C GLY L 89 29.86 11.53 -33.18
N SER L 90 29.75 12.86 -33.11
CA SER L 90 29.96 13.71 -34.27
C SER L 90 31.41 14.11 -34.50
N THR L 91 32.31 13.66 -33.63
CA THR L 91 33.72 13.93 -33.81
C THR L 91 34.26 13.19 -35.04
N ASN L 92 35.44 13.62 -35.49
CA ASN L 92 36.13 12.99 -36.61
C ASN L 92 35.28 12.77 -37.88
N PRO L 93 34.59 13.82 -38.34
CA PRO L 93 33.83 13.71 -39.58
C PRO L 93 34.73 13.33 -40.75
N ILE L 94 34.19 12.59 -41.71
CA ILE L 94 34.82 12.39 -43.01
C ILE L 94 34.71 13.67 -43.81
N ALA L 95 33.54 14.32 -43.73
CA ALA L 95 33.22 15.47 -44.55
C ALA L 95 32.69 16.63 -43.74
N PRO L 96 32.74 17.85 -44.30
CA PRO L 96 32.10 18.98 -43.65
C PRO L 96 30.61 18.74 -43.55
N ASN L 97 30.00 19.12 -42.42
CA ASN L 97 28.56 19.04 -42.26
C ASN L 97 27.92 20.30 -42.87
N ASP L 98 28.04 20.47 -44.18
CA ASP L 98 27.59 21.67 -44.91
C ASP L 98 26.62 21.43 -46.08
N SER L 99 26.09 20.22 -46.20
CA SER L 99 25.11 19.84 -47.24
C SER L 99 24.61 18.44 -46.93
N LEU L 100 23.38 18.09 -47.31
CA LEU L 100 22.89 16.74 -47.03
C LEU L 100 23.86 15.71 -47.56
N GLU L 101 24.28 15.87 -48.81
CA GLU L 101 25.35 15.08 -49.43
C GLU L 101 26.50 14.74 -48.45
N ASN L 102 27.12 15.78 -47.91
CA ASN L 102 28.26 15.60 -47.00
C ASN L 102 27.84 15.04 -45.65
N ARG L 103 26.85 15.67 -45.01
CA ARG L 103 26.31 15.18 -43.73
C ARG L 103 25.96 13.69 -43.76
N MET L 104 25.39 13.23 -44.88
CA MET L 104 25.10 11.80 -45.07
C MET L 104 26.38 10.95 -45.07
N LYS L 105 27.49 11.46 -45.59
CA LYS L 105 28.75 10.72 -45.53
C LYS L 105 29.15 10.41 -44.09
N ASN L 106 28.77 11.29 -43.15
CA ASN L 106 29.29 11.25 -41.78
C ASN L 106 28.60 10.25 -40.85
N ASN L 107 27.42 9.79 -41.24
CA ASN L 107 26.67 8.75 -40.52
C ASN L 107 27.11 7.35 -40.97
N ARG L 108 28.13 6.82 -40.32
CA ARG L 108 28.69 5.54 -40.74
C ARG L 108 29.40 4.85 -39.60
N VAL L 109 29.73 3.58 -39.81
CA VAL L 109 30.64 2.84 -38.95
C VAL L 109 31.80 2.39 -39.84
N GLU L 110 33.01 2.55 -39.31
CA GLU L 110 34.24 2.22 -39.99
C GLU L 110 34.94 1.10 -39.22
N ILE L 111 35.72 0.30 -39.95
CA ILE L 111 36.47 -0.82 -39.39
C ILE L 111 37.94 -0.47 -39.26
N PHE L 112 38.46 -0.50 -38.02
CA PHE L 112 39.89 -0.32 -37.78
C PHE L 112 40.57 -1.65 -37.38
N PHE L 113 41.71 -1.89 -38.01
CA PHE L 113 42.52 -3.05 -37.73
C PHE L 113 43.62 -2.68 -36.73
N SER L 114 43.87 -3.55 -35.75
CA SER L 114 44.95 -3.39 -34.79
C SER L 114 45.92 -4.47 -35.20
N THR L 115 47.12 -4.12 -35.67
CA THR L 115 47.99 -5.13 -36.25
C THR L 115 49.47 -4.77 -36.11
N ASP L 116 50.32 -5.78 -36.05
CA ASP L 116 51.76 -5.51 -36.08
C ASP L 116 52.16 -5.44 -37.57
N ALA L 117 53.42 -5.11 -37.80
CA ALA L 117 53.96 -4.86 -39.13
C ALA L 117 53.90 -6.09 -40.01
N ASN L 118 54.17 -7.26 -39.45
CA ASN L 118 54.24 -8.50 -40.21
C ASN L 118 52.85 -9.03 -40.60
N ASP L 119 51.87 -8.85 -39.72
CA ASP L 119 50.48 -9.21 -40.01
C ASP L 119 49.80 -8.20 -40.97
N LEU L 120 50.30 -6.97 -40.99
CA LEU L 120 49.77 -5.92 -41.87
C LEU L 120 49.80 -6.25 -43.38
N SER L 121 50.83 -6.97 -43.78
CA SER L 121 51.00 -7.40 -45.16
C SER L 121 50.01 -8.50 -45.52
N LYS L 122 49.84 -9.45 -44.59
CA LYS L 122 48.83 -10.49 -44.72
C LYS L 122 47.41 -9.93 -44.83
N ILE L 123 47.06 -8.91 -44.04
CA ILE L 123 45.72 -8.28 -44.18
C ILE L 123 45.55 -7.58 -45.54
N HIS L 124 46.60 -6.87 -45.97
CA HIS L 124 46.57 -6.10 -47.22
C HIS L 124 46.29 -7.04 -48.38
N SER L 125 47.08 -8.11 -48.46
CA SER L 125 46.89 -9.20 -49.42
C SER L 125 45.47 -9.81 -49.38
N ILE L 126 45.00 -10.18 -48.19
CA ILE L 126 43.67 -10.81 -48.05
C ILE L 126 42.53 -9.86 -48.37
N LEU L 127 42.70 -8.57 -48.08
CA LEU L 127 41.75 -7.53 -48.51
C LEU L 127 41.78 -7.31 -50.04
N ASP L 128 43.00 -7.22 -50.59
CA ASP L 128 43.24 -7.05 -52.04
C ASP L 128 42.54 -8.12 -52.88
N ASN L 129 42.63 -9.38 -52.46
CA ASN L 129 42.03 -10.45 -53.24
C ASN L 129 40.52 -10.60 -52.97
N GLU L 130 40.01 -10.04 -51.87
CA GLU L 130 38.56 -10.01 -51.66
C GLU L 130 37.87 -8.89 -52.45
N PHE L 131 38.59 -7.81 -52.77
CA PHE L 131 38.01 -6.68 -53.50
C PHE L 131 38.74 -6.37 -54.83
N ASN L 132 39.24 -7.43 -55.49
CA ASN L 132 39.76 -7.35 -56.87
C ASN L 132 39.42 -8.63 -57.63
N GLY M 1 -19.74 15.52 1.31
CA GLY M 1 -18.60 14.81 0.64
C GLY M 1 -17.65 15.77 -0.06
N ILE M 2 -17.72 15.82 -1.38
CA ILE M 2 -16.83 16.69 -2.15
C ILE M 2 -17.50 18.05 -2.21
N ASP M 3 -16.79 19.07 -1.72
CA ASP M 3 -17.35 20.40 -1.62
C ASP M 3 -17.14 21.22 -2.88
N PRO M 4 -18.08 22.13 -3.17
CA PRO M 4 -17.84 23.14 -4.19
C PRO M 4 -16.68 24.11 -3.89
N PHE M 5 -16.27 24.85 -4.93
CA PHE M 5 -15.36 25.97 -4.78
C PHE M 5 -16.22 27.16 -4.42
N THR M 6 -16.20 27.58 -3.17
CA THR M 6 -17.04 28.69 -2.71
C THR M 6 -16.23 29.97 -2.82
N PHE M 7 -16.81 30.99 -3.44
CA PHE M 7 -16.17 32.29 -3.61
C PHE M 7 -16.42 33.22 -2.44
N GLU M 8 -15.55 34.22 -2.32
CA GLU M 8 -15.36 34.96 -1.07
C GLU M 8 -16.55 35.79 -0.66
N ASN M 9 -17.23 36.37 -1.64
CA ASN M 9 -18.38 37.24 -1.44
C ASN M 9 -19.23 37.25 -2.69
N ALA M 10 -20.40 37.87 -2.58
CA ALA M 10 -21.39 37.96 -3.67
C ALA M 10 -20.81 38.27 -5.06
N THR M 11 -19.82 39.14 -5.14
CA THR M 11 -19.39 39.68 -6.43
C THR M 11 -17.97 39.31 -6.87
N SER M 12 -17.29 38.51 -6.07
CA SER M 12 -15.89 38.18 -6.31
C SER M 12 -15.78 36.91 -7.13
N ASP M 13 -14.96 36.96 -8.18
CA ASP M 13 -14.60 35.78 -8.96
C ASP M 13 -13.13 35.40 -8.68
N ALA M 14 -12.52 35.95 -7.62
CA ALA M 14 -11.14 35.64 -7.22
C ALA M 14 -10.97 34.22 -6.72
N ILE M 15 -9.77 33.69 -6.99
CA ILE M 15 -9.34 32.34 -6.66
C ILE M 15 -8.06 32.53 -5.84
N ASN M 16 -8.20 32.41 -4.52
CA ASN M 16 -7.07 32.58 -3.64
C ASN M 16 -6.40 31.24 -3.39
N GLN M 17 -5.38 31.27 -2.53
CA GLN M 17 -4.45 30.14 -2.43
C GLN M 17 -5.11 28.82 -1.97
N ASP M 18 -6.08 28.87 -1.04
CA ASP M 18 -6.78 27.65 -0.65
C ASP M 18 -7.61 27.06 -1.79
N MET M 19 -8.20 27.93 -2.61
CA MET M 19 -8.96 27.44 -3.73
C MET M 19 -8.08 26.78 -4.81
N MET M 20 -6.91 27.37 -5.07
CA MET M 20 -5.95 26.81 -6.00
C MET M 20 -5.52 25.43 -5.56
N LEU M 21 -5.21 25.27 -4.28
CA LEU M 21 -4.85 23.95 -3.72
C LEU M 21 -5.96 22.90 -3.88
N TYR M 22 -7.20 23.32 -3.75
CA TYR M 22 -8.33 22.43 -3.94
C TYR M 22 -8.58 22.13 -5.42
N ILE M 23 -8.52 23.12 -6.32
CA ILE M 23 -8.68 22.89 -7.76
C ILE M 23 -7.58 21.94 -8.25
N GLU M 24 -6.40 22.06 -7.66
CA GLU M 24 -5.25 21.23 -7.97
C GLU M 24 -5.50 19.75 -7.61
N ARG M 25 -6.06 19.50 -6.44
CA ARG M 25 -6.46 18.14 -6.03
C ARG M 25 -7.51 17.59 -6.98
N ILE M 26 -8.48 18.42 -7.32
CA ILE M 26 -9.49 18.05 -8.29
C ILE M 26 -8.89 17.81 -9.67
N ALA M 27 -7.88 18.59 -10.08
CA ALA M 27 -7.21 18.33 -11.39
C ALA M 27 -6.51 16.98 -11.39
N LYS M 28 -5.86 16.64 -10.27
CA LYS M 28 -5.17 15.37 -10.11
C LYS M 28 -6.13 14.18 -10.25
N ILE M 29 -7.28 14.28 -9.59
CA ILE M 29 -8.32 13.26 -9.68
C ILE M 29 -8.82 13.13 -11.10
N ILE M 30 -9.10 14.26 -11.76
CA ILE M 30 -9.63 14.21 -13.10
C ILE M 30 -8.70 13.47 -14.04
N GLN M 31 -7.39 13.70 -13.90
CA GLN M 31 -6.40 13.02 -14.77
C GLN M 31 -6.26 11.51 -14.50
N LYS M 32 -6.71 11.02 -13.35
CA LYS M 32 -6.82 9.58 -13.12
C LYS M 32 -8.08 8.93 -13.75
N LEU M 33 -9.03 9.74 -14.19
CA LEU M 33 -10.32 9.23 -14.67
C LEU M 33 -10.31 8.64 -16.08
N PRO M 34 -11.23 7.70 -16.35
CA PRO M 34 -11.32 7.15 -17.71
C PRO M 34 -11.52 8.30 -18.66
N LYS M 35 -10.94 8.21 -19.86
CA LYS M 35 -10.92 9.33 -20.77
C LYS M 35 -12.30 9.61 -21.42
N ARG M 36 -13.26 8.70 -21.24
CA ARG M 36 -14.63 8.93 -21.68
C ARG M 36 -15.43 9.76 -20.68
N VAL M 37 -14.91 9.96 -19.45
CA VAL M 37 -15.54 10.85 -18.51
C VAL M 37 -15.14 12.31 -18.83
N HIS M 38 -16.15 13.15 -19.08
CA HIS M 38 -15.96 14.60 -19.21
C HIS M 38 -16.48 15.34 -17.97
N ILE M 39 -15.98 16.56 -17.83
CA ILE M 39 -16.19 17.40 -16.64
C ILE M 39 -16.73 18.76 -17.08
N ASN M 40 -17.82 19.15 -16.42
CA ASN M 40 -18.47 20.40 -16.67
C ASN M 40 -18.31 21.21 -15.41
N VAL M 41 -17.64 22.35 -15.52
CA VAL M 41 -17.38 23.28 -14.43
C VAL M 41 -18.54 24.29 -14.49
N ARG M 42 -19.33 24.34 -13.41
CA ARG M 42 -20.55 25.13 -13.37
C ARG M 42 -20.47 26.22 -12.35
N GLY M 43 -20.78 27.44 -12.77
CA GLY M 43 -20.75 28.62 -11.93
C GLY M 43 -22.13 29.11 -11.51
N PHE M 44 -22.22 29.55 -10.26
CA PHE M 44 -23.46 29.97 -9.64
C PHE M 44 -23.22 31.25 -8.84
N THR M 45 -24.28 32.00 -8.62
CA THR M 45 -24.26 33.11 -7.71
C THR M 45 -25.45 33.05 -6.71
N ASP M 46 -25.39 33.87 -5.67
CA ASP M 46 -26.59 34.22 -4.91
C ASP M 46 -27.45 35.16 -5.79
N ASP M 47 -28.51 35.69 -5.20
CA ASP M 47 -29.38 36.71 -5.84
C ASP M 47 -29.21 38.13 -5.27
N THR M 48 -28.07 38.44 -4.66
CA THR M 48 -27.77 39.79 -4.23
C THR M 48 -27.84 40.73 -5.44
N PRO M 49 -28.55 41.87 -5.32
CA PRO M 49 -28.47 42.82 -6.43
C PRO M 49 -27.00 43.16 -6.73
N LEU M 50 -26.65 43.24 -8.01
CA LEU M 50 -25.25 43.45 -8.38
C LEU M 50 -24.86 44.87 -8.06
N VAL M 51 -23.98 45.01 -7.06
CA VAL M 51 -23.57 46.34 -6.56
C VAL M 51 -22.05 46.51 -6.63
N LYS M 52 -21.64 47.76 -6.92
CA LYS M 52 -20.24 48.17 -7.05
C LYS M 52 -19.44 47.08 -7.75
N THR M 53 -19.87 46.76 -8.96
CA THR M 53 -19.21 45.73 -9.75
C THR M 53 -19.29 46.01 -11.26
N ARG M 54 -18.30 45.46 -11.96
CA ARG M 54 -18.22 45.55 -13.40
C ARG M 54 -19.18 44.56 -14.06
N PHE M 55 -19.61 43.54 -13.30
CA PHE M 55 -20.53 42.50 -13.78
C PHE M 55 -21.95 43.05 -13.84
N LYS M 56 -22.56 43.00 -15.02
CA LYS M 56 -23.89 43.55 -15.20
C LYS M 56 -24.96 42.49 -14.97
N SER M 57 -24.57 41.23 -14.89
CA SER M 57 -25.52 40.16 -14.60
C SER M 57 -24.85 39.06 -13.82
N HIS M 58 -25.69 38.31 -13.11
CA HIS M 58 -25.26 37.15 -12.35
C HIS M 58 -24.75 36.10 -13.29
N TYR M 59 -25.30 36.07 -14.50
CA TYR M 59 -24.82 35.10 -15.51
C TYR M 59 -23.34 35.37 -15.81
N GLU M 60 -22.97 36.64 -15.99
CA GLU M 60 -21.58 37.00 -16.28
C GLU M 60 -20.65 36.67 -15.14
N LEU M 61 -21.02 37.04 -13.92
CA LEU M 61 -20.23 36.65 -12.76
C LEU M 61 -20.03 35.12 -12.72
N ALA M 62 -21.12 34.37 -12.85
CA ALA M 62 -21.04 32.90 -12.79
C ALA M 62 -20.16 32.30 -13.88
N ALA M 63 -20.26 32.86 -15.09
CA ALA M 63 -19.47 32.42 -16.24
C ALA M 63 -17.98 32.66 -16.03
N ASN M 64 -17.67 33.75 -15.34
CA ASN M 64 -16.29 34.06 -14.98
C ASN M 64 -15.71 33.20 -13.87
N ARG M 65 -16.53 32.84 -12.90
CA ARG M 65 -16.08 31.92 -11.87
C ARG M 65 -15.83 30.58 -12.52
N ALA M 66 -16.77 30.12 -13.32
CA ALA M 66 -16.65 28.83 -14.00
C ALA M 66 -15.43 28.78 -14.93
N TYR M 67 -15.32 29.71 -15.87
CA TYR M 67 -14.21 29.79 -16.80
C TYR M 67 -12.87 29.86 -16.04
N ARG M 68 -12.78 30.67 -14.98
CA ARG M 68 -11.49 30.84 -14.33
C ARG M 68 -11.04 29.54 -13.68
N VAL M 69 -11.96 28.84 -13.03
CA VAL M 69 -11.67 27.53 -12.46
C VAL M 69 -11.22 26.53 -13.54
N MET M 70 -11.99 26.42 -14.62
CA MET M 70 -11.61 25.59 -15.74
C MET M 70 -10.19 25.92 -16.23
N LYS M 71 -9.85 27.21 -16.38
CA LYS M 71 -8.50 27.57 -16.80
C LYS M 71 -7.42 27.05 -15.88
N VAL M 72 -7.69 27.11 -14.58
CA VAL M 72 -6.75 26.62 -13.56
C VAL M 72 -6.56 25.09 -13.66
N LEU M 73 -7.65 24.34 -13.86
CA LEU M 73 -7.62 22.90 -14.14
C LEU M 73 -6.74 22.53 -15.35
N ILE M 74 -6.86 23.32 -16.43
CA ILE M 74 -6.05 23.17 -17.66
C ILE M 74 -4.56 23.43 -17.40
N GLN M 75 -4.26 24.49 -16.64
CA GLN M 75 -2.91 24.78 -16.17
C GLN M 75 -2.28 23.60 -15.37
N TYR M 76 -3.09 22.88 -14.62
CA TYR M 76 -2.62 21.78 -13.80
C TYR M 76 -2.67 20.46 -14.59
N GLY M 77 -2.75 20.55 -15.92
CA GLY M 77 -2.69 19.39 -16.80
C GLY M 77 -3.98 18.69 -17.22
N VAL M 78 -5.16 19.17 -16.85
CA VAL M 78 -6.36 18.54 -17.43
C VAL M 78 -6.47 18.87 -18.93
N ASN M 79 -6.74 17.83 -19.71
CA ASN M 79 -7.02 17.90 -21.13
C ASN M 79 -8.27 18.76 -21.43
N PRO M 80 -8.12 19.84 -22.23
CA PRO M 80 -9.29 20.68 -22.56
C PRO M 80 -10.40 19.89 -23.30
N ASN M 81 -10.06 18.80 -23.99
CA ASN M 81 -11.07 17.90 -24.54
C ASN M 81 -12.07 17.29 -23.54
N GLN M 82 -11.62 17.01 -22.33
CA GLN M 82 -12.55 16.63 -21.26
C GLN M 82 -13.37 17.74 -20.58
N LEU M 83 -13.07 19.01 -20.86
CA LEU M 83 -13.64 20.14 -20.10
C LEU M 83 -14.60 21.02 -20.88
N SER M 84 -15.56 21.54 -20.13
CA SER M 84 -16.46 22.61 -20.57
C SER M 84 -16.81 23.45 -19.35
N PHE M 85 -17.44 24.61 -19.57
CA PHE M 85 -17.92 25.41 -18.46
C PHE M 85 -19.31 25.99 -18.77
N SER M 86 -20.11 26.20 -17.74
CA SER M 86 -21.48 26.65 -17.85
C SER M 86 -21.81 27.67 -16.78
N SER M 87 -22.59 28.67 -17.14
CA SER M 87 -23.12 29.69 -16.24
C SER M 87 -24.56 29.34 -15.91
N TYR M 88 -24.88 29.24 -14.62
CA TYR M 88 -26.25 29.10 -14.17
C TYR M 88 -26.77 30.37 -13.51
N GLY M 89 -25.98 31.42 -13.49
CA GLY M 89 -26.33 32.60 -12.72
C GLY M 89 -26.85 32.29 -11.32
N SER M 90 -28.01 32.84 -10.98
CA SER M 90 -28.64 32.70 -9.67
C SER M 90 -29.63 31.54 -9.57
N THR M 91 -29.72 30.74 -10.62
CA THR M 91 -30.63 29.62 -10.67
C THR M 91 -29.95 28.43 -9.98
N ASN M 92 -30.71 27.36 -9.77
CA ASN M 92 -30.28 26.19 -8.99
C ASN M 92 -29.45 26.47 -7.73
N PRO M 93 -29.97 27.33 -6.83
CA PRO M 93 -29.24 27.59 -5.59
C PRO M 93 -29.04 26.34 -4.71
N ILE M 94 -27.94 26.31 -3.94
CA ILE M 94 -27.75 25.27 -2.93
C ILE M 94 -28.74 25.56 -1.81
N ALA M 95 -28.81 26.82 -1.42
CA ALA M 95 -29.58 27.25 -0.29
C ALA M 95 -30.55 28.38 -0.65
N PRO M 96 -31.54 28.63 0.22
CA PRO M 96 -32.39 29.81 0.08
C PRO M 96 -31.58 31.09 0.21
N ASN M 97 -31.94 32.11 -0.56
CA ASN M 97 -31.23 33.39 -0.49
C ASN M 97 -31.88 34.25 0.60
N ASP M 98 -31.94 33.66 1.80
CA ASP M 98 -32.72 34.18 2.93
C ASP M 98 -31.88 34.59 4.13
N SER M 99 -30.57 34.29 4.12
CA SER M 99 -29.64 34.77 5.15
C SER M 99 -28.28 35.00 4.50
N LEU M 100 -27.41 35.77 5.15
CA LEU M 100 -26.12 36.06 4.54
C LEU M 100 -25.26 34.79 4.46
N GLU M 101 -25.36 33.93 5.48
CA GLU M 101 -24.65 32.64 5.50
C GLU M 101 -25.13 31.72 4.36
N ASN M 102 -26.45 31.64 4.19
CA ASN M 102 -27.01 30.88 3.08
C ASN M 102 -26.62 31.50 1.73
N ARG M 103 -26.84 32.81 1.56
CA ARG M 103 -26.54 33.47 0.28
C ARG M 103 -25.13 33.16 -0.19
N MET M 104 -24.21 33.20 0.77
CA MET M 104 -22.80 32.95 0.55
C MET M 104 -22.51 31.54 0.02
N LYS M 105 -23.23 30.53 0.50
CA LYS M 105 -23.05 29.17 -0.01
C LYS M 105 -23.39 29.05 -1.50
N ASN M 106 -24.21 29.98 -2.01
CA ASN M 106 -24.65 29.99 -3.41
C ASN M 106 -23.64 30.51 -4.41
N ASN M 107 -22.65 31.24 -3.92
CA ASN M 107 -21.59 31.78 -4.75
C ASN M 107 -20.49 30.74 -4.83
N ARG M 108 -20.60 29.85 -5.81
CA ARG M 108 -19.67 28.75 -5.90
C ARG M 108 -19.57 28.19 -7.31
N VAL M 109 -18.58 27.32 -7.55
CA VAL M 109 -18.46 26.55 -8.77
C VAL M 109 -18.59 25.06 -8.40
N GLU M 110 -19.38 24.32 -9.19
CA GLU M 110 -19.51 22.88 -8.95
C GLU M 110 -18.95 22.02 -10.10
N ILE M 111 -18.43 20.84 -9.73
CA ILE M 111 -17.92 19.87 -10.69
C ILE M 111 -18.99 18.82 -11.02
N PHE M 112 -19.42 18.78 -12.27
CA PHE M 112 -20.30 17.70 -12.76
C PHE M 112 -19.54 16.76 -13.69
N PHE M 113 -19.66 15.48 -13.38
CA PHE M 113 -19.06 14.42 -14.17
C PHE M 113 -20.06 13.97 -15.22
N SER M 114 -19.56 13.65 -16.40
CA SER M 114 -20.38 13.01 -17.43
C SER M 114 -19.78 11.60 -17.64
N THR M 115 -20.56 10.56 -17.38
CA THR M 115 -20.07 9.20 -17.37
C THR M 115 -21.13 8.17 -17.73
N ASP M 116 -20.71 7.04 -18.30
CA ASP M 116 -21.61 5.90 -18.44
C ASP M 116 -21.67 5.15 -17.10
N ALA M 117 -22.56 4.17 -17.00
CA ALA M 117 -22.72 3.39 -15.79
C ALA M 117 -21.44 2.70 -15.29
N ASN M 118 -20.62 2.19 -16.19
CA ASN M 118 -19.47 1.38 -15.79
C ASN M 118 -18.24 2.19 -15.36
N ASP M 119 -18.12 3.43 -15.85
CA ASP M 119 -17.08 4.33 -15.36
C ASP M 119 -17.49 5.01 -14.06
N LEU M 120 -18.74 4.85 -13.65
CA LEU M 120 -19.29 5.55 -12.50
C LEU M 120 -18.66 5.06 -11.22
N SER M 121 -18.46 3.75 -11.13
CA SER M 121 -17.81 3.11 -9.99
C SER M 121 -16.33 3.50 -9.86
N LYS M 122 -15.63 3.54 -10.99
CA LYS M 122 -14.22 3.94 -10.99
C LYS M 122 -14.06 5.35 -10.44
N ILE M 123 -14.95 6.26 -10.83
CA ILE M 123 -14.94 7.65 -10.39
C ILE M 123 -15.12 7.63 -8.87
N HIS M 124 -16.09 6.85 -8.39
CA HIS M 124 -16.38 6.77 -6.95
C HIS M 124 -15.12 6.32 -6.19
N SER M 125 -14.50 5.24 -6.67
CA SER M 125 -13.24 4.76 -6.09
C SER M 125 -12.18 5.88 -6.02
N ILE M 126 -11.84 6.42 -7.18
CA ILE M 126 -10.85 7.47 -7.31
C ILE M 126 -11.13 8.67 -6.40
N LEU M 127 -12.39 9.06 -6.30
CA LEU M 127 -12.79 10.17 -5.43
C LEU M 127 -12.61 9.80 -3.95
N ASP M 128 -13.04 8.60 -3.58
CA ASP M 128 -12.79 8.07 -2.22
C ASP M 128 -11.32 8.03 -1.83
N ASN M 129 -10.43 7.63 -2.72
CA ASN M 129 -9.00 7.58 -2.40
C ASN M 129 -8.39 8.93 -2.10
N GLU M 130 -8.78 9.97 -2.83
CA GLU M 130 -8.27 11.32 -2.60
C GLU M 130 -8.88 11.96 -1.36
N PHE M 131 -10.15 11.71 -1.07
CA PHE M 131 -10.81 12.41 0.02
C PHE M 131 -11.21 11.55 1.23
N ASN M 132 -10.93 10.24 1.19
CA ASN M 132 -10.99 9.32 2.35
C ASN M 132 -9.71 8.48 2.48
N PRO M 133 -8.96 8.61 3.61
CA PRO M 133 -7.64 7.99 3.75
C PRO M 133 -7.37 6.73 2.90
N GLY N 1 -17.12 33.38 -47.20
CA GLY N 1 -16.61 34.79 -47.24
C GLY N 1 -15.81 35.16 -46.00
N ILE N 2 -16.16 34.56 -44.87
CA ILE N 2 -15.46 34.76 -43.60
C ILE N 2 -14.67 33.49 -43.32
N ASP N 3 -13.34 33.63 -43.33
CA ASP N 3 -12.45 32.48 -43.23
C ASP N 3 -12.37 32.04 -41.78
N PRO N 4 -12.04 30.77 -41.58
CA PRO N 4 -11.76 30.35 -40.22
C PRO N 4 -10.36 30.77 -39.83
N PHE N 5 -10.02 30.40 -38.60
CA PHE N 5 -8.66 30.53 -38.10
C PHE N 5 -7.92 29.25 -38.49
N THR N 6 -7.12 29.34 -39.56
CA THR N 6 -6.47 28.17 -40.12
C THR N 6 -5.07 28.11 -39.52
N PHE N 7 -4.74 26.93 -39.00
CA PHE N 7 -3.44 26.69 -38.34
C PHE N 7 -2.27 26.40 -39.28
N GLU N 8 -1.09 26.65 -38.71
CA GLU N 8 0.14 26.76 -39.45
C GLU N 8 0.48 25.39 -40.01
N ASN N 9 0.35 24.36 -39.17
CA ASN N 9 0.60 22.99 -39.60
C ASN N 9 -0.24 22.00 -38.83
N ALA N 10 -0.17 20.75 -39.29
CA ALA N 10 -1.00 19.64 -38.83
C ALA N 10 -1.02 19.44 -37.33
N THR N 11 0.15 19.53 -36.70
CA THR N 11 0.29 19.27 -35.27
C THR N 11 0.19 20.51 -34.39
N SER N 12 0.13 21.70 -34.99
CA SER N 12 0.31 22.94 -34.25
C SER N 12 -0.96 23.55 -33.70
N ASP N 13 -0.95 23.97 -32.43
CA ASP N 13 -2.03 24.76 -31.82
C ASP N 13 -1.56 26.21 -31.60
N ALA N 14 -0.44 26.57 -32.23
CA ALA N 14 0.13 27.91 -32.13
C ALA N 14 -0.71 28.95 -32.87
N ILE N 15 -0.83 30.12 -32.23
CA ILE N 15 -1.55 31.30 -32.70
C ILE N 15 -0.50 32.41 -32.98
N ASN N 16 -0.18 32.60 -34.26
CA ASN N 16 0.80 33.63 -34.67
C ASN N 16 0.19 35.03 -34.67
N GLN N 17 1.02 36.01 -35.05
CA GLN N 17 0.70 37.44 -35.14
C GLN N 17 -0.57 37.68 -35.97
N ASP N 18 -0.60 37.11 -37.17
CA ASP N 18 -1.71 37.38 -38.09
C ASP N 18 -3.04 36.85 -37.55
N MET N 19 -3.03 35.64 -36.99
CA MET N 19 -4.23 35.05 -36.40
C MET N 19 -4.71 35.87 -35.20
N MET N 20 -3.79 36.37 -34.37
CA MET N 20 -4.20 37.14 -33.20
C MET N 20 -5.03 38.34 -33.59
N LEU N 21 -4.57 39.08 -34.61
CA LEU N 21 -5.28 40.27 -35.13
C LEU N 21 -6.61 39.90 -35.81
N TYR N 22 -6.61 38.81 -36.55
CA TYR N 22 -7.85 38.33 -37.13
C TYR N 22 -8.78 37.93 -35.98
N ILE N 23 -8.30 37.11 -35.05
CA ILE N 23 -9.08 36.77 -33.85
C ILE N 23 -9.57 38.03 -33.11
N GLU N 24 -8.72 39.06 -32.97
CA GLU N 24 -9.08 40.36 -32.37
C GLU N 24 -10.20 41.10 -33.11
N ARG N 25 -10.12 41.08 -34.43
CA ARG N 25 -11.19 41.59 -35.30
C ARG N 25 -12.50 40.87 -35.03
N ILE N 26 -12.43 39.55 -34.84
CA ILE N 26 -13.63 38.76 -34.55
C ILE N 26 -14.21 39.08 -33.18
N ALA N 27 -13.33 39.26 -32.19
CA ALA N 27 -13.69 39.67 -30.82
C ALA N 27 -14.43 41.00 -30.79
N LYS N 28 -13.96 41.97 -31.58
CA LYS N 28 -14.64 43.27 -31.79
C LYS N 28 -16.10 43.14 -32.30
N ILE N 29 -16.26 42.27 -33.30
CA ILE N 29 -17.55 41.91 -33.90
C ILE N 29 -18.50 41.32 -32.89
N ILE N 30 -18.05 40.30 -32.17
CA ILE N 30 -18.88 39.65 -31.16
C ILE N 30 -19.44 40.66 -30.14
N GLN N 31 -18.60 41.59 -29.67
CA GLN N 31 -19.02 42.60 -28.69
C GLN N 31 -20.13 43.56 -29.14
N LYS N 32 -20.37 43.63 -30.45
CA LYS N 32 -21.46 44.40 -31.03
C LYS N 32 -22.78 43.63 -31.16
N LEU N 33 -22.72 42.31 -31.13
CA LEU N 33 -23.90 41.46 -31.30
C LEU N 33 -24.88 41.56 -30.13
N PRO N 34 -26.17 41.22 -30.38
CA PRO N 34 -27.06 41.11 -29.22
C PRO N 34 -26.63 40.07 -28.16
N LYS N 35 -26.78 40.47 -26.90
CA LYS N 35 -26.72 39.69 -25.68
C LYS N 35 -27.04 38.20 -25.83
N ARG N 36 -28.18 37.92 -26.46
CA ARG N 36 -28.69 36.57 -26.61
C ARG N 36 -28.02 35.74 -27.72
N VAL N 37 -27.10 36.33 -28.49
CA VAL N 37 -26.34 35.56 -29.46
C VAL N 37 -25.15 34.99 -28.75
N HIS N 38 -25.01 33.67 -28.76
CA HIS N 38 -23.88 33.01 -28.18
C HIS N 38 -22.96 32.48 -29.27
N ILE N 39 -21.69 32.25 -28.90
CA ILE N 39 -20.64 31.92 -29.85
C ILE N 39 -19.99 30.60 -29.45
N ASN N 40 -19.93 29.67 -30.39
CA ASN N 40 -19.31 28.36 -30.16
C ASN N 40 -18.08 28.31 -31.04
N VAL N 41 -16.94 28.08 -30.39
CA VAL N 41 -15.65 28.10 -31.00
C VAL N 41 -15.35 26.63 -31.27
N ARG N 42 -15.28 26.25 -32.54
CA ARG N 42 -15.10 24.85 -32.90
C ARG N 42 -13.77 24.51 -33.53
N GLY N 43 -13.15 23.44 -33.06
CA GLY N 43 -11.81 23.06 -33.47
C GLY N 43 -11.85 21.76 -34.21
N PHE N 44 -10.99 21.67 -35.21
CA PHE N 44 -10.91 20.59 -36.16
C PHE N 44 -9.44 20.31 -36.52
N THR N 45 -9.18 19.13 -37.04
CA THR N 45 -7.85 18.80 -37.55
C THR N 45 -8.02 18.10 -38.90
N ASP N 46 -6.89 17.83 -39.54
CA ASP N 46 -6.86 16.95 -40.70
C ASP N 46 -6.76 15.52 -40.17
N ASP N 47 -6.38 14.56 -41.01
CA ASP N 47 -6.21 13.19 -40.56
C ASP N 47 -4.75 12.73 -40.44
N THR N 48 -3.80 13.66 -40.54
CA THR N 48 -2.38 13.32 -40.52
C THR N 48 -2.00 12.66 -39.19
N PRO N 49 -1.04 11.72 -39.24
CA PRO N 49 -0.70 10.94 -38.04
C PRO N 49 -0.03 11.82 -36.98
N LEU N 50 -0.45 11.63 -35.74
CA LEU N 50 0.13 12.36 -34.62
C LEU N 50 1.48 11.75 -34.40
N VAL N 51 2.49 12.42 -34.94
CA VAL N 51 3.87 11.94 -34.98
C VAL N 51 4.82 13.03 -34.47
N LYS N 52 5.60 12.68 -33.45
CA LYS N 52 6.50 13.62 -32.78
C LYS N 52 5.67 14.78 -32.25
N THR N 53 4.70 14.45 -31.41
CA THR N 53 3.76 15.44 -30.90
C THR N 53 3.33 15.10 -29.47
N ARG N 54 2.99 16.12 -28.68
CA ARG N 54 2.48 15.91 -27.32
C ARG N 54 1.05 15.36 -27.32
N PHE N 55 0.37 15.51 -28.45
CA PHE N 55 -1.02 15.10 -28.61
C PHE N 55 -1.17 13.59 -28.85
N LYS N 56 -2.07 13.01 -28.08
CA LYS N 56 -2.45 11.59 -28.17
C LYS N 56 -3.63 11.37 -29.12
N SER N 57 -4.42 12.42 -29.33
CA SER N 57 -5.66 12.36 -30.10
C SER N 57 -5.81 13.64 -30.92
N HIS N 58 -6.54 13.55 -32.03
CA HIS N 58 -6.89 14.72 -32.84
C HIS N 58 -7.96 15.53 -32.13
N TYR N 59 -8.74 14.87 -31.29
CA TYR N 59 -9.70 15.57 -30.41
C TYR N 59 -8.98 16.51 -29.50
N GLU N 60 -7.85 16.06 -28.93
CA GLU N 60 -7.04 16.85 -28.00
C GLU N 60 -6.34 18.03 -28.68
N LEU N 61 -5.87 17.84 -29.91
CA LEU N 61 -5.27 18.94 -30.69
C LEU N 61 -6.32 20.01 -30.90
N ALA N 62 -7.40 19.60 -31.56
CA ALA N 62 -8.60 20.39 -31.81
C ALA N 62 -9.20 21.12 -30.61
N ALA N 63 -9.42 20.41 -29.49
CA ALA N 63 -9.82 21.03 -28.25
C ALA N 63 -8.88 22.17 -27.88
N ASN N 64 -7.57 21.92 -27.94
CA ASN N 64 -6.57 22.96 -27.60
C ASN N 64 -6.58 24.20 -28.48
N ARG N 65 -6.80 24.02 -29.78
CA ARG N 65 -6.94 25.14 -30.71
C ARG N 65 -8.19 25.96 -30.41
N ALA N 66 -9.28 25.25 -30.15
CA ALA N 66 -10.55 25.92 -29.92
C ALA N 66 -10.46 26.64 -28.60
N TYR N 67 -9.90 25.95 -27.59
CA TYR N 67 -9.70 26.51 -26.26
C TYR N 67 -8.81 27.78 -26.26
N ARG N 68 -7.66 27.70 -26.93
CA ARG N 68 -6.78 28.87 -27.10
C ARG N 68 -7.39 30.10 -27.85
N VAL N 69 -8.19 29.82 -28.90
CA VAL N 69 -8.90 30.90 -29.64
C VAL N 69 -9.96 31.54 -28.78
N MET N 70 -10.73 30.71 -28.09
CA MET N 70 -11.66 31.20 -27.10
C MET N 70 -10.91 32.05 -26.04
N LYS N 71 -9.85 31.53 -25.42
CA LYS N 71 -9.03 32.33 -24.47
C LYS N 71 -8.68 33.70 -25.03
N VAL N 72 -8.10 33.74 -26.23
CA VAL N 72 -7.75 35.00 -26.93
C VAL N 72 -8.96 35.92 -27.14
N LEU N 73 -10.16 35.36 -27.34
CA LEU N 73 -11.37 36.20 -27.46
C LEU N 73 -11.76 36.89 -26.15
N ILE N 74 -11.68 36.12 -25.07
CA ILE N 74 -11.98 36.59 -23.73
C ILE N 74 -11.01 37.65 -23.33
N GLN N 75 -9.75 37.47 -23.75
CA GLN N 75 -8.74 38.50 -23.58
C GLN N 75 -9.04 39.79 -24.34
N TYR N 76 -9.51 39.65 -25.58
CA TYR N 76 -9.84 40.83 -26.39
C TYR N 76 -11.20 41.44 -26.07
N GLY N 77 -11.94 40.85 -25.14
CA GLY N 77 -13.10 41.49 -24.53
C GLY N 77 -14.42 40.77 -24.61
N VAL N 78 -14.46 39.61 -25.24
CA VAL N 78 -15.72 38.92 -25.33
C VAL N 78 -16.06 38.38 -23.95
N ASN N 79 -17.33 38.62 -23.57
CA ASN N 79 -17.97 38.06 -22.37
C ASN N 79 -17.83 36.52 -22.39
N PRO N 80 -17.17 35.96 -21.38
CA PRO N 80 -17.17 34.49 -21.26
C PRO N 80 -18.57 33.86 -21.23
N ASN N 81 -19.54 34.52 -20.60
CA ASN N 81 -20.92 34.02 -20.61
C ASN N 81 -21.49 33.79 -22.06
N GLN N 82 -20.91 34.42 -23.07
CA GLN N 82 -21.37 34.23 -24.47
C GLN N 82 -20.59 33.10 -25.20
N LEU N 83 -19.65 32.47 -24.52
CA LEU N 83 -18.63 31.71 -25.18
C LEU N 83 -18.57 30.32 -24.63
N SER N 84 -18.26 29.38 -25.54
CA SER N 84 -17.99 27.96 -25.28
C SER N 84 -17.04 27.51 -26.36
N PHE N 85 -16.39 26.38 -26.15
CA PHE N 85 -15.56 25.72 -27.15
C PHE N 85 -15.92 24.24 -27.30
N SER N 86 -15.71 23.73 -28.52
CA SER N 86 -15.94 22.33 -28.86
C SER N 86 -14.84 21.73 -29.71
N SER N 87 -14.58 20.44 -29.48
CA SER N 87 -13.63 19.71 -30.28
C SER N 87 -14.35 18.73 -31.23
N TYR N 88 -14.07 18.80 -32.52
CA TYR N 88 -14.59 17.88 -33.51
C TYR N 88 -13.50 16.94 -34.06
N GLY N 89 -12.30 16.96 -33.50
CA GLY N 89 -11.19 16.17 -34.02
C GLY N 89 -11.10 16.31 -35.52
N SER N 90 -10.94 15.16 -36.19
CA SER N 90 -10.88 15.08 -37.64
C SER N 90 -12.23 14.97 -38.33
N THR N 91 -13.30 14.86 -37.53
CA THR N 91 -14.64 14.84 -38.10
C THR N 91 -14.98 16.14 -38.85
N ASN N 92 -15.95 16.04 -39.76
CA ASN N 92 -16.52 17.20 -40.46
C ASN N 92 -15.53 18.08 -41.23
N PRO N 93 -14.61 17.45 -41.99
CA PRO N 93 -13.61 18.24 -42.69
C PRO N 93 -14.22 19.11 -43.80
N ILE N 94 -13.56 20.24 -44.09
CA ILE N 94 -13.96 21.15 -45.16
C ILE N 94 -13.84 20.44 -46.48
N ALA N 95 -12.72 19.76 -46.67
CA ALA N 95 -12.48 19.03 -47.90
C ALA N 95 -11.96 17.65 -47.53
N PRO N 96 -12.04 16.70 -48.47
CA PRO N 96 -11.45 15.40 -48.22
C PRO N 96 -9.93 15.50 -48.05
N ASN N 97 -9.39 14.73 -47.10
CA ASN N 97 -7.96 14.73 -46.80
C ASN N 97 -7.10 13.98 -47.83
N ASP N 98 -7.19 14.40 -49.09
CA ASP N 98 -6.57 13.70 -50.22
C ASP N 98 -5.52 14.55 -50.95
N SER N 99 -5.07 15.62 -50.28
CA SER N 99 -4.03 16.48 -50.83
C SER N 99 -3.48 17.39 -49.73
N LEU N 100 -2.20 17.72 -49.82
CA LEU N 100 -1.55 18.61 -48.86
C LEU N 100 -2.37 19.88 -48.56
N GLU N 101 -2.91 20.51 -49.62
CA GLU N 101 -3.69 21.73 -49.51
C GLU N 101 -4.98 21.45 -48.77
N ASN N 102 -5.73 20.44 -49.22
CA ASN N 102 -6.96 20.06 -48.51
C ASN N 102 -6.70 19.75 -47.03
N ARG N 103 -5.65 18.98 -46.76
CA ARG N 103 -5.28 18.66 -45.38
C ARG N 103 -4.91 19.92 -44.57
N MET N 104 -4.23 20.87 -45.18
CA MET N 104 -3.91 22.14 -44.52
C MET N 104 -5.18 22.90 -44.16
N LYS N 105 -6.12 22.99 -45.10
CA LYS N 105 -7.45 23.60 -44.88
C LYS N 105 -8.24 23.08 -43.65
N ASN N 106 -8.04 21.80 -43.34
CA ASN N 106 -8.79 21.09 -42.30
C ASN N 106 -8.30 21.33 -40.88
N ASN N 107 -7.11 21.91 -40.75
CA ASN N 107 -6.58 22.31 -39.47
C ASN N 107 -7.02 23.73 -39.21
N ARG N 108 -8.17 23.87 -38.56
CA ARG N 108 -8.74 25.19 -38.31
C ARG N 108 -9.73 25.30 -37.15
N VAL N 109 -10.02 26.54 -36.74
CA VAL N 109 -11.11 26.86 -35.82
C VAL N 109 -12.18 27.70 -36.51
N GLU N 110 -13.44 27.37 -36.26
CA GLU N 110 -14.58 28.04 -36.87
C GLU N 110 -15.47 28.60 -35.79
N ILE N 111 -16.09 29.72 -36.10
CA ILE N 111 -17.02 30.38 -35.18
C ILE N 111 -18.42 30.01 -35.62
N PHE N 112 -19.21 29.48 -34.68
CA PHE N 112 -20.64 29.20 -34.89
C PHE N 112 -21.48 30.14 -34.04
N PHE N 113 -22.51 30.68 -34.66
CA PHE N 113 -23.38 31.62 -34.02
C PHE N 113 -24.62 30.84 -33.61
N SER N 114 -25.08 31.10 -32.39
CA SER N 114 -26.29 30.52 -31.81
C SER N 114 -27.25 31.71 -31.71
N THR N 115 -28.35 31.70 -32.47
CA THR N 115 -29.14 32.92 -32.61
C THR N 115 -30.60 32.67 -32.98
N ASP N 116 -31.51 33.55 -32.59
CA ASP N 116 -32.87 33.42 -33.06
C ASP N 116 -32.98 34.10 -34.43
N ALA N 117 -34.14 33.99 -35.09
CA ALA N 117 -34.38 34.58 -36.42
C ALA N 117 -34.21 36.09 -36.41
N ASN N 118 -34.75 36.73 -35.40
CA ASN N 118 -34.71 38.18 -35.33
C ASN N 118 -33.30 38.77 -35.12
N ASP N 119 -32.51 38.16 -34.22
CA ASP N 119 -31.13 38.61 -34.00
C ASP N 119 -30.20 38.23 -35.16
N LEU N 120 -30.57 37.21 -35.94
CA LEU N 120 -29.76 36.74 -37.08
C LEU N 120 -29.58 37.81 -38.16
N SER N 121 -30.67 38.50 -38.52
CA SER N 121 -30.60 39.62 -39.45
C SER N 121 -29.62 40.70 -38.97
N LYS N 122 -29.59 40.93 -37.67
CA LYS N 122 -28.67 41.90 -37.07
C LYS N 122 -27.22 41.46 -37.22
N ILE N 123 -26.92 40.24 -36.80
CA ILE N 123 -25.57 39.69 -36.89
C ILE N 123 -25.04 39.84 -38.31
N HIS N 124 -25.89 39.49 -39.28
CA HIS N 124 -25.63 39.61 -40.71
C HIS N 124 -25.18 41.00 -41.15
N SER N 125 -25.99 42.01 -40.83
CA SER N 125 -25.63 43.42 -41.00
C SER N 125 -24.22 43.74 -40.51
N ILE N 126 -23.99 43.43 -39.23
CA ILE N 126 -22.73 43.72 -38.52
C ILE N 126 -21.57 42.98 -39.19
N LEU N 127 -21.82 41.76 -39.67
CA LEU N 127 -20.80 40.98 -40.39
C LEU N 127 -20.57 41.60 -41.77
N ASP N 128 -21.65 41.80 -42.53
CA ASP N 128 -21.55 42.53 -43.79
C ASP N 128 -20.73 43.81 -43.66
N ASN N 129 -21.01 44.63 -42.65
CA ASN N 129 -20.37 45.94 -42.55
C ASN N 129 -18.88 45.90 -42.17
N GLU N 130 -18.46 44.87 -41.43
CA GLU N 130 -17.05 44.67 -41.13
C GLU N 130 -16.30 43.95 -42.25
N PHE N 131 -16.94 43.00 -42.91
CA PHE N 131 -16.23 42.12 -43.83
C PHE N 131 -16.58 42.26 -45.32
N ASN N 132 -17.71 42.87 -45.64
CA ASN N 132 -17.92 43.38 -47.01
C ASN N 132 -18.84 44.60 -47.05
N PRO N 133 -18.34 45.74 -46.55
CA PRO N 133 -19.13 46.97 -46.66
C PRO N 133 -19.28 47.43 -48.10
N HIS N 134 -20.29 48.28 -48.33
CA HIS N 134 -20.44 49.02 -49.60
C HIS N 134 -20.28 48.15 -50.85
N GLY O 1 -40.84 39.89 -37.26
CA GLY O 1 -40.03 38.72 -37.70
C GLY O 1 -40.58 37.46 -37.04
N ILE O 2 -40.04 36.31 -37.40
CA ILE O 2 -40.51 35.01 -36.91
C ILE O 2 -41.01 35.12 -35.48
N ASP O 3 -42.31 34.92 -35.31
CA ASP O 3 -42.92 34.77 -33.98
C ASP O 3 -42.50 33.44 -33.35
N PRO O 4 -42.35 33.44 -32.01
CA PRO O 4 -42.15 32.17 -31.33
C PRO O 4 -43.47 31.40 -31.24
N PHE O 5 -43.44 30.15 -30.81
CA PHE O 5 -44.70 29.42 -30.64
C PHE O 5 -45.35 29.74 -29.30
N THR O 6 -46.46 30.45 -29.30
CA THR O 6 -47.12 30.82 -28.05
C THR O 6 -48.14 29.77 -27.55
N PHE O 7 -48.07 29.44 -26.26
CA PHE O 7 -49.00 28.46 -25.67
C PHE O 7 -50.26 29.14 -25.12
N GLU O 8 -51.37 28.40 -25.17
CA GLU O 8 -52.73 28.94 -24.93
C GLU O 8 -52.96 29.50 -23.53
N ASN O 9 -52.60 28.73 -22.51
CA ASN O 9 -52.64 29.19 -21.12
C ASN O 9 -51.32 28.85 -20.44
N ALA O 10 -51.16 29.36 -19.23
CA ALA O 10 -49.94 29.24 -18.44
C ALA O 10 -49.44 27.83 -18.11
N THR O 11 -50.35 26.87 -17.97
CA THR O 11 -49.99 25.51 -17.57
C THR O 11 -50.00 24.48 -18.71
N SER O 12 -50.35 24.88 -19.92
CA SER O 12 -50.59 23.93 -20.99
C SER O 12 -49.36 23.72 -21.86
N ASP O 13 -49.16 22.46 -22.27
CA ASP O 13 -48.24 22.15 -23.36
C ASP O 13 -48.94 21.65 -24.63
N ALA O 14 -50.24 21.91 -24.77
CA ALA O 14 -50.96 21.42 -25.91
C ALA O 14 -50.57 22.30 -27.10
N ILE O 15 -50.30 21.62 -28.22
CA ILE O 15 -50.12 22.19 -29.55
C ILE O 15 -51.48 22.04 -30.25
N ASN O 16 -52.18 23.16 -30.44
CA ASN O 16 -53.45 23.14 -31.16
C ASN O 16 -53.16 23.17 -32.68
N GLN O 17 -54.20 23.11 -33.52
CA GLN O 17 -54.02 23.08 -34.99
C GLN O 17 -53.30 24.30 -35.63
N ASP O 18 -53.52 25.49 -35.07
CA ASP O 18 -52.83 26.68 -35.61
C ASP O 18 -51.34 26.58 -35.35
N MET O 19 -50.97 26.11 -34.18
CA MET O 19 -49.57 25.91 -33.89
C MET O 19 -48.98 24.82 -34.81
N MET O 20 -49.74 23.74 -35.04
CA MET O 20 -49.36 22.69 -35.97
C MET O 20 -48.98 23.24 -37.32
N LEU O 21 -49.82 24.14 -37.87
CA LEU O 21 -49.59 24.78 -39.16
C LEU O 21 -48.33 25.63 -39.20
N TYR O 22 -48.09 26.39 -38.15
CA TYR O 22 -46.91 27.20 -38.05
C TYR O 22 -45.64 26.36 -37.87
N ILE O 23 -45.72 25.30 -37.06
CA ILE O 23 -44.57 24.43 -36.91
C ILE O 23 -44.26 23.80 -38.27
N GLU O 24 -45.31 23.53 -39.08
CA GLU O 24 -45.15 22.97 -40.44
C GLU O 24 -44.33 23.86 -41.37
N ARG O 25 -44.63 25.14 -41.30
CA ARG O 25 -43.89 26.15 -42.03
C ARG O 25 -42.42 26.30 -41.60
N ILE O 26 -42.13 26.15 -40.30
CA ILE O 26 -40.77 26.26 -39.81
C ILE O 26 -40.01 25.01 -40.25
N ALA O 27 -40.60 23.83 -40.09
CA ALA O 27 -39.97 22.59 -40.57
C ALA O 27 -39.62 22.66 -42.06
N LYS O 28 -40.53 23.25 -42.83
CA LYS O 28 -40.30 23.49 -44.25
C LYS O 28 -39.06 24.35 -44.46
N ILE O 29 -38.94 25.44 -43.71
CA ILE O 29 -37.79 26.33 -43.81
C ILE O 29 -36.50 25.61 -43.42
N ILE O 30 -36.57 24.81 -42.36
CA ILE O 30 -35.40 24.14 -41.84
C ILE O 30 -34.86 23.15 -42.85
N GLN O 31 -35.72 22.46 -43.56
CA GLN O 31 -35.27 21.42 -44.50
C GLN O 31 -34.49 21.97 -45.69
N LYS O 32 -34.55 23.28 -45.91
CA LYS O 32 -33.83 23.92 -47.00
C LYS O 32 -32.59 24.68 -46.55
N LEU O 33 -32.38 24.73 -45.24
CA LEU O 33 -31.16 25.33 -44.69
C LEU O 33 -29.95 24.44 -45.01
N PRO O 34 -28.73 25.02 -45.01
CA PRO O 34 -27.56 24.16 -45.10
C PRO O 34 -27.53 23.13 -43.98
N LYS O 35 -27.06 21.94 -44.34
CA LYS O 35 -27.03 20.74 -43.50
C LYS O 35 -26.24 20.87 -42.19
N ARG O 36 -25.26 21.76 -42.20
CA ARG O 36 -24.45 22.04 -41.02
C ARG O 36 -25.16 22.94 -40.01
N VAL O 37 -26.26 23.58 -40.42
CA VAL O 37 -27.04 24.37 -39.53
C VAL O 37 -27.87 23.41 -38.67
N HIS O 38 -27.78 23.56 -37.35
CA HIS O 38 -28.57 22.84 -36.37
C HIS O 38 -29.55 23.78 -35.71
N ILE O 39 -30.61 23.19 -35.16
CA ILE O 39 -31.76 23.90 -34.59
C ILE O 39 -32.02 23.44 -33.14
N ASN O 40 -32.09 24.39 -32.22
CA ASN O 40 -32.30 24.16 -30.77
C ASN O 40 -33.66 24.74 -30.38
N VAL O 41 -34.52 23.89 -29.83
CA VAL O 41 -35.90 24.27 -29.52
C VAL O 41 -35.97 24.59 -28.02
N ARG O 42 -36.22 25.86 -27.70
CA ARG O 42 -36.14 26.33 -26.33
C ARG O 42 -37.50 26.65 -25.80
N GLY O 43 -37.73 26.24 -24.56
CA GLY O 43 -39.05 26.32 -23.97
C GLY O 43 -38.98 27.21 -22.75
N PHE O 44 -40.04 28.00 -22.62
CA PHE O 44 -40.17 29.04 -21.65
C PHE O 44 -41.57 29.03 -21.05
N THR O 45 -41.67 29.48 -19.81
CA THR O 45 -42.91 29.64 -19.06
C THR O 45 -43.00 31.06 -18.46
N ASP O 46 -44.20 31.45 -18.07
CA ASP O 46 -44.37 32.65 -17.29
C ASP O 46 -44.02 32.28 -15.85
N ASP O 47 -44.38 33.14 -14.89
CA ASP O 47 -44.02 32.91 -13.49
C ASP O 47 -45.20 32.48 -12.63
N THR O 48 -46.29 32.12 -13.31
CA THR O 48 -47.48 31.62 -12.68
C THR O 48 -47.16 30.50 -11.72
N PRO O 49 -47.43 30.70 -10.40
CA PRO O 49 -47.48 29.55 -9.50
C PRO O 49 -48.17 28.34 -10.12
N LEU O 50 -47.46 27.21 -10.19
CA LEU O 50 -48.00 26.02 -10.81
C LEU O 50 -49.05 25.40 -9.91
N VAL O 51 -50.32 25.67 -10.21
CA VAL O 51 -51.46 25.12 -9.48
C VAL O 51 -52.13 24.08 -10.38
N LYS O 52 -52.93 23.19 -9.79
CA LYS O 52 -53.85 22.33 -10.54
C LYS O 52 -53.20 21.71 -11.77
N THR O 53 -51.97 21.21 -11.59
CA THR O 53 -51.17 20.72 -12.71
C THR O 53 -50.34 19.47 -12.38
N ARG O 54 -49.91 18.79 -13.44
CA ARG O 54 -49.08 17.59 -13.37
C ARG O 54 -47.60 17.91 -13.17
N PHE O 55 -47.20 19.08 -13.68
CA PHE O 55 -45.81 19.50 -13.71
C PHE O 55 -45.37 19.96 -12.31
N LYS O 56 -44.13 19.64 -11.92
CA LYS O 56 -43.62 19.99 -10.59
C LYS O 56 -42.66 21.19 -10.54
N SER O 57 -42.27 21.69 -11.72
CA SER O 57 -41.55 22.95 -11.85
C SER O 57 -41.81 23.53 -13.24
N HIS O 58 -41.53 24.80 -13.38
CA HIS O 58 -41.52 25.45 -14.69
C HIS O 58 -40.50 24.87 -15.66
N TYR O 59 -39.38 24.36 -15.18
CA TYR O 59 -38.38 23.76 -16.04
C TYR O 59 -38.96 22.50 -16.69
N GLU O 60 -39.80 21.80 -15.96
CA GLU O 60 -40.54 20.64 -16.44
C GLU O 60 -41.54 20.99 -17.56
N LEU O 61 -42.36 22.00 -17.32
CA LEU O 61 -43.34 22.49 -18.29
C LEU O 61 -42.65 22.96 -19.57
N ALA O 62 -41.63 23.82 -19.43
CA ALA O 62 -40.93 24.38 -20.59
C ALA O 62 -40.26 23.28 -21.44
N ALA O 63 -39.74 22.26 -20.75
CA ALA O 63 -39.10 21.13 -21.41
C ALA O 63 -40.08 20.28 -22.23
N ASN O 64 -41.26 20.05 -21.66
CA ASN O 64 -42.31 19.34 -22.34
C ASN O 64 -42.78 20.06 -23.57
N ARG O 65 -42.96 21.38 -23.43
CA ARG O 65 -43.31 22.23 -24.56
C ARG O 65 -42.29 22.18 -25.67
N ALA O 66 -41.01 22.24 -25.29
CA ALA O 66 -39.90 22.24 -26.24
C ALA O 66 -39.78 20.88 -26.93
N TYR O 67 -39.78 19.83 -26.14
CA TYR O 67 -39.77 18.47 -26.64
C TYR O 67 -40.92 18.19 -27.63
N ARG O 68 -42.14 18.52 -27.20
CA ARG O 68 -43.27 18.41 -28.07
C ARG O 68 -43.15 19.16 -29.41
N VAL O 69 -42.71 20.43 -29.38
CA VAL O 69 -42.48 21.18 -30.62
C VAL O 69 -41.43 20.46 -31.50
N MET O 70 -40.41 19.88 -30.87
CA MET O 70 -39.34 19.23 -31.58
C MET O 70 -39.90 18.00 -32.28
N LYS O 71 -40.71 17.26 -31.53
CA LYS O 71 -41.44 16.10 -32.05
C LYS O 71 -42.23 16.41 -33.30
N VAL O 72 -42.92 17.56 -33.33
CA VAL O 72 -43.72 17.93 -34.49
C VAL O 72 -42.79 18.28 -35.68
N LEU O 73 -41.65 18.92 -35.42
CA LEU O 73 -40.66 19.17 -36.47
C LEU O 73 -40.17 17.87 -37.15
N ILE O 74 -39.93 16.86 -36.34
CA ILE O 74 -39.52 15.55 -36.86
C ILE O 74 -40.65 14.96 -37.72
N GLN O 75 -41.88 15.12 -37.26
CA GLN O 75 -43.04 14.52 -37.91
C GLN O 75 -43.26 15.19 -39.28
N TYR O 76 -42.85 16.45 -39.42
CA TYR O 76 -42.79 17.10 -40.75
C TYR O 76 -41.49 16.88 -41.53
N GLY O 77 -40.74 15.82 -41.22
CA GLY O 77 -39.52 15.53 -41.94
C GLY O 77 -38.23 16.25 -41.57
N VAL O 78 -38.11 16.90 -40.41
CA VAL O 78 -36.80 17.42 -39.98
C VAL O 78 -35.96 16.28 -39.38
N ASN O 79 -34.66 16.25 -39.70
CA ASN O 79 -33.82 15.16 -39.25
C ASN O 79 -33.45 15.39 -37.81
N PRO O 80 -33.71 14.43 -36.92
CA PRO O 80 -33.28 14.48 -35.50
C PRO O 80 -31.78 14.84 -35.26
N ASN O 81 -30.90 14.57 -36.24
CA ASN O 81 -29.50 15.00 -36.15
C ASN O 81 -29.33 16.52 -36.14
N GLN O 82 -30.24 17.29 -36.75
CA GLN O 82 -30.13 18.75 -36.69
C GLN O 82 -30.80 19.39 -35.48
N LEU O 83 -31.36 18.56 -34.60
CA LEU O 83 -32.27 19.07 -33.57
C LEU O 83 -31.89 18.73 -32.15
N SER O 84 -32.34 19.61 -31.27
CA SER O 84 -32.20 19.44 -29.84
C SER O 84 -33.22 20.36 -29.20
N PHE O 85 -33.41 20.21 -27.89
CA PHE O 85 -34.40 20.95 -27.17
C PHE O 85 -33.81 21.29 -25.81
N SER O 86 -34.21 22.45 -25.26
CA SER O 86 -33.73 23.01 -23.99
C SER O 86 -34.88 23.65 -23.21
N SER O 87 -34.80 23.56 -21.89
CA SER O 87 -35.75 24.16 -20.99
C SER O 87 -35.09 25.35 -20.29
N TYR O 88 -35.77 26.49 -20.33
CA TYR O 88 -35.35 27.71 -19.63
C TYR O 88 -36.25 28.02 -18.44
N GLY O 89 -37.31 27.22 -18.26
CA GLY O 89 -38.25 27.40 -17.17
C GLY O 89 -38.87 28.76 -17.26
N SER O 90 -38.94 29.45 -16.12
CA SER O 90 -39.53 30.79 -16.04
C SER O 90 -38.50 31.88 -16.26
N THR O 91 -37.27 31.49 -16.62
CA THR O 91 -36.19 32.45 -16.77
C THR O 91 -36.27 33.06 -18.15
N ASN O 92 -35.55 34.17 -18.28
CA ASN O 92 -35.40 34.87 -19.55
C ASN O 92 -36.73 35.25 -20.22
N PRO O 93 -37.67 35.83 -19.45
CA PRO O 93 -38.94 36.24 -20.02
C PRO O 93 -38.83 37.36 -21.06
N ILE O 94 -39.69 37.33 -22.09
CA ILE O 94 -39.73 38.41 -23.08
C ILE O 94 -40.63 39.59 -22.64
N ALA O 95 -41.71 39.31 -21.91
CA ALA O 95 -42.60 40.35 -21.39
C ALA O 95 -42.54 40.41 -19.87
N PRO O 96 -43.04 41.50 -19.29
CA PRO O 96 -43.29 41.52 -17.85
C PRO O 96 -44.34 40.47 -17.48
N ASN O 97 -44.29 39.90 -16.28
CA ASN O 97 -45.29 38.90 -15.88
C ASN O 97 -46.39 39.59 -15.12
N ASP O 98 -46.76 40.79 -15.55
CA ASP O 98 -47.63 41.67 -14.76
C ASP O 98 -49.11 41.41 -15.06
N SER O 99 -49.47 41.31 -16.35
CA SER O 99 -50.85 41.06 -16.75
C SER O 99 -50.93 39.63 -17.27
N LEU O 100 -52.15 39.14 -17.50
CA LEU O 100 -52.42 37.88 -18.22
C LEU O 100 -51.92 37.94 -19.66
N GLU O 101 -52.13 39.09 -20.31
CA GLU O 101 -51.68 39.33 -21.69
C GLU O 101 -50.16 39.21 -21.88
N ASN O 102 -49.40 39.76 -20.94
CA ASN O 102 -47.95 39.65 -20.99
C ASN O 102 -47.41 38.26 -20.57
N ARG O 103 -48.04 37.64 -19.58
CA ARG O 103 -47.65 36.29 -19.19
C ARG O 103 -47.75 35.31 -20.35
N MET O 104 -48.85 35.43 -21.10
CA MET O 104 -49.04 34.65 -22.34
C MET O 104 -47.85 34.69 -23.28
N LYS O 105 -47.30 35.89 -23.47
CA LYS O 105 -46.12 36.04 -24.30
C LYS O 105 -44.94 35.17 -23.86
N ASN O 106 -44.81 34.91 -22.56
CA ASN O 106 -43.69 34.19 -21.96
C ASN O 106 -43.83 32.67 -22.05
N ASN O 107 -45.06 32.20 -22.17
CA ASN O 107 -45.34 30.77 -22.39
C ASN O 107 -45.20 30.45 -23.86
N ARG O 108 -43.97 30.19 -24.26
CA ARG O 108 -43.66 30.03 -25.68
C ARG O 108 -42.46 29.13 -25.88
N VAL O 109 -42.25 28.78 -27.14
CA VAL O 109 -41.09 28.03 -27.58
C VAL O 109 -40.43 28.86 -28.66
N GLU O 110 -39.10 28.95 -28.55
CA GLU O 110 -38.24 29.67 -29.49
C GLU O 110 -37.29 28.75 -30.29
N ILE O 111 -37.08 29.10 -31.56
CA ILE O 111 -36.18 28.40 -32.46
C ILE O 111 -34.88 29.19 -32.55
N PHE O 112 -33.77 28.53 -32.18
CA PHE O 112 -32.43 29.08 -32.30
C PHE O 112 -31.61 28.31 -33.34
N PHE O 113 -30.93 29.08 -34.18
CA PHE O 113 -30.11 28.56 -35.26
C PHE O 113 -28.67 28.50 -34.77
N SER O 114 -28.00 27.38 -35.04
CA SER O 114 -26.57 27.25 -34.80
C SER O 114 -25.93 27.16 -36.19
N THR O 115 -25.21 28.20 -36.57
CA THR O 115 -24.70 28.43 -37.93
C THR O 115 -23.32 29.16 -37.96
N ASP O 116 -22.45 28.81 -38.92
CA ASP O 116 -21.29 29.61 -39.24
C ASP O 116 -21.72 30.85 -40.06
N ALA O 117 -20.80 31.80 -40.24
CA ALA O 117 -21.08 33.10 -40.89
C ALA O 117 -21.55 33.00 -42.35
N ASN O 118 -20.98 32.08 -43.10
CA ASN O 118 -21.31 31.94 -44.50
C ASN O 118 -22.67 31.28 -44.73
N ASP O 119 -23.02 30.32 -43.87
CA ASP O 119 -24.39 29.78 -43.80
C ASP O 119 -25.43 30.79 -43.29
N LEU O 120 -24.98 31.74 -42.48
CA LEU O 120 -25.88 32.66 -41.83
C LEU O 120 -26.63 33.50 -42.86
N SER O 121 -25.94 33.93 -43.91
CA SER O 121 -26.55 34.69 -44.99
C SER O 121 -27.53 33.83 -45.78
N LYS O 122 -27.24 32.53 -45.88
CA LYS O 122 -28.13 31.64 -46.57
C LYS O 122 -29.45 31.57 -45.82
N ILE O 123 -29.38 31.46 -44.48
CA ILE O 123 -30.58 31.35 -43.63
C ILE O 123 -31.40 32.61 -43.74
N HIS O 124 -30.71 33.73 -43.66
CA HIS O 124 -31.32 35.05 -43.82
C HIS O 124 -32.20 35.16 -45.06
N SER O 125 -31.66 34.79 -46.23
CA SER O 125 -32.38 34.80 -47.52
C SER O 125 -33.63 33.96 -47.45
N ILE O 126 -33.46 32.73 -46.95
CA ILE O 126 -34.52 31.76 -46.89
C ILE O 126 -35.66 32.24 -45.99
N LEU O 127 -35.31 32.82 -44.84
CA LEU O 127 -36.29 33.43 -43.92
C LEU O 127 -37.03 34.63 -44.56
N ASP O 128 -36.32 35.50 -45.26
CA ASP O 128 -36.94 36.61 -45.98
C ASP O 128 -37.88 36.09 -47.07
N ASN O 129 -37.41 35.11 -47.84
CA ASN O 129 -38.22 34.50 -48.91
C ASN O 129 -39.50 33.81 -48.41
N GLU O 130 -39.52 33.38 -47.14
CA GLU O 130 -40.70 32.68 -46.62
C GLU O 130 -41.67 33.60 -45.90
N PHE O 131 -41.16 34.64 -45.26
CA PHE O 131 -41.99 35.55 -44.47
C PHE O 131 -42.09 36.96 -45.05
N ASN O 132 -42.07 37.07 -46.38
CA ASN O 132 -42.29 38.34 -47.09
C ASN O 132 -43.34 38.16 -48.16
N GLY P 1 -21.69 -5.33 -15.91
CA GLY P 1 -22.17 -3.92 -15.99
C GLY P 1 -23.52 -3.77 -16.69
N ILE P 2 -24.04 -2.54 -16.70
CA ILE P 2 -25.31 -2.20 -17.35
C ILE P 2 -25.03 -2.17 -18.85
N ASP P 3 -25.81 -2.93 -19.63
CA ASP P 3 -25.54 -3.11 -21.05
C ASP P 3 -26.15 -2.00 -21.87
N PRO P 4 -25.60 -1.72 -23.06
CA PRO P 4 -26.22 -0.71 -23.92
C PRO P 4 -27.43 -1.28 -24.65
N PHE P 5 -28.19 -0.40 -25.28
CA PHE P 5 -29.31 -0.81 -26.10
C PHE P 5 -28.67 -1.07 -27.44
N THR P 6 -28.70 -2.34 -27.85
CA THR P 6 -28.10 -2.79 -29.10
C THR P 6 -29.21 -2.92 -30.13
N PHE P 7 -28.93 -2.51 -31.37
CA PHE P 7 -29.88 -2.65 -32.44
C PHE P 7 -29.43 -3.87 -33.22
N GLU P 8 -30.41 -4.68 -33.64
CA GLU P 8 -30.15 -5.99 -34.21
C GLU P 8 -29.51 -5.93 -35.59
N ASN P 9 -30.10 -5.20 -36.53
CA ASN P 9 -29.40 -5.03 -37.82
C ASN P 9 -28.74 -3.65 -37.92
N ALA P 10 -27.64 -3.63 -38.64
CA ALA P 10 -26.74 -2.49 -38.75
C ALA P 10 -27.35 -1.20 -39.28
N THR P 11 -28.39 -1.34 -40.09
CA THR P 11 -29.00 -0.22 -40.82
C THR P 11 -30.34 0.21 -40.21
N SER P 12 -30.73 -0.33 -39.05
CA SER P 12 -32.06 -0.06 -38.47
C SER P 12 -32.08 0.67 -37.13
N ASP P 13 -33.14 1.45 -36.94
CA ASP P 13 -33.40 2.10 -35.65
C ASP P 13 -34.60 1.48 -34.95
N ALA P 14 -34.92 0.27 -35.37
CA ALA P 14 -36.03 -0.52 -34.86
C ALA P 14 -35.73 -1.01 -33.45
N ILE P 15 -36.63 -0.64 -32.55
CA ILE P 15 -36.55 -1.02 -31.15
C ILE P 15 -37.28 -2.37 -31.04
N ASN P 16 -36.53 -3.44 -30.74
CA ASN P 16 -37.09 -4.77 -30.42
C ASN P 16 -38.15 -4.69 -29.34
N GLN P 17 -38.82 -5.81 -29.11
CA GLN P 17 -39.68 -5.96 -27.94
C GLN P 17 -38.84 -6.17 -26.67
N ASP P 18 -37.77 -6.96 -26.78
CA ASP P 18 -36.82 -7.17 -25.68
C ASP P 18 -36.16 -5.84 -25.26
N MET P 19 -35.82 -5.02 -26.26
CA MET P 19 -35.24 -3.69 -26.05
C MET P 19 -36.20 -2.80 -25.27
N MET P 20 -37.45 -2.78 -25.69
CA MET P 20 -38.47 -1.97 -25.06
C MET P 20 -38.58 -2.26 -23.57
N LEU P 21 -38.67 -3.54 -23.22
CA LEU P 21 -38.84 -3.93 -21.82
C LEU P 21 -37.64 -3.55 -20.97
N TYR P 22 -36.46 -3.44 -21.61
CA TYR P 22 -35.19 -3.11 -20.95
C TYR P 22 -35.01 -1.59 -20.81
N ILE P 23 -35.44 -0.84 -21.83
CA ILE P 23 -35.49 0.62 -21.74
C ILE P 23 -36.46 1.09 -20.63
N GLU P 24 -37.59 0.41 -20.49
CA GLU P 24 -38.55 0.63 -19.40
C GLU P 24 -37.95 0.34 -18.02
N ARG P 25 -37.12 -0.69 -17.90
CA ARG P 25 -36.31 -0.85 -16.67
C ARG P 25 -35.46 0.38 -16.36
N ILE P 26 -34.75 0.84 -17.39
CA ILE P 26 -33.84 1.97 -17.25
C ILE P 26 -34.65 3.24 -16.96
N ALA P 27 -35.78 3.41 -17.63
CA ALA P 27 -36.67 4.56 -17.37
C ALA P 27 -37.14 4.59 -15.91
N LYS P 28 -37.46 3.41 -15.37
CA LYS P 28 -37.86 3.24 -13.97
C LYS P 28 -36.73 3.65 -13.01
N ILE P 29 -35.52 3.14 -13.26
CA ILE P 29 -34.33 3.52 -12.52
C ILE P 29 -34.07 5.02 -12.57
N ILE P 30 -34.19 5.60 -13.76
CA ILE P 30 -33.87 7.02 -13.92
C ILE P 30 -34.78 7.90 -13.04
N GLN P 31 -36.08 7.64 -13.07
CA GLN P 31 -37.00 8.32 -12.16
C GLN P 31 -36.66 8.22 -10.66
N LYS P 32 -35.87 7.24 -10.22
CA LYS P 32 -35.37 7.12 -8.85
C LYS P 32 -34.05 7.85 -8.55
N LEU P 33 -33.44 8.48 -9.57
CA LEU P 33 -32.21 9.25 -9.37
C LEU P 33 -32.49 10.65 -8.81
N PRO P 34 -31.50 11.27 -8.11
CA PRO P 34 -31.61 12.69 -7.77
C PRO P 34 -31.98 13.57 -8.98
N LYS P 35 -32.87 14.53 -8.79
CA LYS P 35 -33.40 15.34 -9.89
C LYS P 35 -32.36 16.20 -10.63
N ARG P 36 -31.23 16.48 -9.97
CA ARG P 36 -30.12 17.19 -10.58
C ARG P 36 -29.28 16.32 -11.53
N VAL P 37 -29.47 15.01 -11.51
CA VAL P 37 -28.84 14.11 -12.47
C VAL P 37 -29.60 14.23 -13.79
N HIS P 38 -28.88 14.50 -14.88
CA HIS P 38 -29.49 14.49 -16.20
C HIS P 38 -28.90 13.33 -16.99
N ILE P 39 -29.59 13.00 -18.08
CA ILE P 39 -29.33 11.82 -18.88
C ILE P 39 -29.15 12.21 -20.34
N ASN P 40 -28.00 11.83 -20.88
CA ASN P 40 -27.68 12.07 -22.28
C ASN P 40 -27.74 10.75 -23.08
N VAL P 41 -28.66 10.69 -24.03
CA VAL P 41 -28.88 9.49 -24.79
C VAL P 41 -28.04 9.67 -26.02
N ARG P 42 -27.04 8.80 -26.19
CA ARG P 42 -26.13 8.88 -27.33
C ARG P 42 -26.20 7.66 -28.23
N GLY P 43 -26.27 7.92 -29.53
CA GLY P 43 -26.31 6.87 -30.53
C GLY P 43 -25.05 6.69 -31.35
N PHE P 44 -24.76 5.46 -31.70
CA PHE P 44 -23.58 5.12 -32.44
C PHE P 44 -23.93 4.11 -33.52
N THR P 45 -23.03 3.88 -34.46
CA THR P 45 -23.21 2.84 -35.45
C THR P 45 -21.91 2.07 -35.70
N ASP P 46 -22.00 1.05 -36.55
CA ASP P 46 -20.80 0.43 -37.09
C ASP P 46 -20.47 1.22 -38.36
N ASP P 47 -19.67 0.63 -39.24
CA ASP P 47 -19.28 1.28 -40.48
C ASP P 47 -19.87 0.59 -41.72
N THR P 48 -20.88 -0.26 -41.55
CA THR P 48 -21.43 -0.99 -42.70
C THR P 48 -22.08 0.01 -43.64
N PRO P 49 -21.89 -0.17 -44.96
CA PRO P 49 -22.32 0.86 -45.89
C PRO P 49 -23.80 1.17 -45.78
N LEU P 50 -24.15 2.43 -45.95
CA LEU P 50 -25.56 2.77 -46.10
C LEU P 50 -25.81 2.88 -47.59
N VAL P 51 -26.56 1.90 -48.10
CA VAL P 51 -27.14 1.91 -49.43
C VAL P 51 -28.46 1.19 -49.19
N LYS P 52 -29.37 1.16 -50.16
CA LYS P 52 -30.63 0.44 -50.02
C LYS P 52 -31.22 0.69 -48.63
N THR P 53 -31.23 1.97 -48.26
CA THR P 53 -31.56 2.43 -46.91
C THR P 53 -31.90 3.93 -46.92
N ARG P 54 -32.79 4.35 -46.03
CA ARG P 54 -33.22 5.76 -45.98
C ARG P 54 -32.18 6.79 -45.47
N PHE P 55 -31.13 6.35 -44.78
CA PHE P 55 -30.17 7.29 -44.16
C PHE P 55 -29.02 7.78 -45.07
N LYS P 56 -28.86 9.10 -45.09
CA LYS P 56 -27.80 9.80 -45.83
C LYS P 56 -26.45 9.75 -45.13
N SER P 57 -26.41 9.31 -43.88
CA SER P 57 -25.16 9.23 -43.10
C SER P 57 -25.30 8.38 -41.84
N HIS P 58 -24.16 8.06 -41.22
CA HIS P 58 -24.16 7.36 -39.94
C HIS P 58 -24.60 8.22 -38.76
N TYR P 59 -24.36 9.53 -38.85
CA TYR P 59 -24.83 10.45 -37.83
C TYR P 59 -26.35 10.44 -37.80
N GLU P 60 -26.97 10.38 -38.97
CA GLU P 60 -28.43 10.33 -39.03
C GLU P 60 -29.05 9.08 -38.40
N LEU P 61 -28.41 7.94 -38.66
CA LEU P 61 -28.90 6.66 -38.19
C LEU P 61 -28.75 6.66 -36.67
N ALA P 62 -27.58 7.09 -36.22
CA ALA P 62 -27.27 7.13 -34.79
C ALA P 62 -28.15 8.13 -34.06
N ALA P 63 -28.42 9.28 -34.69
CA ALA P 63 -29.32 10.31 -34.16
C ALA P 63 -30.76 9.79 -34.04
N ASN P 64 -31.25 9.20 -35.11
CA ASN P 64 -32.56 8.57 -35.10
C ASN P 64 -32.67 7.48 -34.00
N ARG P 65 -31.61 6.71 -33.74
CA ARG P 65 -31.67 5.72 -32.66
C ARG P 65 -31.70 6.29 -31.23
N ALA P 66 -30.91 7.32 -31.01
CA ALA P 66 -30.82 7.96 -29.73
C ALA P 66 -32.12 8.70 -29.44
N TYR P 67 -32.70 9.33 -30.45
CA TYR P 67 -34.01 10.01 -30.33
C TYR P 67 -35.19 9.03 -30.12
N ARG P 68 -35.20 7.91 -30.81
CA ARG P 68 -36.21 6.87 -30.55
C ARG P 68 -36.09 6.34 -29.09
N VAL P 69 -34.87 6.09 -28.60
CA VAL P 69 -34.69 5.60 -27.23
C VAL P 69 -35.12 6.65 -26.22
N MET P 70 -34.69 7.88 -26.45
CA MET P 70 -35.12 9.02 -25.60
C MET P 70 -36.66 9.19 -25.53
N LYS P 71 -37.31 9.11 -26.68
CA LYS P 71 -38.79 9.03 -26.81
C LYS P 71 -39.43 7.90 -25.95
N VAL P 72 -38.86 6.71 -25.96
CA VAL P 72 -39.33 5.58 -25.14
C VAL P 72 -39.11 5.76 -23.62
N LEU P 73 -37.99 6.33 -23.21
CA LEU P 73 -37.80 6.68 -21.80
C LEU P 73 -38.85 7.69 -21.29
N ILE P 74 -39.31 8.59 -22.17
CA ILE P 74 -40.26 9.64 -21.80
C ILE P 74 -41.65 9.05 -21.68
N GLN P 75 -41.94 8.15 -22.62
CA GLN P 75 -43.22 7.42 -22.68
C GLN P 75 -43.41 6.61 -21.43
N TYR P 76 -42.29 6.13 -20.91
CA TYR P 76 -42.24 5.35 -19.66
C TYR P 76 -42.01 6.12 -18.37
N GLY P 77 -42.01 7.45 -18.44
CA GLY P 77 -42.06 8.32 -17.26
C GLY P 77 -40.90 9.28 -17.01
N VAL P 78 -39.81 9.19 -17.76
CA VAL P 78 -38.70 10.12 -17.49
C VAL P 78 -39.09 11.57 -17.89
N ASN P 79 -38.86 12.50 -16.95
CA ASN P 79 -39.12 13.94 -17.13
C ASN P 79 -38.25 14.38 -18.31
N PRO P 80 -38.87 14.89 -19.37
CA PRO P 80 -38.07 15.41 -20.51
C PRO P 80 -37.01 16.44 -20.12
N ASN P 81 -37.24 17.22 -19.07
CA ASN P 81 -36.24 18.22 -18.60
C ASN P 81 -34.90 17.55 -18.30
N GLN P 82 -34.95 16.35 -17.72
CA GLN P 82 -33.76 15.52 -17.48
C GLN P 82 -33.10 14.81 -18.67
N LEU P 83 -33.62 14.93 -19.89
CA LEU P 83 -33.08 14.21 -21.03
C LEU P 83 -32.53 15.05 -22.19
N SER P 84 -31.64 14.42 -22.96
CA SER P 84 -31.08 14.97 -24.20
C SER P 84 -30.56 13.79 -24.99
N PHE P 85 -30.39 13.99 -26.31
CA PHE P 85 -29.83 12.95 -27.22
C PHE P 85 -28.69 13.54 -28.07
N SER P 86 -27.67 12.71 -28.25
CA SER P 86 -26.53 13.03 -29.13
C SER P 86 -26.18 11.90 -30.11
N SER P 87 -25.68 12.30 -31.28
CA SER P 87 -25.21 11.42 -32.33
C SER P 87 -23.68 11.49 -32.39
N TYR P 88 -23.06 10.32 -32.33
CA TYR P 88 -21.63 10.10 -32.50
C TYR P 88 -21.32 9.39 -33.81
N GLY P 89 -22.33 9.04 -34.59
CA GLY P 89 -22.14 8.40 -35.88
C GLY P 89 -21.41 7.08 -35.74
N SER P 90 -20.50 6.83 -36.68
CA SER P 90 -19.66 5.62 -36.68
C SER P 90 -18.40 5.83 -35.86
N THR P 91 -18.27 6.99 -35.24
CA THR P 91 -17.12 7.29 -34.41
C THR P 91 -17.25 6.52 -33.09
N ASN P 92 -16.15 6.42 -32.36
CA ASN P 92 -16.10 5.81 -31.02
C ASN P 92 -16.61 4.38 -30.85
N PRO P 93 -16.20 3.48 -31.75
CA PRO P 93 -16.63 2.10 -31.63
C PRO P 93 -16.17 1.46 -30.30
N ILE P 94 -16.98 0.54 -29.81
CA ILE P 94 -16.65 -0.34 -28.70
C ILE P 94 -15.72 -1.43 -29.19
N ALA P 95 -16.03 -1.99 -30.36
CA ALA P 95 -15.30 -3.12 -30.91
C ALA P 95 -14.69 -2.76 -32.26
N PRO P 96 -13.74 -3.58 -32.73
CA PRO P 96 -13.36 -3.41 -34.11
C PRO P 96 -14.50 -3.82 -35.05
N ASN P 97 -14.54 -3.25 -36.25
CA ASN P 97 -15.60 -3.52 -37.22
C ASN P 97 -15.15 -4.63 -38.18
N ASP P 98 -14.70 -5.76 -37.61
CA ASP P 98 -14.10 -6.89 -38.33
C ASP P 98 -14.97 -8.15 -38.35
N SER P 99 -15.92 -8.28 -37.44
CA SER P 99 -16.83 -9.43 -37.40
C SER P 99 -18.24 -8.92 -37.14
N LEU P 100 -19.24 -9.68 -37.58
CA LEU P 100 -20.64 -9.29 -37.39
C LEU P 100 -20.98 -9.17 -35.92
N GLU P 101 -20.47 -10.08 -35.09
CA GLU P 101 -20.65 -9.95 -33.65
C GLU P 101 -20.12 -8.59 -33.15
N ASN P 102 -18.91 -8.25 -33.60
CA ASN P 102 -18.25 -6.98 -33.25
C ASN P 102 -18.91 -5.74 -33.82
N ARG P 103 -19.17 -5.75 -35.11
CA ARG P 103 -19.99 -4.73 -35.74
C ARG P 103 -21.25 -4.41 -34.95
N MET P 104 -21.91 -5.44 -34.43
CA MET P 104 -23.20 -5.25 -33.77
C MET P 104 -23.07 -4.66 -32.37
N LYS P 105 -21.98 -4.97 -31.67
CA LYS P 105 -21.67 -4.26 -30.43
C LYS P 105 -21.63 -2.73 -30.67
N ASN P 106 -21.17 -2.30 -31.84
CA ASN P 106 -21.07 -0.88 -32.19
C ASN P 106 -22.39 -0.18 -32.57
N ASN P 107 -23.37 -0.94 -33.01
CA ASN P 107 -24.71 -0.44 -33.31
C ASN P 107 -25.55 -0.34 -32.03
N ARG P 108 -25.46 0.79 -31.36
CA ARG P 108 -26.01 0.86 -30.01
C ARG P 108 -26.27 2.25 -29.47
N VAL P 109 -27.05 2.29 -28.39
CA VAL P 109 -27.31 3.53 -27.66
C VAL P 109 -26.77 3.34 -26.24
N GLU P 110 -26.12 4.40 -25.75
CA GLU P 110 -25.56 4.40 -24.41
C GLU P 110 -26.19 5.52 -23.61
N ILE P 111 -26.33 5.28 -22.31
CA ILE P 111 -26.86 6.24 -21.36
C ILE P 111 -25.69 6.90 -20.63
N PHE P 112 -25.54 8.22 -20.78
CA PHE P 112 -24.57 8.97 -19.96
C PHE P 112 -25.27 9.72 -18.85
N PHE P 113 -24.65 9.67 -17.68
CA PHE P 113 -25.16 10.35 -16.50
C PHE P 113 -24.36 11.66 -16.34
N SER P 114 -25.06 12.76 -16.07
CA SER P 114 -24.43 14.04 -15.71
C SER P 114 -24.77 14.25 -14.23
N THR P 115 -23.76 14.17 -13.40
CA THR P 115 -23.95 14.10 -11.97
C THR P 115 -22.82 14.81 -11.24
N ASP P 116 -23.14 15.40 -10.08
CA ASP P 116 -22.11 15.88 -9.18
C ASP P 116 -21.53 14.70 -8.42
N ALA P 117 -20.53 14.98 -7.61
CA ALA P 117 -19.75 13.94 -6.96
C ALA P 117 -20.60 13.21 -5.92
N ASN P 118 -21.47 13.96 -5.26
CA ASN P 118 -22.25 13.45 -4.15
C ASN P 118 -23.47 12.64 -4.63
N ASP P 119 -24.02 12.99 -5.80
CA ASP P 119 -25.08 12.22 -6.45
C ASP P 119 -24.53 10.99 -7.17
N LEU P 120 -23.25 11.06 -7.54
CA LEU P 120 -22.55 9.97 -8.24
C LEU P 120 -22.64 8.63 -7.51
N SER P 121 -22.42 8.67 -6.20
CA SER P 121 -22.52 7.49 -5.33
C SER P 121 -23.97 6.92 -5.18
N LYS P 122 -24.96 7.80 -5.25
CA LYS P 122 -26.38 7.41 -5.22
C LYS P 122 -26.78 6.61 -6.45
N ILE P 123 -26.32 7.07 -7.61
CA ILE P 123 -26.59 6.39 -8.87
C ILE P 123 -25.94 5.01 -8.80
N HIS P 124 -24.68 4.99 -8.40
CA HIS P 124 -23.94 3.74 -8.30
C HIS P 124 -24.79 2.75 -7.53
N SER P 125 -25.32 3.18 -6.39
CA SER P 125 -26.12 2.33 -5.50
C SER P 125 -27.41 1.84 -6.12
N ILE P 126 -28.16 2.75 -6.75
CA ILE P 126 -29.44 2.40 -7.37
C ILE P 126 -29.29 1.41 -8.53
N LEU P 127 -28.23 1.59 -9.32
CA LEU P 127 -27.93 0.62 -10.37
C LEU P 127 -27.49 -0.73 -9.81
N ASP P 128 -26.59 -0.72 -8.83
CA ASP P 128 -26.13 -1.95 -8.17
C ASP P 128 -27.23 -2.66 -7.37
N ASN P 129 -28.30 -1.94 -7.04
CA ASN P 129 -29.54 -2.53 -6.56
C ASN P 129 -30.29 -3.24 -7.69
N GLU P 130 -30.83 -2.48 -8.64
CA GLU P 130 -31.79 -2.97 -9.63
C GLU P 130 -31.26 -4.13 -10.50
N PHE P 131 -29.95 -4.17 -10.74
CA PHE P 131 -29.32 -5.23 -11.56
C PHE P 131 -28.50 -6.20 -10.71
N ASN P 132 -29.11 -6.76 -9.67
CA ASN P 132 -28.47 -7.74 -8.79
C ASN P 132 -29.43 -8.34 -7.77
#